data_5A9K
#
_entry.id   5A9K
#
_cell.length_a   1.000
_cell.length_b   1.000
_cell.length_c   1.000
_cell.angle_alpha   90.00
_cell.angle_beta   90.00
_cell.angle_gamma   90.00
#
_symmetry.space_group_name_H-M   'P 1'
#
loop_
_entity.id
_entity.type
_entity.pdbx_description
1 polymer 'REPLICATION PROTEIN E1'
2 non-polymer 'PHOSPHATE ION'
3 non-polymer 'MAGNESIUM ION'
4 water water
#
_entity_poly.entity_id   1
_entity_poly.type   'polypeptide(L)'
_entity_poly.pdbx_seq_one_letter_code
;TLNESLQTEKFDFGTMVQWAYDHKYAEESKIAYEYALAAGSDSNARAFLATNSQAKHVKDCATMVRHYLRAETQALSMPA
YIKARCKLATGEGSWKSILTFFNYQNIELITFINALKLWLKGIPKKNCLAFIGPPNTGKSMLCNSLIHFLGGSVLSFANH
KSHFWLASLADTRAALVDDATHACWRYFDTYLRNALDGYPVSIDRKHKAAVQIKAPPLLVTSNIDVQAEDRYLYLHSRVQ
TFRFEQPCTDESGEQPFNITDADWKSFFVRLWGRLDLIDEEEDSEEDGDSMRTFTCSARNTNAVD
;
_entity_poly.pdbx_strand_id   A,B,C,D,E,F
#
# COMPACT_ATOMS: atom_id res chain seq x y z
N THR A 1 37.79 7.81 -4.36
CA THR A 1 36.97 8.13 -5.58
C THR A 1 36.97 9.64 -5.87
N LEU A 2 36.78 10.00 -7.14
CA LEU A 2 36.60 11.39 -7.55
C LEU A 2 35.25 11.59 -8.24
N ASN A 3 34.42 12.46 -7.69
CA ASN A 3 33.11 12.79 -8.27
C ASN A 3 32.88 14.29 -8.44
N GLU A 4 33.85 14.99 -9.00
CA GLU A 4 33.85 16.45 -9.07
C GLU A 4 34.76 16.94 -10.22
N SER A 5 35.10 18.24 -10.20
CA SER A 5 36.10 18.86 -11.07
C SER A 5 37.37 19.24 -10.29
N LYS A 10 29.11 19.18 -23.12
CA LYS A 10 27.82 18.78 -22.54
C LYS A 10 27.76 17.25 -22.41
N PHE A 11 27.00 16.78 -21.42
CA PHE A 11 26.78 15.35 -21.21
C PHE A 11 25.84 14.77 -22.27
N ASP A 12 26.15 13.54 -22.72
CA ASP A 12 25.27 12.79 -23.60
C ASP A 12 24.90 11.44 -22.97
N PHE A 13 23.62 11.29 -22.66
CA PHE A 13 23.12 10.12 -21.93
C PHE A 13 23.33 8.82 -22.71
N GLY A 14 23.07 8.87 -24.01
CA GLY A 14 23.17 7.69 -24.86
C GLY A 14 24.55 7.04 -24.73
N THR A 15 25.55 7.89 -24.64
CA THR A 15 26.93 7.48 -24.54
C THR A 15 27.20 6.71 -23.25
N MET A 16 26.62 7.20 -22.15
CA MET A 16 26.69 6.50 -20.88
C MET A 16 26.01 5.13 -20.96
N VAL A 17 24.83 5.09 -21.58
CA VAL A 17 24.10 3.83 -21.79
C VAL A 17 24.91 2.86 -22.64
N GLN A 18 25.57 3.37 -23.68
CA GLN A 18 26.43 2.54 -24.51
C GLN A 18 27.50 1.88 -23.66
N TRP A 19 28.23 2.70 -22.90
CA TRP A 19 29.26 2.22 -21.98
C TRP A 19 28.71 1.18 -21.04
N ALA A 20 27.61 1.50 -20.36
CA ALA A 20 27.02 0.62 -19.37
C ALA A 20 26.62 -0.72 -19.99
N TYR A 21 25.98 -0.67 -21.15
CA TYR A 21 25.55 -1.88 -21.86
C TYR A 21 26.74 -2.74 -22.26
N ASP A 22 27.77 -2.11 -22.83
CA ASP A 22 28.97 -2.84 -23.25
C ASP A 22 29.60 -3.58 -22.07
N HIS A 23 29.79 -2.85 -20.96
CA HIS A 23 30.28 -3.42 -19.72
C HIS A 23 29.23 -4.24 -18.95
N LYS A 24 27.99 -4.24 -19.44
CA LYS A 24 26.92 -5.05 -18.87
C LYS A 24 26.64 -4.74 -17.39
N TYR A 25 26.73 -3.45 -17.05
CA TYR A 25 26.40 -2.96 -15.71
C TYR A 25 24.94 -2.51 -15.66
N ALA A 26 24.10 -3.22 -14.91
CA ALA A 26 22.68 -2.93 -14.88
C ALA A 26 22.20 -2.46 -13.51
N GLU A 27 23.12 -2.45 -12.55
CA GLU A 27 22.80 -1.96 -11.21
C GLU A 27 23.29 -0.52 -11.06
N GLU A 28 22.43 0.33 -10.49
CA GLU A 28 22.73 1.75 -10.35
C GLU A 28 24.01 1.97 -9.57
N SER A 29 24.10 1.32 -8.41
CA SER A 29 25.27 1.34 -7.54
C SER A 29 26.56 1.23 -8.36
N LYS A 30 26.66 0.19 -9.18
CA LYS A 30 27.83 -0.03 -10.05
C LYS A 30 27.98 0.99 -11.16
N ILE A 31 26.93 1.22 -11.95
CA ILE A 31 26.95 2.24 -12.99
C ILE A 31 27.46 3.58 -12.43
N ALA A 32 26.90 3.99 -11.30
CA ALA A 32 27.29 5.24 -10.65
C ALA A 32 28.77 5.27 -10.36
N TYR A 33 29.24 4.30 -9.59
CA TYR A 33 30.63 4.25 -9.14
C TYR A 33 31.63 4.08 -10.27
N GLU A 34 31.39 3.05 -11.09
CA GLU A 34 32.28 2.70 -12.17
C GLU A 34 32.48 3.82 -13.20
N TYR A 35 31.39 4.50 -13.56
CA TYR A 35 31.44 5.61 -14.51
C TYR A 35 32.20 6.77 -13.91
N ALA A 36 32.06 6.95 -12.60
CA ALA A 36 32.76 8.02 -11.89
C ALA A 36 34.27 7.83 -11.99
N LEU A 37 34.73 6.58 -11.88
CA LEU A 37 36.13 6.25 -12.04
C LEU A 37 36.61 6.49 -13.47
N ALA A 38 35.78 6.11 -14.45
CA ALA A 38 36.10 6.26 -15.87
C ALA A 38 36.13 7.72 -16.31
N ALA A 39 36.24 8.64 -15.35
CA ALA A 39 36.18 10.08 -15.62
C ALA A 39 37.52 10.64 -16.03
N GLY A 40 38.59 9.94 -15.65
CA GLY A 40 39.97 10.34 -15.98
C GLY A 40 40.26 10.34 -17.47
N SER A 41 39.99 9.22 -18.12
CA SER A 41 40.10 9.11 -19.57
C SER A 41 38.85 9.62 -20.31
N ASP A 42 37.77 8.84 -20.24
CA ASP A 42 36.49 9.18 -20.90
C ASP A 42 35.95 10.51 -20.37
N SER A 43 35.79 11.48 -21.26
CA SER A 43 35.37 12.81 -20.87
C SER A 43 33.87 13.06 -21.01
N ASN A 44 33.11 12.00 -21.29
CA ASN A 44 31.67 12.05 -21.10
C ASN A 44 31.37 11.79 -19.63
N ALA A 45 32.12 10.85 -19.07
CA ALA A 45 32.07 10.56 -17.64
C ALA A 45 32.40 11.81 -16.83
N ARG A 46 33.25 12.65 -17.40
CA ARG A 46 33.58 13.92 -16.79
C ARG A 46 32.39 14.88 -16.81
N ALA A 47 31.70 14.92 -17.95
CA ALA A 47 30.53 15.77 -18.12
C ALA A 47 29.48 15.39 -17.08
N PHE A 48 29.25 14.07 -16.99
CA PHE A 48 28.38 13.43 -16.02
C PHE A 48 28.53 14.01 -14.61
N LEU A 49 29.76 14.06 -14.10
CA LEU A 49 30.03 14.57 -12.75
C LEU A 49 29.86 16.09 -12.60
N ALA A 50 29.63 16.79 -13.70
CA ALA A 50 29.40 18.24 -13.63
C ALA A 50 27.92 18.63 -13.69
N THR A 51 27.07 17.64 -13.99
CA THR A 51 25.59 17.81 -14.01
C THR A 51 24.98 17.75 -12.61
N ASN A 52 23.94 18.53 -12.38
CA ASN A 52 23.24 18.52 -11.11
C ASN A 52 22.22 17.40 -11.02
N SER A 53 22.02 16.73 -12.15
CA SER A 53 21.07 15.64 -12.23
C SER A 53 21.73 14.27 -12.41
N GLN A 54 22.92 14.10 -11.81
CA GLN A 54 23.65 12.83 -11.88
C GLN A 54 22.78 11.67 -11.48
N ALA A 55 22.10 11.82 -10.34
CA ALA A 55 21.26 10.77 -9.76
C ALA A 55 20.26 10.19 -10.77
N LYS A 56 19.49 11.07 -11.41
CA LYS A 56 18.54 10.69 -12.44
C LYS A 56 19.21 9.92 -13.57
N HIS A 57 20.36 10.43 -14.02
CA HIS A 57 21.07 9.80 -15.12
C HIS A 57 21.43 8.37 -14.80
N VAL A 58 21.89 8.12 -13.57
CA VAL A 58 22.18 6.76 -13.12
C VAL A 58 20.92 5.92 -13.19
N LYS A 59 19.88 6.37 -12.49
CA LYS A 59 18.58 5.72 -12.51
C LYS A 59 18.18 5.33 -13.94
N ASP A 60 18.08 6.33 -14.81
CA ASP A 60 17.66 6.16 -16.20
C ASP A 60 18.56 5.20 -16.95
N CYS A 61 19.85 5.22 -16.61
CA CYS A 61 20.83 4.38 -17.30
C CYS A 61 20.57 2.90 -16.99
N ALA A 62 20.47 2.59 -15.69
CA ALA A 62 20.09 1.25 -15.25
C ALA A 62 18.83 0.79 -15.97
N THR A 63 17.79 1.62 -15.96
CA THR A 63 16.56 1.33 -16.70
C THR A 63 16.88 0.93 -18.14
N MET A 64 17.50 1.86 -18.84
CA MET A 64 17.80 1.72 -20.26
C MET A 64 18.59 0.44 -20.57
N VAL A 65 19.62 0.20 -19.80
CA VAL A 65 20.41 -1.02 -19.93
C VAL A 65 19.54 -2.28 -19.74
N ARG A 66 18.85 -2.38 -18.60
CA ARG A 66 18.16 -3.62 -18.32
C ARG A 66 17.01 -3.86 -19.31
N HIS A 67 16.53 -2.78 -19.93
CA HIS A 67 15.61 -2.87 -21.07
C HIS A 67 16.23 -3.68 -22.21
N TYR A 68 17.39 -3.22 -22.66
CA TYR A 68 18.10 -3.87 -23.73
C TYR A 68 18.42 -5.32 -23.39
N LEU A 69 19.02 -5.54 -22.24
CA LEU A 69 19.43 -6.88 -21.86
C LEU A 69 18.27 -7.86 -21.80
N ARG A 70 17.16 -7.42 -21.20
CA ARG A 70 15.96 -8.25 -21.17
C ARG A 70 15.52 -8.57 -22.58
N ALA A 71 15.62 -7.58 -23.46
CA ALA A 71 15.11 -7.69 -24.82
C ALA A 71 15.94 -8.63 -25.70
N GLU A 72 17.26 -8.62 -25.56
CA GLU A 72 18.10 -9.54 -26.32
C GLU A 72 17.84 -10.95 -25.83
N THR A 73 17.67 -11.07 -24.51
CA THR A 73 17.53 -12.35 -23.85
C THR A 73 16.24 -13.06 -24.26
N GLN A 74 15.16 -12.30 -24.45
CA GLN A 74 13.91 -12.89 -24.92
C GLN A 74 14.04 -13.32 -26.39
N ALA A 75 14.77 -12.53 -27.17
CA ALA A 75 14.96 -12.78 -28.61
C ALA A 75 15.68 -14.11 -28.92
N LEU A 76 16.51 -14.57 -27.98
CA LEU A 76 17.26 -15.82 -28.12
C LEU A 76 16.34 -17.02 -28.03
N SER A 77 16.70 -18.07 -28.75
CA SER A 77 16.06 -19.37 -28.57
C SER A 77 16.72 -20.02 -27.38
N MET A 78 16.02 -20.95 -26.73
CA MET A 78 16.59 -21.66 -25.58
C MET A 78 18.00 -22.21 -25.89
N PRO A 79 18.17 -22.89 -27.06
CA PRO A 79 19.50 -23.32 -27.47
C PRO A 79 20.53 -22.21 -27.40
N ALA A 80 20.31 -21.15 -28.19
CA ALA A 80 21.27 -20.05 -28.31
C ALA A 80 21.54 -19.42 -26.96
N TYR A 81 20.52 -19.40 -26.10
CA TYR A 81 20.68 -18.88 -24.75
C TYR A 81 21.66 -19.72 -23.93
N ILE A 82 21.37 -21.02 -23.79
CA ILE A 82 22.23 -21.90 -23.01
C ILE A 82 23.67 -21.75 -23.48
N LYS A 83 23.83 -21.57 -24.78
CA LYS A 83 25.14 -21.34 -25.40
C LYS A 83 25.84 -20.14 -24.74
N ALA A 84 25.15 -19.01 -24.66
CA ALA A 84 25.69 -17.81 -24.04
C ALA A 84 26.04 -18.05 -22.58
N ARG A 85 25.22 -18.86 -21.92
CA ARG A 85 25.44 -19.24 -20.53
C ARG A 85 26.68 -20.13 -20.34
N CYS A 86 27.00 -20.94 -21.33
CA CYS A 86 28.22 -21.74 -21.34
C CYS A 86 29.44 -20.86 -21.60
N LYS A 87 29.27 -19.93 -22.52
CA LYS A 87 30.30 -18.95 -22.87
C LYS A 87 30.64 -18.11 -21.65
N LEU A 88 29.66 -17.97 -20.76
CA LEU A 88 29.79 -17.12 -19.60
C LEU A 88 30.41 -17.83 -18.40
N ALA A 89 30.21 -19.15 -18.32
CA ALA A 89 30.73 -19.95 -17.19
C ALA A 89 32.23 -20.13 -17.27
N THR A 90 32.92 -19.78 -16.19
CA THR A 90 34.39 -19.94 -16.13
C THR A 90 34.86 -20.98 -15.08
N GLY A 91 36.15 -21.30 -15.10
CA GLY A 91 36.77 -22.19 -14.13
C GLY A 91 36.92 -23.63 -14.58
N GLU A 92 37.60 -24.43 -13.77
CA GLU A 92 37.81 -25.86 -14.03
C GLU A 92 36.60 -26.65 -13.53
N GLY A 93 36.10 -27.56 -14.36
CA GLY A 93 34.95 -28.38 -13.97
C GLY A 93 34.62 -29.55 -14.86
N SER A 94 33.73 -30.43 -14.38
CA SER A 94 33.32 -31.62 -15.12
C SER A 94 31.90 -32.12 -14.84
N TRP A 95 31.26 -32.65 -15.87
CA TRP A 95 29.93 -33.24 -15.76
C TRP A 95 29.93 -34.47 -14.86
N LYS A 96 31.08 -35.11 -14.72
CA LYS A 96 31.21 -36.29 -13.85
C LYS A 96 30.61 -36.02 -12.47
N SER A 97 30.84 -34.82 -11.92
CA SER A 97 30.33 -34.51 -10.57
C SER A 97 28.80 -34.46 -10.50
N ILE A 98 28.17 -34.15 -11.62
CA ILE A 98 26.72 -34.23 -11.73
C ILE A 98 26.28 -35.70 -11.76
N LEU A 99 26.93 -36.50 -12.61
CA LEU A 99 26.74 -37.96 -12.62
C LEU A 99 26.94 -38.56 -11.23
N THR A 100 28.05 -38.21 -10.61
CA THR A 100 28.42 -38.68 -9.29
C THR A 100 27.29 -38.46 -8.34
N PHE A 101 26.66 -37.30 -8.45
CA PHE A 101 25.68 -36.94 -7.46
C PHE A 101 24.35 -37.69 -7.62
N PHE A 102 23.85 -37.74 -8.85
CA PHE A 102 22.65 -38.52 -9.10
C PHE A 102 22.85 -39.99 -8.75
N ASN A 103 23.99 -40.56 -9.15
CA ASN A 103 24.31 -41.94 -8.84
C ASN A 103 24.40 -42.14 -7.35
N TYR A 104 24.88 -41.11 -6.65
CA TYR A 104 24.93 -41.12 -5.21
C TYR A 104 23.53 -41.25 -4.62
N GLN A 105 22.58 -40.54 -5.22
CA GLN A 105 21.17 -40.56 -4.83
C GLN A 105 20.42 -41.77 -5.45
N ASN A 106 21.21 -42.67 -6.08
CA ASN A 106 20.70 -43.87 -6.74
C ASN A 106 19.72 -43.53 -7.87
N ILE A 107 20.20 -42.70 -8.79
CA ILE A 107 19.41 -42.22 -9.92
C ILE A 107 20.30 -42.28 -11.14
N GLU A 108 19.81 -42.82 -12.24
CA GLU A 108 20.56 -42.77 -13.48
C GLU A 108 20.54 -41.41 -14.09
N LEU A 109 21.72 -40.89 -14.40
CA LEU A 109 21.83 -39.57 -15.02
C LEU A 109 20.88 -39.42 -16.22
N ILE A 110 20.64 -40.51 -16.92
CA ILE A 110 19.77 -40.48 -18.10
C ILE A 110 18.30 -40.26 -17.73
N THR A 111 17.89 -40.63 -16.52
CA THR A 111 16.56 -40.26 -16.05
C THR A 111 16.45 -38.74 -15.99
N PHE A 112 17.49 -38.12 -15.43
CA PHE A 112 17.57 -36.66 -15.35
C PHE A 112 17.66 -36.03 -16.74
N ILE A 113 18.51 -36.58 -17.60
CA ILE A 113 18.70 -36.02 -18.94
C ILE A 113 17.37 -35.92 -19.67
N ASN A 114 16.68 -37.06 -19.79
CA ASN A 114 15.36 -37.13 -20.41
C ASN A 114 14.44 -36.00 -19.96
N ALA A 115 14.22 -35.93 -18.64
CA ALA A 115 13.40 -34.90 -18.05
C ALA A 115 13.87 -33.52 -18.51
N LEU A 116 15.17 -33.28 -18.39
CA LEU A 116 15.73 -31.97 -18.66
C LEU A 116 15.51 -31.54 -20.11
N LYS A 117 15.68 -32.47 -21.03
CA LYS A 117 15.44 -32.22 -22.46
C LYS A 117 14.06 -31.58 -22.71
N LEU A 118 13.03 -32.15 -22.10
CA LEU A 118 11.65 -31.71 -22.25
C LEU A 118 11.40 -30.43 -21.45
N TRP A 119 12.01 -30.37 -20.28
CA TRP A 119 11.88 -29.23 -19.39
C TRP A 119 12.50 -27.98 -19.99
N LEU A 120 13.56 -28.13 -20.77
CA LEU A 120 14.18 -26.97 -21.39
C LEU A 120 13.31 -26.40 -22.51
N LYS A 121 12.59 -27.26 -23.21
CA LYS A 121 11.71 -26.81 -24.28
C LYS A 121 10.39 -26.27 -23.71
N GLY A 122 10.19 -26.49 -22.42
CA GLY A 122 8.99 -26.00 -21.74
C GLY A 122 7.72 -26.73 -22.09
N ILE A 123 7.85 -28.01 -22.49
CA ILE A 123 6.71 -28.83 -22.89
C ILE A 123 5.67 -28.97 -21.76
N PRO A 124 4.38 -28.77 -22.10
CA PRO A 124 3.25 -28.98 -21.19
C PRO A 124 3.37 -30.22 -20.30
N LYS A 125 3.20 -30.01 -18.99
CA LYS A 125 3.25 -31.04 -17.96
C LYS A 125 4.67 -31.57 -17.70
N LYS A 126 5.64 -31.07 -18.46
CA LYS A 126 7.06 -31.39 -18.24
C LYS A 126 7.82 -30.14 -17.78
N ASN A 127 7.09 -29.05 -17.59
CA ASN A 127 7.65 -27.71 -17.38
C ASN A 127 8.25 -27.49 -16.01
N CYS A 128 7.99 -28.41 -15.09
CA CYS A 128 8.43 -28.23 -13.72
C CYS A 128 9.08 -29.49 -13.19
N LEU A 129 10.33 -29.36 -12.78
CA LEU A 129 11.09 -30.44 -12.13
C LEU A 129 11.18 -30.22 -10.63
N ALA A 130 10.93 -31.27 -9.87
CA ALA A 130 11.04 -31.18 -8.43
C ALA A 130 12.01 -32.20 -7.83
N PHE A 131 12.72 -31.75 -6.81
CA PHE A 131 13.69 -32.56 -6.12
C PHE A 131 13.23 -32.65 -4.68
N ILE A 132 12.85 -33.84 -4.28
CA ILE A 132 12.07 -34.02 -3.08
C ILE A 132 12.75 -35.01 -2.16
N GLY A 133 12.89 -34.64 -0.89
CA GLY A 133 13.45 -35.56 0.09
C GLY A 133 13.50 -34.98 1.49
N PRO A 134 14.10 -35.73 2.44
CA PRO A 134 14.37 -35.22 3.79
C PRO A 134 15.46 -34.14 3.75
N PRO A 135 15.67 -33.41 4.87
CA PRO A 135 16.70 -32.37 4.87
C PRO A 135 18.12 -32.92 4.70
N ASN A 136 18.96 -32.12 4.05
CA ASN A 136 20.36 -32.46 3.78
C ASN A 136 20.58 -33.54 2.76
N THR A 137 20.00 -33.40 1.57
CA THR A 137 20.21 -34.41 0.56
C THR A 137 20.72 -33.85 -0.76
N GLY A 138 21.09 -32.57 -0.76
CA GLY A 138 21.67 -31.93 -1.94
C GLY A 138 20.67 -31.32 -2.89
N LYS A 139 19.39 -31.35 -2.50
CA LYS A 139 18.30 -30.71 -3.26
C LYS A 139 18.60 -29.26 -3.61
N SER A 140 18.72 -28.40 -2.59
CA SER A 140 18.96 -26.97 -2.83
C SER A 140 20.24 -26.70 -3.60
N MET A 141 21.28 -27.47 -3.31
CA MET A 141 22.58 -27.19 -3.87
C MET A 141 22.62 -27.55 -5.35
N LEU A 142 21.97 -28.66 -5.70
CA LEU A 142 21.88 -29.07 -7.09
C LEU A 142 21.11 -28.03 -7.88
N CYS A 143 19.91 -27.73 -7.40
CA CYS A 143 19.05 -26.79 -8.09
C CYS A 143 19.70 -25.41 -8.22
N ASN A 144 20.24 -24.90 -7.11
CA ASN A 144 20.88 -23.60 -7.15
C ASN A 144 22.03 -23.52 -8.15
N SER A 145 22.88 -24.55 -8.17
CA SER A 145 23.98 -24.58 -9.11
C SER A 145 23.48 -24.52 -10.55
N LEU A 146 22.35 -25.17 -10.81
CA LEU A 146 21.76 -25.21 -12.15
C LEU A 146 21.21 -23.85 -12.50
N ILE A 147 20.35 -23.36 -11.61
CA ILE A 147 19.75 -22.05 -11.77
C ILE A 147 20.81 -20.99 -11.91
N HIS A 148 21.85 -21.08 -11.09
CA HIS A 148 22.95 -20.14 -11.20
C HIS A 148 23.54 -20.25 -12.60
N PHE A 149 23.89 -21.47 -13.03
CA PHE A 149 24.49 -21.62 -14.35
C PHE A 149 23.57 -21.04 -15.42
N LEU A 150 22.27 -21.29 -15.25
CA LEU A 150 21.27 -20.91 -16.24
C LEU A 150 20.97 -19.42 -16.24
N GLY A 151 21.47 -18.72 -15.22
CA GLY A 151 21.18 -17.30 -15.05
C GLY A 151 19.74 -17.02 -14.68
N GLY A 152 19.06 -18.03 -14.13
CA GLY A 152 17.65 -17.96 -13.77
C GLY A 152 17.40 -17.19 -12.49
N SER A 153 16.14 -17.10 -12.05
CA SER A 153 15.83 -16.37 -10.82
C SER A 153 15.26 -17.23 -9.69
N VAL A 154 15.49 -16.78 -8.46
CA VAL A 154 14.99 -17.45 -7.28
C VAL A 154 13.79 -16.71 -6.73
N LEU A 155 12.63 -17.31 -6.83
CA LEU A 155 11.41 -16.70 -6.35
C LEU A 155 11.35 -16.88 -4.85
N SER A 156 10.82 -15.88 -4.15
CA SER A 156 10.72 -15.95 -2.69
C SER A 156 9.26 -15.92 -2.26
N PHE A 157 8.77 -17.06 -1.82
CA PHE A 157 7.40 -17.21 -1.34
C PHE A 157 7.08 -16.29 -0.14
N ALA A 158 8.12 -15.61 0.36
CA ALA A 158 7.99 -14.64 1.46
C ALA A 158 7.11 -13.48 1.05
N ASN A 159 7.24 -13.07 -0.21
CA ASN A 159 6.53 -11.92 -0.80
C ASN A 159 5.31 -12.36 -1.62
N HIS A 160 4.90 -13.62 -1.48
CA HIS A 160 3.83 -14.21 -2.29
C HIS A 160 2.49 -13.52 -2.14
N LYS A 161 2.26 -12.94 -0.96
CA LYS A 161 0.99 -12.25 -0.65
C LYS A 161 0.75 -11.07 -1.59
N SER A 162 1.83 -10.57 -2.19
CA SER A 162 1.79 -9.61 -3.29
C SER A 162 2.20 -10.30 -4.59
N HIS A 163 1.24 -10.42 -5.54
CA HIS A 163 1.51 -11.07 -6.86
C HIS A 163 2.81 -10.63 -7.54
N PHE A 164 3.23 -9.40 -7.21
CA PHE A 164 4.50 -8.82 -7.62
C PHE A 164 5.70 -9.76 -7.43
N TRP A 165 5.52 -10.85 -6.69
CA TRP A 165 6.60 -11.78 -6.40
C TRP A 165 6.99 -12.63 -7.61
N LEU A 166 6.09 -12.68 -8.58
CA LEU A 166 6.29 -13.43 -9.80
C LEU A 166 6.74 -12.54 -10.94
N ALA A 167 7.03 -11.27 -10.63
CA ALA A 167 7.43 -10.27 -11.62
C ALA A 167 8.55 -10.76 -12.51
N SER A 168 9.49 -11.50 -11.93
CA SER A 168 10.70 -11.94 -12.63
C SER A 168 10.46 -13.08 -13.63
N LEU A 169 9.30 -13.72 -13.53
CA LEU A 169 8.89 -14.71 -14.52
C LEU A 169 8.75 -14.06 -15.88
N ALA A 170 8.55 -12.74 -15.87
CA ALA A 170 8.51 -11.95 -17.09
C ALA A 170 9.90 -11.88 -17.73
N ASP A 171 10.94 -11.68 -16.91
CA ASP A 171 12.28 -11.55 -17.44
C ASP A 171 13.07 -12.86 -17.68
N THR A 172 13.33 -13.64 -16.62
CA THR A 172 14.27 -14.79 -16.70
C THR A 172 13.81 -16.01 -17.51
N ARG A 173 14.78 -16.85 -17.89
CA ARG A 173 14.55 -18.01 -18.74
C ARG A 173 14.28 -19.31 -17.97
N ALA A 174 14.48 -19.26 -16.66
CA ALA A 174 14.19 -20.40 -15.77
C ALA A 174 14.04 -19.87 -14.35
N ALA A 175 13.18 -20.50 -13.56
CA ALA A 175 12.98 -20.05 -12.17
C ALA A 175 12.98 -21.18 -11.14
N LEU A 176 13.43 -20.86 -9.93
CA LEU A 176 13.44 -21.79 -8.81
C LEU A 176 12.67 -21.28 -7.62
N VAL A 177 11.81 -22.14 -7.10
CA VAL A 177 11.19 -21.94 -5.81
C VAL A 177 11.93 -22.85 -4.86
N ASP A 178 12.80 -22.27 -4.05
CA ASP A 178 13.62 -23.07 -3.14
C ASP A 178 12.77 -23.43 -1.93
N ASP A 179 12.80 -24.72 -1.56
CA ASP A 179 12.13 -25.22 -0.36
C ASP A 179 10.63 -24.91 -0.29
N ALA A 180 9.84 -25.62 -1.08
CA ALA A 180 8.40 -25.43 -1.09
C ALA A 180 7.76 -26.15 0.08
N THR A 181 6.98 -25.39 0.82
CA THR A 181 6.20 -25.91 1.93
C THR A 181 4.81 -26.25 1.42
N HIS A 182 3.95 -26.77 2.30
CA HIS A 182 2.58 -27.09 1.90
C HIS A 182 1.85 -25.88 1.35
N ALA A 183 1.90 -24.79 2.12
CA ALA A 183 1.37 -23.50 1.71
C ALA A 183 1.73 -23.20 0.27
N CYS A 184 3.01 -23.38 -0.06
CA CYS A 184 3.53 -23.09 -1.39
C CYS A 184 3.00 -24.03 -2.49
N TRP A 185 2.89 -25.32 -2.17
CA TRP A 185 2.33 -26.30 -3.10
C TRP A 185 0.87 -26.02 -3.41
N ARG A 186 0.12 -25.66 -2.37
CA ARG A 186 -1.28 -25.26 -2.52
C ARG A 186 -1.38 -24.10 -3.49
N TYR A 187 -0.41 -23.19 -3.42
CA TYR A 187 -0.36 -22.02 -4.27
C TYR A 187 -0.27 -22.41 -5.75
N PHE A 188 0.69 -23.27 -6.07
CA PHE A 188 0.79 -23.88 -7.39
C PHE A 188 -0.54 -24.49 -7.85
N ASP A 189 -1.15 -25.27 -6.96
CA ASP A 189 -2.37 -26.03 -7.24
C ASP A 189 -3.56 -25.17 -7.69
N THR A 190 -3.60 -23.91 -7.24
CA THR A 190 -4.71 -23.03 -7.61
C THR A 190 -4.30 -22.02 -8.69
N TYR A 191 -3.17 -21.36 -8.50
CA TYR A 191 -2.78 -20.31 -9.44
C TYR A 191 -1.99 -20.83 -10.64
N LEU A 192 -0.81 -21.37 -10.37
CA LEU A 192 0.15 -21.70 -11.42
C LEU A 192 -0.18 -22.93 -12.27
N ARG A 193 -1.43 -23.36 -12.24
CA ARG A 193 -1.85 -24.48 -13.09
C ARG A 193 -1.46 -24.25 -14.56
N ASN A 194 -1.87 -23.10 -15.10
CA ASN A 194 -1.59 -22.72 -16.49
C ASN A 194 -0.10 -22.70 -16.84
N ALA A 195 0.73 -22.36 -15.86
CA ALA A 195 2.17 -22.37 -16.02
C ALA A 195 2.67 -23.77 -16.31
N LEU A 196 2.05 -24.76 -15.67
CA LEU A 196 2.41 -26.16 -15.87
C LEU A 196 1.74 -26.75 -17.10
N ASP A 197 1.28 -25.91 -18.02
CA ASP A 197 0.52 -26.40 -19.16
C ASP A 197 0.85 -25.74 -20.50
N GLY A 198 1.69 -24.72 -20.46
CA GLY A 198 2.11 -24.03 -21.68
C GLY A 198 1.21 -22.88 -22.08
N TYR A 199 0.01 -22.81 -21.50
CA TYR A 199 -0.90 -21.70 -21.72
C TYR A 199 -0.41 -20.47 -20.94
N PRO A 200 -0.19 -19.34 -21.63
CA PRO A 200 0.29 -18.08 -21.02
C PRO A 200 -0.50 -17.61 -19.79
N VAL A 201 0.20 -16.91 -18.89
CA VAL A 201 -0.42 -16.30 -17.70
C VAL A 201 0.01 -14.83 -17.52
N SER A 202 -0.76 -14.09 -16.72
CA SER A 202 -0.56 -12.65 -16.53
C SER A 202 0.32 -12.35 -15.33
N ILE A 203 1.44 -11.68 -15.60
CA ILE A 203 2.46 -11.31 -14.62
C ILE A 203 2.32 -9.81 -14.33
N ASP A 204 2.35 -9.43 -13.05
CA ASP A 204 2.21 -8.03 -12.66
C ASP A 204 3.50 -7.35 -12.21
N ARG A 205 3.43 -6.05 -11.97
CA ARG A 205 4.61 -5.24 -11.59
C ARG A 205 4.30 -4.13 -10.58
N LYS A 206 5.34 -3.72 -9.83
CA LYS A 206 5.31 -2.46 -9.06
C LYS A 206 5.22 -1.25 -10.01
N HIS A 207 6.11 -1.21 -11.00
CA HIS A 207 5.94 -0.30 -12.15
C HIS A 207 4.94 -0.89 -13.15
N LYS A 208 3.67 -0.77 -12.77
CA LYS A 208 2.51 -1.45 -13.40
C LYS A 208 2.46 -1.38 -14.94
N ALA A 209 2.77 -2.51 -15.58
CA ALA A 209 2.65 -2.68 -17.02
C ALA A 209 1.65 -3.78 -17.40
N ALA A 210 1.65 -4.87 -16.61
CA ALA A 210 0.64 -5.97 -16.66
C ALA A 210 0.66 -6.89 -17.90
N VAL A 211 1.82 -7.46 -18.20
CA VAL A 211 2.00 -8.31 -19.40
C VAL A 211 1.43 -9.74 -19.27
N GLN A 212 1.43 -10.48 -20.38
CA GLN A 212 1.11 -11.91 -20.41
C GLN A 212 2.20 -12.69 -21.16
N ILE A 213 2.81 -13.66 -20.49
CA ILE A 213 3.92 -14.44 -21.06
C ILE A 213 3.75 -15.92 -20.74
N LYS A 214 4.26 -16.78 -21.61
CA LYS A 214 4.42 -18.19 -21.32
C LYS A 214 5.41 -18.34 -20.15
N ALA A 215 5.07 -19.15 -19.15
CA ALA A 215 5.88 -19.27 -17.90
C ALA A 215 7.15 -20.12 -18.06
N PRO A 216 8.29 -19.61 -17.54
CA PRO A 216 9.60 -20.27 -17.74
C PRO A 216 9.68 -21.63 -17.05
N PRO A 217 10.61 -22.50 -17.48
CA PRO A 217 10.70 -23.80 -16.85
C PRO A 217 11.06 -23.66 -15.38
N LEU A 218 10.34 -24.39 -14.54
CA LEU A 218 10.45 -24.24 -13.10
C LEU A 218 11.23 -25.36 -12.45
N LEU A 219 11.92 -25.00 -11.37
CA LEU A 219 12.57 -25.93 -10.46
C LEU A 219 11.96 -25.72 -9.10
N VAL A 220 11.71 -26.81 -8.39
CA VAL A 220 11.29 -26.73 -7.01
C VAL A 220 12.11 -27.72 -6.20
N THR A 221 12.45 -27.35 -4.97
CA THR A 221 12.99 -28.29 -3.97
C THR A 221 11.98 -28.29 -2.83
N SER A 222 11.87 -29.40 -2.12
CA SER A 222 10.83 -29.55 -1.12
C SER A 222 11.04 -30.80 -0.30
N ASN A 223 10.61 -30.74 0.95
CA ASN A 223 10.55 -31.90 1.84
C ASN A 223 9.23 -32.64 1.67
N ILE A 224 8.35 -32.09 0.84
CA ILE A 224 7.02 -32.64 0.60
C ILE A 224 6.96 -33.38 -0.74
N ASP A 225 6.54 -34.64 -0.68
CA ASP A 225 6.35 -35.41 -1.90
C ASP A 225 4.95 -35.21 -2.45
N VAL A 226 4.85 -34.53 -3.59
CA VAL A 226 3.55 -34.21 -4.20
C VAL A 226 2.83 -35.42 -4.76
N GLN A 227 3.58 -36.35 -5.33
CA GLN A 227 3.02 -37.54 -5.97
C GLN A 227 2.39 -38.42 -4.93
N ALA A 228 2.83 -38.25 -3.68
CA ALA A 228 2.34 -39.03 -2.55
C ALA A 228 1.07 -38.47 -1.92
N GLU A 229 0.67 -37.26 -2.32
CA GLU A 229 -0.42 -36.56 -1.64
C GLU A 229 -1.58 -36.17 -2.55
N ASP A 230 -2.77 -36.57 -2.15
CA ASP A 230 -3.99 -36.38 -2.93
C ASP A 230 -4.46 -34.94 -3.01
N ARG A 231 -4.21 -34.15 -1.96
CA ARG A 231 -4.58 -32.74 -1.98
C ARG A 231 -3.82 -31.97 -3.06
N TYR A 232 -2.89 -32.66 -3.73
CA TYR A 232 -2.10 -32.09 -4.83
C TYR A 232 -2.21 -32.95 -6.10
N LEU A 233 -3.37 -33.57 -6.30
CA LEU A 233 -3.60 -34.52 -7.41
C LEU A 233 -3.32 -33.94 -8.81
N TYR A 234 -3.75 -32.71 -9.05
CA TYR A 234 -3.55 -32.06 -10.34
C TYR A 234 -2.07 -32.04 -10.74
N LEU A 235 -1.20 -31.82 -9.75
CA LEU A 235 0.21 -31.61 -9.99
C LEU A 235 0.99 -32.89 -10.34
N HIS A 236 0.42 -34.03 -9.98
CA HIS A 236 1.05 -35.34 -10.18
C HIS A 236 1.65 -35.51 -11.58
N SER A 237 0.81 -35.30 -12.60
CA SER A 237 1.20 -35.49 -14.00
C SER A 237 2.00 -34.32 -14.59
N ARG A 238 2.08 -33.22 -13.86
CA ARG A 238 2.65 -31.98 -14.37
C ARG A 238 3.95 -31.59 -13.66
N VAL A 239 4.31 -32.35 -12.64
CA VAL A 239 5.57 -32.15 -11.90
C VAL A 239 6.42 -33.42 -11.92
N GLN A 240 7.61 -33.32 -12.50
CA GLN A 240 8.52 -34.47 -12.53
C GLN A 240 9.44 -34.49 -11.30
N THR A 241 9.29 -35.56 -10.50
CA THR A 241 9.94 -35.64 -9.20
C THR A 241 11.23 -36.47 -9.24
N PHE A 242 12.27 -35.95 -8.59
CA PHE A 242 13.53 -36.67 -8.40
C PHE A 242 13.80 -36.80 -6.92
N ARG A 243 13.63 -38.00 -6.38
CA ARG A 243 13.72 -38.26 -4.94
C ARG A 243 15.18 -38.44 -4.45
N PHE A 244 15.65 -37.48 -3.66
CA PHE A 244 16.99 -37.52 -3.05
C PHE A 244 16.86 -37.97 -1.59
N GLU A 245 17.27 -39.21 -1.29
CA GLU A 245 17.18 -39.74 0.10
C GLU A 245 18.50 -39.79 0.86
N GLN A 246 19.62 -39.77 0.15
CA GLN A 246 20.95 -39.89 0.76
C GLN A 246 21.45 -38.56 1.29
N PRO A 247 21.87 -38.49 2.58
CA PRO A 247 22.34 -37.25 3.18
C PRO A 247 23.82 -36.90 2.91
N CYS A 248 24.17 -35.62 2.99
CA CYS A 248 25.56 -35.16 2.90
C CYS A 248 25.96 -34.37 4.15
N THR A 249 25.92 -35.03 5.30
CA THR A 249 26.10 -34.36 6.59
C THR A 249 27.56 -34.35 7.07
N ASP A 250 28.51 -34.55 6.15
CA ASP A 250 29.91 -34.71 6.54
C ASP A 250 30.92 -34.11 5.56
N GLU A 254 33.89 -30.57 5.42
CA GLU A 254 34.59 -29.28 5.50
C GLU A 254 33.92 -28.20 4.64
N GLN A 255 34.07 -28.33 3.32
CA GLN A 255 33.13 -27.78 2.34
C GLN A 255 32.32 -28.99 1.94
N PRO A 256 30.98 -28.87 1.96
CA PRO A 256 30.22 -30.02 1.45
C PRO A 256 30.29 -30.11 -0.08
N PHE A 257 29.63 -31.12 -0.65
CA PHE A 257 29.71 -31.37 -2.09
C PHE A 257 29.18 -30.17 -2.83
N ASN A 258 29.78 -29.90 -3.98
CA ASN A 258 29.47 -28.69 -4.70
C ASN A 258 29.51 -28.85 -6.21
N ILE A 259 28.37 -28.59 -6.86
CA ILE A 259 28.31 -28.47 -8.31
C ILE A 259 28.60 -27.00 -8.68
N THR A 260 29.33 -26.79 -9.77
CA THR A 260 29.70 -25.43 -10.19
C THR A 260 29.27 -25.11 -11.61
N ASP A 261 29.37 -23.84 -11.98
CA ASP A 261 29.11 -23.40 -13.34
C ASP A 261 29.85 -24.25 -14.37
N ALA A 262 31.15 -24.41 -14.17
CA ALA A 262 31.95 -25.19 -15.09
C ALA A 262 31.44 -26.63 -15.20
N ASP A 263 30.95 -27.19 -14.09
CA ASP A 263 30.41 -28.56 -14.09
C ASP A 263 29.22 -28.67 -15.03
N TRP A 264 28.32 -27.69 -14.94
CA TRP A 264 27.21 -27.59 -15.86
C TRP A 264 27.68 -27.24 -17.26
N LYS A 265 28.68 -26.36 -17.35
CA LYS A 265 29.19 -25.95 -18.64
C LYS A 265 29.57 -27.19 -19.44
N SER A 266 30.40 -28.05 -18.84
CA SER A 266 30.79 -29.27 -19.51
C SER A 266 29.57 -30.20 -19.68
N PHE A 267 28.75 -30.32 -18.63
CA PHE A 267 27.55 -31.15 -18.70
C PHE A 267 26.79 -30.84 -19.97
N PHE A 268 26.60 -29.55 -20.24
CA PHE A 268 25.86 -29.10 -21.41
C PHE A 268 26.61 -29.25 -22.75
N VAL A 269 27.93 -29.08 -22.75
CA VAL A 269 28.73 -29.24 -23.97
C VAL A 269 28.78 -30.73 -24.35
N ARG A 270 28.95 -31.59 -23.35
CA ARG A 270 29.00 -33.03 -23.54
C ARG A 270 27.65 -33.56 -24.01
N LEU A 271 26.59 -33.19 -23.31
CA LEU A 271 25.27 -33.77 -23.55
C LEU A 271 24.38 -32.92 -24.45
N TRP A 272 24.97 -31.92 -25.10
CA TRP A 272 24.27 -31.04 -26.04
C TRP A 272 23.39 -31.82 -27.02
N GLY A 273 23.94 -32.86 -27.65
CA GLY A 273 23.20 -33.73 -28.56
C GLY A 273 21.99 -34.37 -27.89
N ARG A 274 22.26 -35.29 -26.97
CA ARG A 274 21.23 -36.03 -26.22
C ARG A 274 20.10 -35.17 -25.62
N LEU A 275 20.33 -33.87 -25.49
CA LEU A 275 19.37 -32.93 -24.89
C LEU A 275 18.49 -32.20 -25.90
N ASP A 276 18.57 -32.64 -27.15
CA ASP A 276 17.81 -32.09 -28.26
C ASP A 276 17.92 -30.58 -28.34
N LEU A 277 19.14 -30.08 -28.16
CA LEU A 277 19.42 -28.66 -28.24
C LEU A 277 19.95 -28.28 -29.62
N ILE A 278 19.98 -29.25 -30.53
CA ILE A 278 20.49 -29.03 -31.90
C ILE A 278 19.67 -27.98 -32.66
N ASP A 279 20.31 -27.34 -33.64
CA ASP A 279 19.70 -26.23 -34.36
C ASP A 279 20.01 -26.27 -35.86
N THR B 1 22.04 28.60 13.66
CA THR B 1 22.27 28.12 12.27
C THR B 1 21.88 29.21 11.26
N LEU B 2 22.58 29.23 10.12
CA LEU B 2 22.20 30.04 8.96
C LEU B 2 21.93 29.15 7.76
N ASN B 3 20.77 29.35 7.14
CA ASN B 3 20.40 28.64 5.91
C ASN B 3 20.18 29.66 4.80
N GLU B 4 20.38 30.94 5.11
CA GLU B 4 20.09 32.00 4.16
C GLU B 4 21.37 32.42 3.42
N SER B 5 21.40 33.67 2.96
CA SER B 5 22.56 34.28 2.29
C SER B 5 22.59 35.79 2.50
N LYS B 10 28.13 29.80 -8.28
CA LYS B 10 27.43 28.83 -9.11
C LYS B 10 27.65 27.42 -8.52
N PHE B 11 26.56 26.75 -8.18
CA PHE B 11 26.60 25.51 -7.39
C PHE B 11 27.02 24.28 -8.19
N ASP B 12 28.02 23.56 -7.68
CA ASP B 12 28.40 22.31 -8.31
C ASP B 12 27.93 21.18 -7.44
N PHE B 13 27.11 20.32 -8.02
CA PHE B 13 26.61 19.13 -7.35
C PHE B 13 27.77 18.25 -6.92
N GLY B 14 28.60 17.85 -7.87
CA GLY B 14 29.75 16.96 -7.63
C GLY B 14 30.56 17.23 -6.37
N THR B 15 30.82 18.51 -6.10
CA THR B 15 31.58 18.95 -4.94
C THR B 15 30.88 18.61 -3.63
N MET B 16 29.58 18.88 -3.59
CA MET B 16 28.79 18.50 -2.44
C MET B 16 28.86 16.99 -2.23
N VAL B 17 28.74 16.24 -3.32
CA VAL B 17 28.81 14.80 -3.25
C VAL B 17 30.17 14.38 -2.72
N GLN B 18 31.23 14.95 -3.29
CA GLN B 18 32.59 14.71 -2.83
C GLN B 18 32.68 14.88 -1.32
N TRP B 19 32.26 16.06 -0.87
CA TRP B 19 32.23 16.41 0.53
C TRP B 19 31.52 15.32 1.31
N ALA B 20 30.27 15.04 0.92
CA ALA B 20 29.42 14.08 1.62
C ALA B 20 30.10 12.71 1.71
N TYR B 21 30.65 12.27 0.59
CA TYR B 21 31.38 11.02 0.52
C TYR B 21 32.53 10.99 1.53
N ASP B 22 33.37 12.04 1.49
CA ASP B 22 34.52 12.14 2.37
C ASP B 22 34.16 11.98 3.83
N HIS B 23 33.10 12.68 4.25
CA HIS B 23 32.65 12.61 5.64
C HIS B 23 31.76 11.40 5.93
N LYS B 24 31.55 10.57 4.91
CA LYS B 24 30.65 9.40 5.00
C LYS B 24 29.24 9.77 5.42
N TYR B 25 28.78 10.95 5.05
CA TYR B 25 27.42 11.36 5.36
C TYR B 25 26.47 10.81 4.29
N ALA B 26 25.61 9.86 4.70
CA ALA B 26 24.69 9.16 3.78
C ALA B 26 23.23 9.55 3.98
N GLU B 27 23.00 10.41 4.96
CA GLU B 27 21.68 10.66 5.40
C GLU B 27 21.19 12.06 5.09
N GLU B 28 20.10 12.15 4.35
CA GLU B 28 19.61 13.41 3.83
C GLU B 28 19.67 14.53 4.87
N SER B 29 19.13 14.27 6.06
CA SER B 29 19.04 15.29 7.12
C SER B 29 20.41 15.76 7.54
N LYS B 30 21.26 14.80 7.90
CA LYS B 30 22.64 15.12 8.21
C LYS B 30 23.40 15.84 7.08
N ILE B 31 23.30 15.36 5.85
CA ILE B 31 23.92 16.02 4.69
C ILE B 31 23.47 17.48 4.58
N ALA B 32 22.15 17.70 4.57
CA ALA B 32 21.59 19.03 4.46
C ALA B 32 22.16 19.93 5.53
N TYR B 33 22.06 19.47 6.77
CA TYR B 33 22.36 20.29 7.92
C TYR B 33 23.83 20.60 8.05
N GLU B 34 24.62 19.58 7.83
CA GLU B 34 26.05 19.63 8.04
C GLU B 34 26.73 20.47 6.95
N TYR B 35 26.14 20.47 5.76
CA TYR B 35 26.61 21.29 4.65
C TYR B 35 26.24 22.75 4.87
N ALA B 36 25.01 22.99 5.32
CA ALA B 36 24.55 24.34 5.62
C ALA B 36 25.47 24.95 6.66
N LEU B 37 26.11 24.10 7.44
CA LEU B 37 27.10 24.57 8.40
C LEU B 37 28.40 24.93 7.70
N ALA B 38 28.86 24.05 6.80
CA ALA B 38 30.06 24.32 6.02
C ALA B 38 29.98 25.65 5.25
N ALA B 39 28.78 26.24 5.19
CA ALA B 39 28.51 27.45 4.41
C ALA B 39 29.31 28.69 4.79
N GLY B 40 29.78 28.75 6.04
CA GLY B 40 30.52 29.90 6.54
C GLY B 40 31.89 30.06 5.88
N SER B 41 32.50 28.92 5.58
CA SER B 41 33.85 28.89 4.99
C SER B 41 33.94 27.95 3.77
N ASP B 42 32.85 27.89 3.00
CA ASP B 42 32.81 27.10 1.76
C ASP B 42 31.85 27.77 0.78
N SER B 43 32.42 28.25 -0.33
CA SER B 43 31.66 28.98 -1.35
C SER B 43 30.63 28.10 -2.04
N ASN B 44 30.89 26.79 -2.10
CA ASN B 44 29.96 25.83 -2.69
C ASN B 44 28.78 25.58 -1.78
N ALA B 45 29.03 25.59 -0.46
CA ALA B 45 27.95 25.44 0.50
C ALA B 45 27.11 26.70 0.54
N ARG B 46 27.77 27.84 0.42
CA ARG B 46 27.10 29.13 0.27
C ARG B 46 26.19 29.12 -0.98
N ALA B 47 26.74 28.65 -2.10
CA ALA B 47 26.01 28.61 -3.38
C ALA B 47 24.80 27.70 -3.31
N PHE B 48 24.94 26.63 -2.52
CA PHE B 48 23.89 25.64 -2.27
C PHE B 48 22.67 26.28 -1.61
N LEU B 49 22.91 27.17 -0.67
CA LEU B 49 21.83 27.87 -0.01
C LEU B 49 21.23 28.98 -0.89
N ALA B 50 21.88 29.29 -2.02
CA ALA B 50 21.35 30.26 -2.99
C ALA B 50 20.38 29.63 -4.01
N THR B 51 20.51 28.32 -4.22
CA THR B 51 19.63 27.60 -5.17
C THR B 51 18.25 27.32 -4.57
N ASN B 52 17.25 27.34 -5.45
CA ASN B 52 15.87 27.08 -5.07
C ASN B 52 15.54 25.60 -5.09
N SER B 53 16.48 24.77 -5.52
CA SER B 53 16.24 23.34 -5.67
C SER B 53 17.09 22.54 -4.67
N GLN B 54 17.42 23.17 -3.54
CA GLN B 54 18.31 22.56 -2.55
C GLN B 54 17.75 21.28 -2.01
N ALA B 55 16.43 21.22 -1.91
CA ALA B 55 15.72 20.04 -1.45
C ALA B 55 16.06 18.80 -2.29
N LYS B 56 16.01 18.97 -3.61
CA LYS B 56 16.33 17.91 -4.54
C LYS B 56 17.80 17.55 -4.46
N HIS B 57 18.64 18.55 -4.24
CA HIS B 57 20.08 18.33 -4.19
C HIS B 57 20.49 17.49 -3.01
N VAL B 58 19.89 17.79 -1.86
CA VAL B 58 20.11 16.99 -0.67
C VAL B 58 19.69 15.54 -0.92
N LYS B 59 18.53 15.37 -1.56
CA LYS B 59 18.01 14.06 -1.88
C LYS B 59 18.97 13.32 -2.83
N ASP B 60 19.28 13.94 -3.97
CA ASP B 60 20.19 13.34 -4.95
C ASP B 60 21.58 13.04 -4.37
N CYS B 61 22.05 13.91 -3.48
CA CYS B 61 23.35 13.71 -2.84
C CYS B 61 23.36 12.40 -2.05
N ALA B 62 22.37 12.23 -1.19
CA ALA B 62 22.24 11.00 -0.42
C ALA B 62 22.19 9.79 -1.36
N THR B 63 21.35 9.86 -2.40
CA THR B 63 21.27 8.78 -3.39
C THR B 63 22.67 8.46 -3.90
N MET B 64 23.38 9.51 -4.28
CA MET B 64 24.68 9.38 -4.91
C MET B 64 25.70 8.75 -3.97
N VAL B 65 25.76 9.24 -2.74
CA VAL B 65 26.68 8.71 -1.75
C VAL B 65 26.35 7.25 -1.49
N ARG B 66 25.06 6.96 -1.24
CA ARG B 66 24.59 5.58 -1.07
C ARG B 66 25.07 4.68 -2.20
N HIS B 67 24.97 5.15 -3.44
CA HIS B 67 25.44 4.41 -4.60
C HIS B 67 26.90 4.02 -4.44
N TYR B 68 27.72 5.02 -4.16
CA TYR B 68 29.17 4.86 -4.08
C TYR B 68 29.54 3.95 -2.94
N LEU B 69 29.02 4.24 -1.75
CA LEU B 69 29.32 3.46 -0.56
C LEU B 69 28.97 1.99 -0.75
N ARG B 70 27.73 1.74 -1.23
CA ARG B 70 27.28 0.39 -1.52
C ARG B 70 28.27 -0.29 -2.44
N ALA B 71 28.57 0.37 -3.55
CA ALA B 71 29.45 -0.17 -4.58
C ALA B 71 30.82 -0.53 -4.08
N GLU B 72 31.37 0.30 -3.17
CA GLU B 72 32.67 0.04 -2.55
C GLU B 72 32.63 -1.22 -1.70
N THR B 73 31.64 -1.26 -0.81
CA THR B 73 31.44 -2.38 0.10
C THR B 73 31.26 -3.68 -0.68
N GLN B 74 30.52 -3.63 -1.77
CA GLN B 74 30.23 -4.84 -2.54
C GLN B 74 31.44 -5.35 -3.28
N ALA B 75 32.30 -4.43 -3.69
CA ALA B 75 33.48 -4.76 -4.50
C ALA B 75 34.52 -5.59 -3.75
N LEU B 76 34.65 -5.35 -2.45
CA LEU B 76 35.68 -6.00 -1.63
C LEU B 76 35.33 -7.43 -1.27
N SER B 77 36.33 -8.29 -1.26
CA SER B 77 36.18 -9.63 -0.72
C SER B 77 36.15 -9.51 0.81
N MET B 78 35.70 -10.57 1.47
CA MET B 78 35.59 -10.58 2.92
C MET B 78 36.89 -10.17 3.64
N PRO B 79 38.05 -10.76 3.26
CA PRO B 79 39.30 -10.34 3.90
C PRO B 79 39.54 -8.85 3.76
N ALA B 80 39.57 -8.34 2.53
CA ALA B 80 39.80 -6.92 2.26
C ALA B 80 38.83 -6.04 3.04
N TYR B 81 37.60 -6.53 3.21
CA TYR B 81 36.56 -5.81 3.93
C TYR B 81 36.86 -5.74 5.42
N ILE B 82 37.11 -6.90 6.04
CA ILE B 82 37.44 -6.97 7.45
C ILE B 82 38.67 -6.10 7.69
N LYS B 83 39.60 -6.14 6.75
CA LYS B 83 40.80 -5.30 6.78
C LYS B 83 40.40 -3.84 6.98
N ALA B 84 39.48 -3.35 6.14
CA ALA B 84 38.99 -1.98 6.23
C ALA B 84 38.30 -1.70 7.55
N ARG B 85 37.58 -2.70 8.07
CA ARG B 85 36.90 -2.57 9.36
C ARG B 85 37.86 -2.48 10.52
N CYS B 86 38.97 -3.22 10.45
CA CYS B 86 40.03 -3.17 11.44
C CYS B 86 40.66 -1.78 11.43
N LYS B 87 40.88 -1.26 10.23
CA LYS B 87 41.49 0.07 10.07
C LYS B 87 40.63 1.13 10.73
N LEU B 88 39.31 0.90 10.69
CA LEU B 88 38.34 1.82 11.25
C LEU B 88 38.28 1.87 12.76
N ALA B 89 38.39 0.71 13.40
CA ALA B 89 38.32 0.61 14.87
C ALA B 89 39.43 1.41 15.57
N THR B 90 39.09 1.98 16.72
CA THR B 90 40.10 2.60 17.61
C THR B 90 39.91 2.22 19.07
N GLY B 91 40.96 2.43 19.87
CA GLY B 91 40.87 2.22 21.30
C GLY B 91 41.72 1.08 21.80
N GLU B 92 41.77 0.95 23.12
CA GLU B 92 42.42 -0.16 23.74
C GLU B 92 41.57 -1.42 23.53
N GLY B 93 42.22 -2.50 23.11
CA GLY B 93 41.51 -3.75 22.85
C GLY B 93 42.38 -4.99 22.93
N SER B 94 41.73 -6.12 23.22
CA SER B 94 42.38 -7.42 23.28
C SER B 94 41.38 -8.50 22.94
N TRP B 95 41.83 -9.45 22.13
CA TRP B 95 41.08 -10.67 21.86
C TRP B 95 40.80 -11.44 23.16
N LYS B 96 41.60 -11.16 24.19
CA LYS B 96 41.45 -11.81 25.50
C LYS B 96 40.10 -11.51 26.14
N SER B 97 39.58 -10.30 25.91
CA SER B 97 38.19 -9.98 26.26
C SER B 97 37.20 -10.99 25.68
N ILE B 98 37.36 -11.31 24.40
CA ILE B 98 36.52 -12.28 23.73
C ILE B 98 36.77 -13.69 24.27
N LEU B 99 38.05 -14.08 24.39
CA LEU B 99 38.40 -15.39 24.94
C LEU B 99 37.77 -15.58 26.30
N THR B 100 38.01 -14.62 27.20
CA THR B 100 37.52 -14.70 28.58
C THR B 100 36.04 -14.92 28.63
N PHE B 101 35.32 -14.20 27.78
CA PHE B 101 33.88 -14.33 27.71
C PHE B 101 33.44 -15.74 27.32
N PHE B 102 33.99 -16.26 26.22
CA PHE B 102 33.67 -17.60 25.77
C PHE B 102 34.04 -18.64 26.82
N ASN B 103 35.21 -18.47 27.44
CA ASN B 103 35.64 -19.30 28.54
C ASN B 103 34.69 -19.22 29.73
N TYR B 104 34.17 -18.03 29.97
CA TYR B 104 33.20 -17.81 31.03
C TYR B 104 31.91 -18.56 30.73
N GLN B 105 31.55 -18.64 29.46
CA GLN B 105 30.39 -19.41 29.03
C GLN B 105 30.73 -20.90 28.81
N ASN B 106 31.91 -21.30 29.29
CA ASN B 106 32.42 -22.66 29.14
C ASN B 106 32.48 -23.17 27.70
N ILE B 107 32.97 -22.30 26.83
CA ILE B 107 33.15 -22.63 25.42
C ILE B 107 34.61 -22.42 25.04
N GLU B 108 35.20 -23.41 24.39
CA GLU B 108 36.54 -23.28 23.83
C GLU B 108 36.47 -22.26 22.71
N LEU B 109 37.41 -21.33 22.70
CA LEU B 109 37.46 -20.31 21.66
C LEU B 109 37.60 -20.91 20.27
N ILE B 110 38.32 -22.04 20.15
CA ILE B 110 38.49 -22.70 18.85
C ILE B 110 37.15 -23.13 18.21
N THR B 111 36.19 -23.54 19.03
CA THR B 111 34.84 -23.90 18.57
C THR B 111 34.21 -22.75 17.78
N PHE B 112 34.38 -21.54 18.34
CA PHE B 112 33.89 -20.30 17.74
C PHE B 112 34.69 -19.91 16.51
N ILE B 113 36.01 -20.02 16.61
CA ILE B 113 36.89 -19.73 15.49
C ILE B 113 36.53 -20.59 14.26
N ASN B 114 36.43 -21.90 14.48
CA ASN B 114 36.04 -22.84 13.42
C ASN B 114 34.75 -22.44 12.73
N ALA B 115 33.72 -22.16 13.55
CA ALA B 115 32.42 -21.76 13.02
C ALA B 115 32.50 -20.41 12.31
N LEU B 116 33.29 -19.50 12.87
CA LEU B 116 33.39 -18.14 12.36
C LEU B 116 34.09 -18.11 11.03
N LYS B 117 35.13 -18.93 10.90
CA LYS B 117 35.88 -19.07 9.66
C LYS B 117 34.95 -19.36 8.47
N LEU B 118 33.99 -20.27 8.69
CA LEU B 118 33.09 -20.75 7.66
C LEU B 118 31.95 -19.78 7.45
N TRP B 119 31.42 -19.28 8.55
CA TRP B 119 30.39 -18.27 8.53
C TRP B 119 30.83 -17.10 7.65
N LEU B 120 32.07 -16.62 7.84
CA LEU B 120 32.60 -15.51 7.08
C LEU B 120 32.68 -15.76 5.58
N LYS B 121 32.86 -17.02 5.20
CA LYS B 121 32.90 -17.42 3.79
C LYS B 121 31.48 -17.60 3.23
N GLY B 122 30.50 -17.59 4.13
CA GLY B 122 29.10 -17.74 3.76
C GLY B 122 28.90 -19.05 3.06
N ILE B 123 29.37 -20.11 3.70
CA ILE B 123 29.22 -21.43 3.15
C ILE B 123 27.82 -21.95 3.45
N PRO B 124 27.12 -22.46 2.43
CA PRO B 124 25.77 -23.00 2.59
C PRO B 124 25.61 -23.88 3.83
N LYS B 125 24.46 -23.75 4.48
CA LYS B 125 24.13 -24.42 5.74
C LYS B 125 25.02 -24.03 6.92
N LYS B 126 25.99 -23.13 6.68
CA LYS B 126 26.88 -22.65 7.74
C LYS B 126 26.81 -21.12 7.87
N ASN B 127 25.83 -20.53 7.19
CA ASN B 127 25.72 -19.09 7.04
C ASN B 127 25.02 -18.41 8.23
N CYS B 128 24.65 -19.21 9.21
CA CYS B 128 23.91 -18.70 10.35
C CYS B 128 24.39 -19.23 11.71
N LEU B 129 24.84 -18.30 12.55
CA LEU B 129 25.23 -18.60 13.92
C LEU B 129 24.21 -18.02 14.85
N ALA B 130 23.72 -18.86 15.79
CA ALA B 130 22.73 -18.45 16.76
C ALA B 130 23.25 -18.57 18.17
N PHE B 131 23.04 -17.52 18.94
CA PHE B 131 23.48 -17.47 20.31
C PHE B 131 22.29 -17.55 21.23
N ILE B 132 22.26 -18.60 22.03
CA ILE B 132 21.02 -19.06 22.63
C ILE B 132 21.18 -19.32 24.13
N GLY B 133 20.23 -18.84 24.93
CA GLY B 133 20.25 -19.12 26.35
C GLY B 133 19.23 -18.31 27.09
N PRO B 134 19.13 -18.52 28.43
CA PRO B 134 18.24 -17.72 29.29
C PRO B 134 18.69 -16.26 29.34
N PRO B 135 17.80 -15.35 29.77
CA PRO B 135 18.13 -13.92 29.74
C PRO B 135 19.41 -13.57 30.45
N ASN B 136 20.04 -12.47 30.00
CA ASN B 136 21.25 -11.91 30.61
C ASN B 136 22.46 -12.83 30.63
N THR B 137 22.77 -13.38 29.46
CA THR B 137 23.96 -14.21 29.29
C THR B 137 24.89 -13.64 28.20
N GLY B 138 24.76 -12.34 27.92
CA GLY B 138 25.61 -11.64 26.97
C GLY B 138 25.42 -11.94 25.47
N LYS B 139 24.31 -12.58 25.13
CA LYS B 139 23.98 -12.94 23.74
C LYS B 139 23.94 -11.69 22.87
N SER B 140 22.92 -10.84 23.09
CA SER B 140 22.80 -9.56 22.41
C SER B 140 24.09 -8.79 22.54
N MET B 141 24.64 -8.79 23.76
CA MET B 141 25.91 -8.13 24.02
C MET B 141 26.94 -8.45 22.93
N LEU B 142 27.27 -9.74 22.80
CA LEU B 142 28.33 -10.17 21.90
C LEU B 142 28.01 -9.93 20.43
N CYS B 143 26.82 -10.35 20.01
CA CYS B 143 26.44 -10.28 18.60
C CYS B 143 26.41 -8.84 18.13
N ASN B 144 25.91 -7.95 18.97
CA ASN B 144 25.87 -6.54 18.64
C ASN B 144 27.24 -5.90 18.49
N SER B 145 28.18 -6.30 19.35
CA SER B 145 29.55 -5.78 19.30
C SER B 145 30.24 -6.17 18.00
N LEU B 146 29.95 -7.38 17.54
CA LEU B 146 30.54 -7.93 16.33
C LEU B 146 29.94 -7.29 15.09
N ILE B 147 28.61 -7.21 15.08
CA ILE B 147 27.87 -6.60 13.99
C ILE B 147 28.28 -5.17 13.85
N HIS B 148 28.53 -4.51 14.99
CA HIS B 148 29.04 -3.15 14.97
C HIS B 148 30.42 -3.10 14.35
N PHE B 149 31.33 -3.94 14.84
CA PHE B 149 32.68 -3.96 14.30
C PHE B 149 32.69 -4.16 12.78
N LEU B 150 31.80 -5.03 12.32
CA LEU B 150 31.75 -5.41 10.93
C LEU B 150 31.01 -4.40 10.05
N GLY B 151 30.31 -3.46 10.68
CA GLY B 151 29.45 -2.57 9.94
C GLY B 151 28.26 -3.30 9.33
N GLY B 152 27.82 -4.36 10.01
CA GLY B 152 26.64 -5.12 9.61
C GLY B 152 25.35 -4.40 9.99
N SER B 153 24.23 -4.86 9.48
CA SER B 153 22.95 -4.25 9.83
C SER B 153 22.06 -5.14 10.72
N VAL B 154 21.25 -4.50 11.54
CA VAL B 154 20.25 -5.17 12.34
C VAL B 154 19.01 -5.31 11.48
N LEU B 155 18.40 -6.48 11.47
CA LEU B 155 17.08 -6.61 10.86
C LEU B 155 16.00 -6.53 11.93
N SER B 156 14.93 -5.82 11.64
CA SER B 156 13.88 -5.64 12.63
C SER B 156 12.63 -6.42 12.25
N PHE B 157 12.50 -7.62 12.80
CA PHE B 157 11.37 -8.48 12.52
C PHE B 157 10.04 -7.76 12.77
N ALA B 158 10.09 -6.68 13.57
CA ALA B 158 8.92 -5.84 13.83
C ALA B 158 8.33 -5.29 12.54
N ASN B 159 9.18 -5.15 11.52
CA ASN B 159 8.77 -4.62 10.22
C ASN B 159 8.52 -5.70 9.15
N HIS B 160 8.43 -6.96 9.57
CA HIS B 160 8.39 -8.06 8.61
C HIS B 160 7.16 -8.00 7.68
N LYS B 161 6.11 -7.30 8.10
CA LYS B 161 4.90 -7.24 7.26
C LYS B 161 5.14 -6.33 6.05
N SER B 162 6.28 -5.66 6.04
CA SER B 162 6.69 -4.82 4.93
C SER B 162 7.54 -5.62 3.95
N HIS B 163 7.52 -5.24 2.68
CA HIS B 163 8.30 -5.95 1.65
C HIS B 163 9.76 -5.61 1.74
N PHE B 164 10.08 -4.46 2.30
CA PHE B 164 11.44 -3.98 2.28
C PHE B 164 12.19 -4.19 3.59
N TRP B 165 11.68 -5.04 4.49
CA TRP B 165 12.31 -5.18 5.80
C TRP B 165 13.66 -5.88 5.67
N LEU B 166 13.84 -6.58 4.55
CA LEU B 166 15.09 -7.25 4.21
C LEU B 166 15.96 -6.46 3.25
N ALA B 167 15.61 -5.21 2.98
CA ALA B 167 16.35 -4.42 1.99
C ALA B 167 17.84 -4.24 2.31
N SER B 168 18.22 -4.27 3.57
CA SER B 168 19.62 -4.05 3.90
C SER B 168 20.48 -5.21 3.43
N LEU B 169 19.87 -6.37 3.23
CA LEU B 169 20.62 -7.56 2.78
C LEU B 169 21.24 -7.37 1.39
N ALA B 170 20.77 -6.37 0.66
CA ALA B 170 21.36 -6.01 -0.62
C ALA B 170 22.63 -5.21 -0.43
N ASP B 171 22.89 -4.71 0.78
CA ASP B 171 24.06 -3.86 1.06
C ASP B 171 25.09 -4.44 2.04
N THR B 172 24.65 -4.92 3.22
CA THR B 172 25.62 -5.30 4.27
C THR B 172 26.28 -6.63 4.04
N ARG B 173 27.39 -6.81 4.76
CA ARG B 173 28.27 -7.97 4.66
C ARG B 173 27.99 -9.01 5.75
N ALA B 174 27.19 -8.61 6.74
CA ALA B 174 26.73 -9.45 7.84
C ALA B 174 25.48 -8.83 8.43
N ALA B 175 24.58 -9.65 8.97
CA ALA B 175 23.31 -9.14 9.51
C ALA B 175 22.90 -9.82 10.81
N LEU B 176 22.18 -9.10 11.66
CA LEU B 176 21.74 -9.65 12.94
C LEU B 176 20.25 -9.58 13.17
N VAL B 177 19.69 -10.68 13.67
CA VAL B 177 18.35 -10.68 14.21
C VAL B 177 18.43 -10.92 15.72
N ASP B 178 18.04 -9.90 16.48
CA ASP B 178 18.23 -9.87 17.92
C ASP B 178 16.94 -10.26 18.62
N ASP B 179 17.03 -11.27 19.50
CA ASP B 179 15.86 -11.83 20.22
C ASP B 179 14.80 -12.39 19.28
N ALA B 180 15.12 -13.50 18.65
CA ALA B 180 14.15 -14.19 17.80
C ALA B 180 13.13 -14.89 18.68
N THR B 181 11.88 -14.44 18.61
CA THR B 181 10.81 -15.08 19.35
C THR B 181 10.31 -16.27 18.53
N HIS B 182 9.28 -16.96 19.01
CA HIS B 182 8.71 -18.09 18.28
C HIS B 182 8.12 -17.65 16.94
N ALA B 183 7.43 -16.52 16.94
CA ALA B 183 6.93 -15.90 15.72
C ALA B 183 8.07 -15.66 14.74
N CYS B 184 9.18 -15.16 15.24
CA CYS B 184 10.34 -14.91 14.42
C CYS B 184 10.89 -16.21 13.81
N TRP B 185 11.14 -17.20 14.65
CA TRP B 185 11.67 -18.45 14.16
C TRP B 185 10.76 -19.10 13.12
N ARG B 186 9.45 -19.04 13.35
CA ARG B 186 8.54 -19.62 12.38
C ARG B 186 8.60 -18.93 11.03
N TYR B 187 8.64 -17.59 11.04
CA TYR B 187 8.72 -16.86 9.79
C TYR B 187 9.95 -17.30 9.02
N PHE B 188 11.08 -17.35 9.72
CA PHE B 188 12.29 -17.82 9.09
C PHE B 188 12.16 -19.21 8.53
N ASP B 189 11.57 -20.11 9.31
CA ASP B 189 11.35 -21.49 8.88
C ASP B 189 10.52 -21.56 7.61
N THR B 190 9.42 -20.82 7.57
CA THR B 190 8.52 -20.82 6.42
C THR B 190 9.09 -20.12 5.18
N TYR B 191 9.69 -18.95 5.35
CA TYR B 191 9.96 -18.09 4.23
C TYR B 191 11.42 -17.92 3.86
N LEU B 192 12.31 -18.20 4.81
CA LEU B 192 13.69 -17.76 4.68
C LEU B 192 14.74 -18.83 4.90
N ARG B 193 14.38 -20.07 4.58
CA ARG B 193 15.35 -21.15 4.61
C ARG B 193 16.54 -20.79 3.74
N ASN B 194 16.28 -20.45 2.48
CA ASN B 194 17.35 -20.08 1.55
C ASN B 194 18.23 -18.93 2.04
N ALA B 195 17.63 -17.93 2.67
CA ALA B 195 18.41 -16.81 3.24
C ALA B 195 19.30 -17.22 4.41
N LEU B 196 18.89 -18.24 5.16
CA LEU B 196 19.67 -18.76 6.28
C LEU B 196 20.82 -19.60 5.76
N ASP B 197 20.61 -20.25 4.63
CA ASP B 197 21.64 -21.07 3.98
C ASP B 197 22.69 -20.19 3.29
N GLY B 198 22.34 -18.92 3.08
CA GLY B 198 23.18 -18.00 2.35
C GLY B 198 23.13 -18.23 0.85
N TYR B 199 22.01 -18.76 0.34
CA TYR B 199 21.79 -18.83 -1.09
C TYR B 199 21.33 -17.45 -1.63
N PRO B 200 21.33 -17.27 -2.97
CA PRO B 200 20.76 -16.05 -3.57
C PRO B 200 19.32 -15.85 -3.17
N VAL B 201 18.91 -14.59 -3.03
CA VAL B 201 17.49 -14.23 -2.82
C VAL B 201 17.15 -12.89 -3.48
N SER B 202 15.91 -12.79 -3.98
CA SER B 202 15.42 -11.54 -4.58
C SER B 202 15.09 -10.51 -3.49
N ILE B 203 15.87 -9.44 -3.47
CA ILE B 203 15.77 -8.43 -2.42
C ILE B 203 15.11 -7.19 -2.98
N ASP B 204 14.03 -6.77 -2.33
CA ASP B 204 13.28 -5.63 -2.80
C ASP B 204 13.82 -4.38 -2.19
N ARG B 205 13.97 -3.37 -3.03
CA ARG B 205 14.55 -2.11 -2.60
C ARG B 205 13.61 -1.00 -2.99
N LYS B 206 13.66 0.11 -2.26
CA LYS B 206 12.62 1.13 -2.32
C LYS B 206 12.41 1.78 -3.69
N HIS B 207 13.39 2.54 -4.14
CA HIS B 207 13.20 3.24 -5.38
C HIS B 207 13.95 2.51 -6.50
N LYS B 208 14.59 1.39 -6.14
CA LYS B 208 15.41 0.63 -7.07
C LYS B 208 14.70 -0.67 -7.50
N ALA B 209 15.27 -1.33 -8.50
CA ALA B 209 14.80 -2.65 -8.94
C ALA B 209 15.22 -3.71 -7.93
N ALA B 210 14.53 -4.85 -7.92
CA ALA B 210 14.93 -5.97 -7.08
C ALA B 210 16.32 -6.46 -7.49
N VAL B 211 17.15 -6.82 -6.53
CA VAL B 211 18.40 -7.50 -6.82
C VAL B 211 18.36 -8.93 -6.31
N GLN B 212 18.88 -9.86 -7.10
CA GLN B 212 19.12 -11.20 -6.65
C GLN B 212 20.53 -11.23 -6.07
N ILE B 213 20.66 -11.63 -4.80
CA ILE B 213 21.92 -11.51 -4.09
C ILE B 213 22.09 -12.63 -3.09
N LYS B 214 23.34 -13.07 -2.93
CA LYS B 214 23.66 -14.02 -1.88
C LYS B 214 23.33 -13.36 -0.54
N ALA B 215 22.43 -13.99 0.19
CA ALA B 215 22.07 -13.55 1.52
C ALA B 215 23.35 -13.62 2.33
N PRO B 216 23.68 -12.55 3.04
CA PRO B 216 24.98 -12.55 3.71
C PRO B 216 24.95 -13.35 5.01
N PRO B 217 26.11 -13.59 5.62
CA PRO B 217 26.19 -14.30 6.90
C PRO B 217 25.26 -13.72 7.98
N LEU B 218 24.63 -14.61 8.74
CA LEU B 218 23.60 -14.22 9.69
C LEU B 218 23.93 -14.51 11.15
N LEU B 219 23.53 -13.60 12.03
CA LEU B 219 23.60 -13.82 13.46
C LEU B 219 22.21 -13.75 14.05
N VAL B 220 21.94 -14.59 15.03
CA VAL B 220 20.68 -14.55 15.74
C VAL B 220 20.93 -14.76 17.23
N THR B 221 20.23 -13.98 18.05
CA THR B 221 20.20 -14.22 19.48
C THR B 221 18.77 -14.59 19.84
N SER B 222 18.62 -15.45 20.84
CA SER B 222 17.31 -15.97 21.19
C SER B 222 17.36 -16.68 22.53
N ASN B 223 16.20 -16.78 23.16
CA ASN B 223 16.03 -17.62 24.34
C ASN B 223 15.60 -19.03 23.93
N ILE B 224 15.20 -19.19 22.66
CA ILE B 224 14.65 -20.44 22.13
C ILE B 224 15.74 -21.29 21.48
N ASP B 225 15.87 -22.51 21.97
CA ASP B 225 16.82 -23.46 21.43
C ASP B 225 16.21 -24.23 20.26
N VAL B 226 16.55 -23.82 19.04
CA VAL B 226 15.98 -24.44 17.85
C VAL B 226 16.40 -25.89 17.67
N GLN B 227 17.65 -26.21 18.02
CA GLN B 227 18.18 -27.56 17.85
C GLN B 227 17.41 -28.57 18.70
N ALA B 228 16.90 -28.12 19.84
CA ALA B 228 16.18 -28.99 20.76
C ALA B 228 14.72 -29.16 20.37
N GLU B 229 14.23 -28.31 19.49
CA GLU B 229 12.81 -28.37 19.10
C GLU B 229 12.47 -29.06 17.81
N ASP B 230 11.55 -30.02 17.93
CA ASP B 230 11.16 -30.88 16.82
C ASP B 230 10.45 -30.07 15.75
N ARG B 231 9.73 -29.03 16.17
CA ARG B 231 8.94 -28.25 15.23
C ARG B 231 9.80 -27.28 14.43
N TYR B 232 11.06 -27.15 14.82
CA TYR B 232 12.04 -26.38 14.05
C TYR B 232 13.07 -27.30 13.44
N LEU B 233 12.63 -28.53 13.15
CA LEU B 233 13.45 -29.57 12.56
C LEU B 233 14.27 -29.05 11.40
N TYR B 234 13.61 -28.40 10.46
CA TYR B 234 14.26 -28.01 9.22
C TYR B 234 15.28 -26.88 9.37
N LEU B 235 15.41 -26.36 10.59
CA LEU B 235 16.40 -25.32 10.91
C LEU B 235 17.65 -25.91 11.53
N HIS B 236 17.53 -27.13 12.06
CA HIS B 236 18.63 -27.78 12.79
C HIS B 236 19.93 -27.80 12.00
N SER B 237 19.80 -28.17 10.73
CA SER B 237 20.94 -28.28 9.83
C SER B 237 21.59 -26.94 9.42
N ARG B 238 20.80 -25.88 9.32
CA ARG B 238 21.33 -24.59 8.84
C ARG B 238 21.73 -23.59 9.94
N VAL B 239 21.55 -24.01 11.19
CA VAL B 239 21.83 -23.13 12.33
C VAL B 239 22.82 -23.75 13.31
N GLN B 240 23.99 -23.12 13.44
CA GLN B 240 24.96 -23.50 14.47
C GLN B 240 24.68 -22.73 15.74
N THR B 241 24.51 -23.48 16.83
CA THR B 241 24.04 -22.93 18.09
C THR B 241 25.19 -22.86 19.10
N PHE B 242 25.36 -21.69 19.69
CA PHE B 242 26.24 -21.52 20.84
C PHE B 242 25.37 -21.23 22.04
N ARG B 243 25.43 -22.11 23.05
CA ARG B 243 24.61 -21.98 24.23
C ARG B 243 25.33 -21.14 25.27
N PHE B 244 24.75 -19.99 25.63
CA PHE B 244 25.28 -19.16 26.71
C PHE B 244 24.45 -19.34 27.99
N GLU B 245 24.99 -20.07 28.95
CA GLU B 245 24.24 -20.44 30.15
C GLU B 245 24.52 -19.55 31.37
N GLN B 246 25.75 -19.05 31.46
CA GLN B 246 26.21 -18.30 32.62
C GLN B 246 25.80 -16.83 32.61
N PRO B 247 25.20 -16.36 33.71
CA PRO B 247 24.78 -14.95 33.89
C PRO B 247 25.97 -13.98 33.95
N CYS B 248 25.81 -12.75 33.46
CA CYS B 248 26.94 -11.78 33.49
C CYS B 248 26.71 -10.40 34.14
N THR B 249 25.81 -9.60 33.57
CA THR B 249 25.55 -8.27 34.15
C THR B 249 24.13 -8.20 34.74
N PRO B 256 29.42 -5.07 32.76
CA PRO B 256 30.73 -5.54 33.20
C PRO B 256 31.55 -6.15 32.05
N PHE B 257 31.12 -7.30 31.54
CA PHE B 257 31.70 -7.87 30.33
C PHE B 257 31.26 -7.00 29.16
N ASN B 258 32.22 -6.53 28.37
CA ASN B 258 31.94 -5.50 27.38
C ASN B 258 32.95 -5.43 26.24
N ILE B 259 32.64 -6.13 25.15
CA ILE B 259 33.53 -6.25 24.01
C ILE B 259 33.45 -5.00 23.15
N THR B 260 34.59 -4.35 22.93
CA THR B 260 34.66 -3.15 22.09
C THR B 260 34.99 -3.50 20.65
N ASP B 261 35.08 -2.50 19.79
CA ASP B 261 35.63 -2.67 18.45
C ASP B 261 37.09 -3.07 18.49
N ALA B 262 37.88 -2.37 19.31
CA ALA B 262 39.29 -2.65 19.41
C ALA B 262 39.55 -4.11 19.79
N ASP B 263 38.62 -4.69 20.56
CA ASP B 263 38.71 -6.09 20.94
C ASP B 263 38.63 -6.98 19.72
N TRP B 264 37.69 -6.68 18.83
CA TRP B 264 37.54 -7.41 17.57
C TRP B 264 38.70 -7.19 16.62
N LYS B 265 39.23 -5.97 16.58
CA LYS B 265 40.39 -5.66 15.78
C LYS B 265 41.53 -6.58 16.20
N SER B 266 41.79 -6.62 17.49
CA SER B 266 42.79 -7.51 18.08
C SER B 266 42.51 -8.95 17.67
N PHE B 267 41.24 -9.33 17.77
CA PHE B 267 40.79 -10.68 17.49
C PHE B 267 41.12 -11.11 16.07
N PHE B 268 40.74 -10.29 15.09
CA PHE B 268 40.97 -10.64 13.68
C PHE B 268 42.46 -10.58 13.29
N VAL B 269 43.18 -9.59 13.80
CA VAL B 269 44.62 -9.47 13.56
C VAL B 269 45.37 -10.69 14.08
N ARG B 270 45.10 -11.09 15.33
CA ARG B 270 45.69 -12.31 15.92
C ARG B 270 45.35 -13.55 15.15
N LEU B 271 44.08 -13.67 14.77
CA LEU B 271 43.57 -14.91 14.21
C LEU B 271 43.31 -14.81 12.72
N TRP B 272 44.08 -13.96 12.05
CA TRP B 272 43.96 -13.76 10.60
C TRP B 272 44.16 -15.04 9.81
N GLY B 273 45.34 -15.66 9.98
CA GLY B 273 45.64 -16.92 9.32
C GLY B 273 44.69 -18.02 9.78
N ARG B 274 44.49 -18.09 11.09
CA ARG B 274 43.70 -19.15 11.70
C ARG B 274 42.22 -19.08 11.36
N LEU B 275 41.78 -17.92 10.85
CA LEU B 275 40.41 -17.71 10.36
C LEU B 275 40.38 -17.78 8.84
N ASP B 276 41.49 -18.23 8.26
CA ASP B 276 41.64 -18.36 6.81
C ASP B 276 41.17 -17.10 6.08
N LEU B 277 42.05 -16.11 5.99
CA LEU B 277 41.70 -14.87 5.32
C LEU B 277 42.79 -14.44 4.32
N ILE B 278 43.59 -15.42 3.90
CA ILE B 278 44.63 -15.25 2.86
C ILE B 278 45.02 -13.80 2.59
N THR C 1 -7.30 36.33 6.00
CA THR C 1 -5.96 36.04 5.41
C THR C 1 -5.95 36.60 3.98
N LEU C 2 -4.78 37.07 3.53
CA LEU C 2 -4.53 37.38 2.10
C LEU C 2 -3.56 36.37 1.48
N ASN C 3 -3.94 35.78 0.34
CA ASN C 3 -3.13 34.77 -0.35
C ASN C 3 -2.56 35.22 -1.70
N GLU C 4 -3.04 36.33 -2.23
CA GLU C 4 -2.50 36.88 -3.47
C GLU C 4 -1.55 38.04 -3.14
N SER C 5 -1.57 39.09 -3.96
CA SER C 5 -0.76 40.30 -3.75
C SER C 5 -1.29 41.50 -4.54
N LYS C 10 11.82 38.97 -6.36
CA LYS C 10 12.22 37.61 -6.71
C LYS C 10 12.45 36.70 -5.47
N PHE C 11 11.72 35.59 -5.40
CA PHE C 11 11.66 34.75 -4.20
C PHE C 11 12.93 33.96 -3.92
N ASP C 12 13.42 34.04 -2.67
CA ASP C 12 14.55 33.21 -2.25
C ASP C 12 14.08 32.15 -1.27
N PHE C 13 14.33 30.89 -1.61
CA PHE C 13 13.90 29.76 -0.80
C PHE C 13 14.57 29.80 0.57
N GLY C 14 15.89 29.90 0.56
CA GLY C 14 16.69 29.93 1.79
C GLY C 14 16.18 30.83 2.89
N THR C 15 15.70 32.02 2.51
CA THR C 15 15.16 32.99 3.45
C THR C 15 13.90 32.47 4.12
N MET C 16 13.05 31.83 3.31
CA MET C 16 11.86 31.19 3.85
C MET C 16 12.24 30.11 4.85
N VAL C 17 13.23 29.30 4.49
CA VAL C 17 13.70 28.24 5.39
C VAL C 17 14.24 28.85 6.66
N GLN C 18 15.12 29.84 6.49
CA GLN C 18 15.69 30.55 7.62
C GLN C 18 14.56 30.92 8.57
N TRP C 19 13.55 31.57 8.02
CA TRP C 19 12.40 32.02 8.78
C TRP C 19 11.80 30.84 9.53
N ALA C 20 11.40 29.82 8.77
CA ALA C 20 10.73 28.62 9.31
C ALA C 20 11.55 28.01 10.43
N TYR C 21 12.83 27.83 10.17
CA TYR C 21 13.76 27.34 11.18
C TYR C 21 13.73 28.19 12.45
N ASP C 22 13.89 29.51 12.29
CA ASP C 22 13.89 30.44 13.42
C ASP C 22 12.65 30.27 14.30
N HIS C 23 11.48 30.24 13.69
CA HIS C 23 10.22 30.07 14.39
C HIS C 23 9.95 28.60 14.79
N LYS C 24 10.86 27.71 14.43
CA LYS C 24 10.70 26.27 14.66
C LYS C 24 9.43 25.72 14.01
N TYR C 25 8.97 26.37 12.95
CA TYR C 25 7.81 25.90 12.22
C TYR C 25 8.23 24.75 11.31
N ALA C 26 7.75 23.55 11.62
CA ALA C 26 8.16 22.36 10.88
C ALA C 26 7.05 21.74 10.06
N GLU C 27 5.82 22.22 10.19
CA GLU C 27 4.82 21.59 9.39
C GLU C 27 4.04 22.35 8.37
N GLU C 28 3.91 21.72 7.21
CA GLU C 28 3.55 22.40 5.97
C GLU C 28 2.43 23.41 6.11
N SER C 29 1.34 23.01 6.76
CA SER C 29 0.19 23.89 6.90
C SER C 29 0.55 25.14 7.67
N LYS C 30 1.16 24.96 8.84
CA LYS C 30 1.62 26.08 9.64
C LYS C 30 2.56 26.99 8.86
N ILE C 31 3.63 26.41 8.30
CA ILE C 31 4.56 27.16 7.46
C ILE C 31 3.86 27.99 6.39
N ALA C 32 3.02 27.34 5.58
CA ALA C 32 2.31 28.02 4.50
C ALA C 32 1.55 29.23 5.03
N TYR C 33 0.71 28.96 6.02
CA TYR C 33 -0.23 29.94 6.56
C TYR C 33 0.51 31.10 7.19
N GLU C 34 1.43 30.74 8.09
CA GLU C 34 2.16 31.70 8.89
C GLU C 34 3.03 32.60 8.02
N TYR C 35 3.58 32.03 6.95
CA TYR C 35 4.37 32.81 6.00
C TYR C 35 3.49 33.78 5.21
N ALA C 36 2.32 33.31 4.81
CA ALA C 36 1.37 34.11 4.06
C ALA C 36 0.97 35.33 4.87
N LEU C 37 1.03 35.19 6.19
CA LEU C 37 0.78 36.31 7.09
C LEU C 37 1.93 37.29 7.08
N ALA C 38 3.16 36.79 7.23
CA ALA C 38 4.38 37.62 7.18
C ALA C 38 4.43 38.50 5.93
N ALA C 39 3.60 38.17 4.93
CA ALA C 39 3.56 38.86 3.64
C ALA C 39 3.30 40.38 3.69
N GLY C 40 2.63 40.84 4.75
CA GLY C 40 2.31 42.25 4.89
C GLY C 40 3.55 43.10 5.07
N SER C 41 4.54 42.55 5.77
CA SER C 41 5.76 43.27 6.10
C SER C 41 7.01 42.47 5.77
N ASP C 42 6.93 41.63 4.73
CA ASP C 42 8.08 40.85 4.27
C ASP C 42 8.01 40.64 2.76
N SER C 43 9.00 41.21 2.06
CA SER C 43 9.02 41.20 0.59
C SER C 43 9.23 39.79 0.05
N ASN C 44 9.94 38.96 0.81
CA ASN C 44 10.14 37.57 0.43
C ASN C 44 8.87 36.74 0.60
N ALA C 45 8.08 37.07 1.62
CA ALA C 45 6.79 36.45 1.82
C ALA C 45 5.82 36.92 0.73
N ARG C 46 5.93 38.19 0.35
CA ARG C 46 5.18 38.76 -0.77
C ARG C 46 5.52 38.03 -2.06
N ALA C 47 6.83 37.89 -2.32
CA ALA C 47 7.34 37.22 -3.53
C ALA C 47 6.93 35.74 -3.62
N PHE C 48 6.79 35.11 -2.46
CA PHE C 48 6.31 33.75 -2.31
C PHE C 48 4.88 33.56 -2.84
N LEU C 49 4.02 34.53 -2.57
CA LEU C 49 2.64 34.48 -3.03
C LEU C 49 2.50 34.82 -4.53
N ALA C 50 3.58 35.33 -5.12
CA ALA C 50 3.63 35.65 -6.55
C ALA C 50 4.03 34.47 -7.42
N THR C 51 4.75 33.50 -6.82
CA THR C 51 5.18 32.29 -7.56
C THR C 51 4.07 31.29 -7.74
N ASN C 52 4.11 30.60 -8.87
CA ASN C 52 3.14 29.57 -9.21
C ASN C 52 3.54 28.21 -8.68
N SER C 53 4.62 28.17 -7.92
CA SER C 53 5.13 26.91 -7.40
C SER C 53 5.12 26.85 -5.86
N GLN C 54 4.38 27.79 -5.26
CA GLN C 54 4.36 27.92 -3.80
C GLN C 54 4.07 26.60 -3.09
N ALA C 55 3.20 25.80 -3.69
CA ALA C 55 2.87 24.48 -3.15
C ALA C 55 4.10 23.64 -2.82
N LYS C 56 5.01 23.50 -3.79
CA LYS C 56 6.22 22.72 -3.56
C LYS C 56 7.25 23.43 -2.67
N HIS C 57 7.23 24.76 -2.62
CA HIS C 57 8.13 25.47 -1.72
C HIS C 57 7.77 25.21 -0.27
N VAL C 58 6.48 25.23 0.02
CA VAL C 58 6.01 24.92 1.36
C VAL C 58 6.43 23.51 1.72
N LYS C 59 6.27 22.60 0.77
CA LYS C 59 6.65 21.19 0.93
C LYS C 59 8.13 21.04 1.21
N ASP C 60 8.95 21.64 0.34
CA ASP C 60 10.39 21.60 0.47
C ASP C 60 10.88 22.28 1.73
N CYS C 61 10.25 23.40 2.09
CA CYS C 61 10.61 24.09 3.32
C CYS C 61 10.44 23.17 4.52
N ALA C 62 9.28 22.55 4.64
CA ALA C 62 9.05 21.61 5.71
C ALA C 62 10.14 20.53 5.73
N THR C 63 10.42 19.94 4.57
CA THR C 63 11.46 18.93 4.46
C THR C 63 12.77 19.46 5.04
N MET C 64 13.14 20.65 4.58
CA MET C 64 14.42 21.27 4.89
C MET C 64 14.55 21.58 6.38
N VAL C 65 13.49 22.13 6.97
CA VAL C 65 13.47 22.40 8.40
C VAL C 65 13.61 21.12 9.22
N ARG C 66 12.78 20.09 8.96
CA ARG C 66 12.97 18.82 9.69
C ARG C 66 14.34 18.19 9.51
N HIS C 67 14.98 18.34 8.34
CA HIS C 67 16.39 17.93 8.18
C HIS C 67 17.26 18.58 9.25
N TYR C 68 17.22 19.92 9.29
CA TYR C 68 18.02 20.69 10.21
C TYR C 68 17.71 20.33 11.66
N LEU C 69 16.42 20.36 11.99
CA LEU C 69 15.96 20.14 13.37
C LEU C 69 16.38 18.78 13.86
N ARG C 70 16.15 17.76 13.04
CA ARG C 70 16.55 16.41 13.38
C ARG C 70 18.05 16.37 13.59
N ALA C 71 18.78 16.88 12.61
CA ALA C 71 20.23 16.82 12.62
C ALA C 71 20.81 17.49 13.84
N GLU C 72 20.26 18.62 14.26
CA GLU C 72 20.81 19.32 15.42
C GLU C 72 20.47 18.66 16.75
N THR C 73 19.30 18.01 16.81
CA THR C 73 18.91 17.18 17.96
C THR C 73 19.82 15.96 18.09
N GLN C 74 20.03 15.26 16.97
CA GLN C 74 20.89 14.06 16.97
C GLN C 74 22.34 14.35 17.35
N ALA C 75 22.82 15.55 17.00
CA ALA C 75 24.21 15.93 17.25
C ALA C 75 24.57 16.14 18.72
N LEU C 76 23.59 16.47 19.55
CA LEU C 76 23.84 16.84 20.95
C LEU C 76 23.96 15.63 21.82
N SER C 77 24.92 15.66 22.75
CA SER C 77 24.95 14.65 23.81
C SER C 77 23.71 14.78 24.68
N MET C 78 23.33 13.71 25.39
CA MET C 78 22.22 13.79 26.31
C MET C 78 22.34 14.96 27.30
N PRO C 79 23.53 15.17 27.91
CA PRO C 79 23.70 16.36 28.74
C PRO C 79 23.39 17.66 27.99
N ALA C 80 24.12 17.91 26.91
CA ALA C 80 23.92 19.09 26.09
C ALA C 80 22.44 19.25 25.71
N TYR C 81 21.78 18.13 25.44
CA TYR C 81 20.39 18.12 25.01
C TYR C 81 19.44 18.57 26.12
N ILE C 82 19.54 17.93 27.28
CA ILE C 82 18.75 18.30 28.44
C ILE C 82 18.99 19.77 28.81
N LYS C 83 20.25 20.18 28.73
CA LYS C 83 20.66 21.57 28.91
C LYS C 83 19.77 22.49 28.08
N ALA C 84 19.68 22.23 26.78
CA ALA C 84 18.84 23.01 25.88
C ALA C 84 17.37 22.95 26.27
N ARG C 85 16.94 21.80 26.80
CA ARG C 85 15.55 21.60 27.21
C ARG C 85 15.24 22.42 28.45
N CYS C 86 16.22 22.53 29.34
CA CYS C 86 16.10 23.35 30.53
C CYS C 86 15.98 24.81 30.12
N LYS C 87 16.83 25.22 29.18
CA LYS C 87 16.81 26.59 28.66
C LYS C 87 15.42 26.95 28.15
N LEU C 88 14.75 25.97 27.57
CA LEU C 88 13.47 26.17 26.92
C LEU C 88 12.32 26.34 27.90
N ALA C 89 12.33 25.58 28.99
CA ALA C 89 11.24 25.63 29.97
C ALA C 89 11.11 27.01 30.60
N THR C 90 9.87 27.38 30.94
CA THR C 90 9.61 28.61 31.71
C THR C 90 8.57 28.41 32.82
N GLY C 91 8.50 29.40 33.71
CA GLY C 91 7.49 29.42 34.76
C GLY C 91 8.05 29.09 36.13
N GLU C 92 7.16 29.07 37.12
CA GLU C 92 7.51 28.70 38.49
C GLU C 92 7.57 27.19 38.64
N GLY C 93 8.60 26.72 39.34
CA GLY C 93 8.78 25.29 39.52
C GLY C 93 9.71 24.91 40.64
N SER C 94 9.58 23.66 41.07
CA SER C 94 10.44 23.07 42.08
C SER C 94 10.46 21.56 41.95
N TRP C 95 11.66 20.99 42.06
CA TRP C 95 11.84 19.54 42.10
C TRP C 95 11.03 18.92 43.25
N LYS C 96 10.68 19.74 44.25
CA LYS C 96 9.88 19.27 45.37
C LYS C 96 8.57 18.70 44.89
N SER C 97 7.96 19.34 43.88
CA SER C 97 6.76 18.80 43.25
C SER C 97 6.94 17.33 42.93
N ILE C 98 8.07 17.01 42.30
CA ILE C 98 8.40 15.65 41.90
C ILE C 98 8.69 14.76 43.11
N LEU C 99 9.46 15.27 44.07
CA LEU C 99 9.73 14.54 45.30
C LEU C 99 8.43 14.21 46.02
N THR C 100 7.60 15.24 46.21
CA THR C 100 6.29 15.10 46.86
C THR C 100 5.52 13.95 46.22
N PHE C 101 5.49 13.93 44.90
CA PHE C 101 4.70 12.92 44.22
C PHE C 101 5.20 11.49 44.39
N PHE C 102 6.50 11.29 44.22
CA PHE C 102 7.11 9.98 44.46
C PHE C 102 6.94 9.56 45.91
N ASN C 103 7.10 10.51 46.82
CA ASN C 103 6.84 10.26 48.23
C ASN C 103 5.38 9.87 48.45
N TYR C 104 4.47 10.54 47.73
CA TYR C 104 3.05 10.26 47.82
C TYR C 104 2.77 8.81 47.41
N GLN C 105 3.51 8.34 46.41
CA GLN C 105 3.37 6.98 45.93
C GLN C 105 4.26 6.02 46.72
N ASN C 106 4.73 6.47 47.87
CA ASN C 106 5.63 5.70 48.75
C ASN C 106 6.92 5.20 48.08
N ILE C 107 7.55 6.05 47.29
CA ILE C 107 8.78 5.73 46.58
C ILE C 107 9.83 6.76 46.89
N GLU C 108 11.02 6.33 47.34
CA GLU C 108 12.12 7.25 47.59
C GLU C 108 12.62 7.81 46.29
N LEU C 109 12.87 9.10 46.29
CA LEU C 109 13.28 9.77 45.08
C LEU C 109 14.57 9.19 44.52
N ILE C 110 15.46 8.76 45.40
CA ILE C 110 16.74 8.20 44.96
C ILE C 110 16.57 6.96 44.07
N THR C 111 15.59 6.11 44.37
CA THR C 111 15.28 4.94 43.54
C THR C 111 15.04 5.37 42.11
N PHE C 112 14.29 6.46 41.94
CA PHE C 112 13.98 7.04 40.63
C PHE C 112 15.18 7.70 40.01
N ILE C 113 15.94 8.45 40.80
CA ILE C 113 17.18 9.09 40.34
C ILE C 113 18.19 8.07 39.77
N ASN C 114 18.47 7.01 40.54
CA ASN C 114 19.28 5.89 40.08
C ASN C 114 18.83 5.31 38.74
N ALA C 115 17.55 4.95 38.64
CA ALA C 115 16.99 4.37 37.41
C ALA C 115 17.08 5.34 36.25
N LEU C 116 16.76 6.61 36.52
CA LEU C 116 16.74 7.65 35.48
C LEU C 116 18.13 7.95 34.94
N LYS C 117 19.11 8.01 35.85
CA LYS C 117 20.51 8.19 35.47
C LYS C 117 20.94 7.21 34.36
N LEU C 118 20.54 5.95 34.50
CA LEU C 118 20.94 4.89 33.57
C LEU C 118 20.11 4.94 32.31
N TRP C 119 18.79 5.11 32.51
CA TRP C 119 17.82 5.25 31.43
C TRP C 119 18.26 6.34 30.43
N LEU C 120 18.75 7.47 30.95
CA LEU C 120 19.19 8.61 30.11
C LEU C 120 20.40 8.28 29.27
N LYS C 121 21.24 7.39 29.80
CA LYS C 121 22.43 6.94 29.09
C LYS C 121 22.09 5.87 28.06
N GLY C 122 20.85 5.38 28.13
CA GLY C 122 20.38 4.33 27.25
C GLY C 122 21.21 3.07 27.38
N ILE C 123 21.39 2.62 28.62
CA ILE C 123 22.15 1.41 28.87
C ILE C 123 21.24 0.20 28.60
N PRO C 124 21.75 -0.78 27.84
CA PRO C 124 21.02 -2.01 27.55
C PRO C 124 20.31 -2.61 28.75
N LYS C 125 19.12 -3.15 28.53
CA LYS C 125 18.27 -3.72 29.57
C LYS C 125 17.81 -2.71 30.64
N LYS C 126 18.24 -1.45 30.49
CA LYS C 126 17.92 -0.37 31.43
C LYS C 126 17.23 0.80 30.69
N ASN C 127 16.85 0.54 29.45
CA ASN C 127 16.41 1.60 28.53
C ASN C 127 14.92 1.87 28.63
N CYS C 128 14.26 1.20 29.57
CA CYS C 128 12.83 1.23 29.62
C CYS C 128 12.29 1.28 31.05
N LEU C 129 11.59 2.36 31.36
CA LEU C 129 10.97 2.52 32.66
C LEU C 129 9.47 2.46 32.47
N ALA C 130 8.83 1.61 33.29
CA ALA C 130 7.38 1.44 33.24
C ALA C 130 6.72 1.86 34.53
N PHE C 131 5.69 2.69 34.38
CA PHE C 131 4.91 3.19 35.49
C PHE C 131 3.58 2.46 35.49
N ILE C 132 3.34 1.75 36.58
CA ILE C 132 2.33 0.71 36.62
C ILE C 132 1.45 0.80 37.86
N GLY C 133 0.14 0.67 37.66
CA GLY C 133 -0.81 0.68 38.77
C GLY C 133 -2.27 0.78 38.36
N PRO C 134 -3.18 0.72 39.33
CA PRO C 134 -4.61 0.88 39.04
C PRO C 134 -4.87 2.28 38.49
N PRO C 135 -6.06 2.50 37.91
CA PRO C 135 -6.41 3.80 37.33
C PRO C 135 -6.28 4.99 38.27
N ASN C 136 -5.94 6.14 37.69
CA ASN C 136 -5.87 7.42 38.39
C ASN C 136 -4.83 7.51 39.48
N THR C 137 -3.62 7.08 39.15
CA THR C 137 -2.51 7.12 40.09
C THR C 137 -1.37 8.00 39.55
N GLY C 138 -1.74 8.91 38.63
CA GLY C 138 -0.78 9.87 38.08
C GLY C 138 0.33 9.29 37.21
N LYS C 139 0.12 8.08 36.70
CA LYS C 139 1.07 7.43 35.78
C LYS C 139 1.25 8.23 34.48
N SER C 140 0.19 8.32 33.68
CA SER C 140 0.19 9.14 32.46
C SER C 140 0.54 10.58 32.78
N MET C 141 0.03 11.07 33.89
CA MET C 141 0.33 12.40 34.39
C MET C 141 1.83 12.69 34.39
N LEU C 142 2.59 11.87 35.13
CA LEU C 142 4.03 12.08 35.29
C LEU C 142 4.81 11.86 34.00
N CYS C 143 4.55 10.73 33.35
CA CYS C 143 5.31 10.37 32.15
C CYS C 143 5.14 11.42 31.07
N ASN C 144 3.92 11.88 30.88
CA ASN C 144 3.65 12.89 29.89
C ASN C 144 4.35 14.22 30.15
N SER C 145 4.40 14.62 31.41
CA SER C 145 5.08 15.86 31.79
C SER C 145 6.58 15.78 31.49
N LEU C 146 7.15 14.59 31.66
CA LEU C 146 8.57 14.37 31.45
C LEU C 146 8.89 14.35 29.97
N ILE C 147 8.10 13.57 29.24
CA ILE C 147 8.19 13.52 27.79
C ILE C 147 8.00 14.90 27.19
N HIS C 148 7.08 15.68 27.76
CA HIS C 148 6.90 17.05 27.31
C HIS C 148 8.16 17.86 27.54
N PHE C 149 8.67 17.86 28.79
CA PHE C 149 9.89 18.60 29.09
C PHE C 149 11.03 18.22 28.17
N LEU C 150 11.14 16.93 27.87
CA LEU C 150 12.26 16.42 27.09
C LEU C 150 12.08 16.62 25.60
N GLY C 151 10.87 16.96 25.17
CA GLY C 151 10.54 17.07 23.76
C GLY C 151 10.58 15.70 23.11
N GLY C 152 10.19 14.68 23.88
CA GLY C 152 10.13 13.32 23.38
C GLY C 152 8.83 13.14 22.63
N SER C 153 8.68 11.99 21.97
CA SER C 153 7.46 11.71 21.22
C SER C 153 6.57 10.64 21.85
N VAL C 154 5.29 10.71 21.51
CA VAL C 154 4.33 9.69 21.87
C VAL C 154 4.31 8.68 20.73
N LEU C 155 4.29 7.40 21.08
CA LEU C 155 3.98 6.32 20.13
C LEU C 155 2.52 5.92 20.31
N SER C 156 1.84 5.74 19.17
CA SER C 156 0.46 5.32 19.21
C SER C 156 0.32 3.92 18.66
N PHE C 157 0.24 2.96 19.58
CA PHE C 157 0.04 1.54 19.27
C PHE C 157 -1.15 1.30 18.32
N ALA C 158 -2.14 2.19 18.39
CA ALA C 158 -3.28 2.16 17.50
C ALA C 158 -2.87 2.07 16.04
N ASN C 159 -1.72 2.64 15.71
CA ASN C 159 -1.19 2.62 14.32
C ASN C 159 -0.23 1.47 14.05
N HIS C 160 -0.16 0.51 14.96
CA HIS C 160 0.91 -0.47 14.94
C HIS C 160 0.86 -1.35 13.70
N LYS C 161 -0.28 -1.40 13.04
CA LYS C 161 -0.38 -2.17 11.80
C LYS C 161 0.26 -1.47 10.60
N SER C 162 0.73 -0.24 10.82
CA SER C 162 1.46 0.48 9.83
C SER C 162 2.95 0.20 10.00
N HIS C 163 3.73 0.45 8.92
CA HIS C 163 5.18 0.27 8.95
C HIS C 163 5.86 1.44 9.61
N PHE C 164 5.18 2.56 9.62
CA PHE C 164 5.82 3.79 10.01
C PHE C 164 5.46 4.27 11.42
N TRP C 165 4.80 3.41 12.20
CA TRP C 165 4.34 3.86 13.50
C TRP C 165 5.49 4.10 14.50
N LEU C 166 6.67 3.57 14.18
CA LEU C 166 7.85 3.77 15.00
C LEU C 166 8.78 4.82 14.41
N ALA C 167 8.31 5.51 13.39
CA ALA C 167 9.18 6.40 12.62
C ALA C 167 9.81 7.53 13.44
N SER C 168 9.18 7.90 14.56
CA SER C 168 9.67 9.00 15.39
C SER C 168 10.93 8.61 16.14
N LEU C 169 11.10 7.31 16.32
CA LEU C 169 12.25 6.77 17.02
C LEU C 169 13.55 7.12 16.31
N ALA C 170 13.44 7.48 15.03
CA ALA C 170 14.59 7.93 14.27
C ALA C 170 14.93 9.38 14.60
N ASP C 171 14.05 10.07 15.33
CA ASP C 171 14.24 11.49 15.67
C ASP C 171 14.33 11.86 17.16
N THR C 172 13.47 11.28 17.99
CA THR C 172 13.45 11.72 19.40
C THR C 172 14.53 11.15 20.29
N ARG C 173 14.73 11.83 21.41
CA ARG C 173 15.73 11.45 22.39
C ARG C 173 15.12 10.66 23.51
N ALA C 174 13.78 10.58 23.49
CA ALA C 174 12.97 9.86 24.47
C ALA C 174 11.60 9.60 23.85
N ALA C 175 10.97 8.47 24.22
CA ALA C 175 9.65 8.12 23.68
C ALA C 175 8.72 7.55 24.74
N LEU C 176 7.42 7.71 24.52
CA LEU C 176 6.42 7.19 25.45
C LEU C 176 5.30 6.38 24.80
N VAL C 177 5.00 5.24 25.39
CA VAL C 177 3.81 4.47 25.09
C VAL C 177 2.89 4.54 26.32
N ASP C 178 1.74 5.19 26.14
CA ASP C 178 0.80 5.49 27.22
C ASP C 178 -0.31 4.45 27.22
N ASP C 179 -0.54 3.79 28.35
CA ASP C 179 -1.58 2.74 28.49
C ASP C 179 -1.35 1.52 27.61
N ALA C 180 -0.29 0.79 27.92
CA ALA C 180 -0.04 -0.47 27.26
C ALA C 180 -1.06 -1.49 27.72
N THR C 181 -1.91 -1.93 26.80
CA THR C 181 -2.86 -3.00 27.08
C THR C 181 -2.16 -4.33 26.82
N HIS C 182 -2.85 -5.44 27.08
CA HIS C 182 -2.23 -6.75 26.88
C HIS C 182 -1.75 -6.92 25.45
N ALA C 183 -2.55 -6.49 24.50
CA ALA C 183 -2.18 -6.51 23.08
C ALA C 183 -0.89 -5.75 22.82
N CYS C 184 -0.72 -4.65 23.55
CA CYS C 184 0.47 -3.84 23.39
C CYS C 184 1.69 -4.56 23.95
N TRP C 185 1.60 -5.03 25.19
CA TRP C 185 2.72 -5.74 25.79
C TRP C 185 3.16 -6.91 24.89
N ARG C 186 2.19 -7.63 24.34
CA ARG C 186 2.50 -8.79 23.50
C ARG C 186 3.27 -8.41 22.25
N TYR C 187 2.81 -7.36 21.57
CA TYR C 187 3.50 -6.88 20.40
C TYR C 187 4.96 -6.55 20.74
N PHE C 188 5.17 -5.78 21.79
CA PHE C 188 6.51 -5.49 22.26
C PHE C 188 7.33 -6.72 22.55
N ASP C 189 6.74 -7.67 23.29
CA ASP C 189 7.42 -8.92 23.61
C ASP C 189 7.86 -9.63 22.33
N THR C 190 6.94 -9.75 21.37
CA THR C 190 7.21 -10.50 20.15
C THR C 190 8.22 -9.83 19.22
N TYR C 191 8.09 -8.51 19.04
CA TYR C 191 8.78 -7.83 17.95
C TYR C 191 9.84 -6.82 18.34
N LEU C 192 9.86 -6.39 19.59
CA LEU C 192 10.60 -5.19 19.96
C LEU C 192 11.46 -5.27 21.20
N ARG C 193 11.89 -6.47 21.57
CA ARG C 193 12.76 -6.61 22.73
C ARG C 193 14.03 -5.78 22.58
N ASN C 194 14.63 -5.85 21.40
CA ASN C 194 15.82 -5.08 21.11
C ASN C 194 15.56 -3.59 21.12
N ALA C 195 14.36 -3.18 20.72
CA ALA C 195 14.02 -1.76 20.79
C ALA C 195 13.97 -1.32 22.25
N LEU C 196 13.25 -2.09 23.06
CA LEU C 196 13.21 -1.88 24.50
C LEU C 196 14.61 -1.88 25.09
N ASP C 197 15.42 -2.86 24.67
CA ASP C 197 16.79 -2.96 25.16
C ASP C 197 17.59 -1.69 24.84
N GLY C 198 17.14 -0.93 23.85
CA GLY C 198 17.89 0.22 23.39
C GLY C 198 19.09 -0.15 22.52
N TYR C 199 18.99 -1.28 21.81
CA TYR C 199 19.99 -1.67 20.82
C TYR C 199 19.67 -0.99 19.49
N PRO C 200 20.61 -1.06 18.51
CA PRO C 200 20.28 -0.49 17.19
C PRO C 200 19.07 -1.19 16.58
N VAL C 201 18.25 -0.40 15.91
CA VAL C 201 17.01 -0.88 15.39
C VAL C 201 16.81 -0.25 14.02
N SER C 202 16.36 -1.05 13.06
CA SER C 202 16.03 -0.54 11.73
C SER C 202 14.65 0.10 11.76
N ILE C 203 14.61 1.39 11.43
CA ILE C 203 13.40 2.17 11.54
C ILE C 203 12.97 2.64 10.18
N ASP C 204 11.74 2.30 9.84
CA ASP C 204 11.19 2.57 8.54
C ASP C 204 10.61 4.00 8.51
N ARG C 205 11.17 4.85 7.65
CA ARG C 205 10.64 6.18 7.48
C ARG C 205 9.76 6.21 6.26
N LYS C 206 8.80 7.13 6.25
CA LYS C 206 7.72 7.12 5.27
C LYS C 206 8.19 7.17 3.82
N HIS C 207 8.78 8.27 3.39
CA HIS C 207 9.21 8.21 2.00
C HIS C 207 10.71 7.95 1.77
N LYS C 208 11.55 8.46 2.67
CA LYS C 208 12.96 8.04 2.78
C LYS C 208 13.12 6.52 2.99
N ALA C 209 14.34 6.02 2.89
CA ALA C 209 14.65 4.62 3.17
C ALA C 209 14.91 4.46 4.64
N ALA C 210 14.81 3.23 5.13
CA ALA C 210 14.98 2.93 6.55
C ALA C 210 16.30 3.47 7.12
N VAL C 211 16.35 3.76 8.42
CA VAL C 211 17.65 3.94 9.09
C VAL C 211 17.86 3.00 10.25
N GLN C 212 19.09 2.53 10.35
CA GLN C 212 19.55 1.76 11.48
C GLN C 212 19.95 2.77 12.51
N ILE C 213 19.36 2.66 13.69
CA ILE C 213 19.63 3.64 14.75
C ILE C 213 19.39 3.05 16.13
N LYS C 214 20.21 3.45 17.08
CA LYS C 214 19.98 3.06 18.46
C LYS C 214 18.61 3.60 18.92
N ALA C 215 17.83 2.75 19.59
CA ALA C 215 16.49 3.12 20.05
C ALA C 215 16.53 4.02 21.30
N PRO C 216 15.75 5.14 21.30
CA PRO C 216 15.84 6.06 22.42
C PRO C 216 15.30 5.42 23.71
N PRO C 217 15.62 6.03 24.87
CA PRO C 217 15.01 5.66 26.13
C PRO C 217 13.48 5.64 26.06
N LEU C 218 12.88 4.70 26.80
CA LEU C 218 11.46 4.44 26.73
C LEU C 218 10.72 4.59 28.03
N LEU C 219 9.53 5.17 27.95
CA LEU C 219 8.62 5.22 29.08
C LEU C 219 7.37 4.52 28.71
N VAL C 220 6.84 3.72 29.61
CA VAL C 220 5.54 3.10 29.39
C VAL C 220 4.70 3.36 30.62
N THR C 221 3.40 3.57 30.43
CA THR C 221 2.44 3.54 31.53
C THR C 221 1.49 2.37 31.25
N SER C 222 0.96 1.75 32.29
CA SER C 222 0.10 0.59 32.15
C SER C 222 -0.59 0.21 33.44
N ASN C 223 -1.72 -0.46 33.33
CA ASN C 223 -2.36 -1.08 34.48
C ASN C 223 -1.79 -2.47 34.71
N ILE C 224 -1.14 -3.02 33.68
CA ILE C 224 -0.58 -4.38 33.68
C ILE C 224 0.83 -4.43 34.27
N ASP C 225 0.99 -5.18 35.36
CA ASP C 225 2.28 -5.39 35.98
C ASP C 225 3.04 -6.52 35.28
N VAL C 226 3.97 -6.16 34.39
CA VAL C 226 4.70 -7.16 33.61
C VAL C 226 5.59 -8.05 34.45
N GLN C 227 6.17 -7.43 35.47
CA GLN C 227 7.06 -8.09 36.43
C GLN C 227 6.38 -9.28 37.13
N ALA C 228 5.08 -9.17 37.39
CA ALA C 228 4.30 -10.22 38.08
C ALA C 228 3.75 -11.31 37.15
N GLU C 229 3.79 -11.06 35.85
CA GLU C 229 3.16 -11.92 34.86
C GLU C 229 4.16 -12.89 34.23
N ASP C 230 3.92 -14.19 34.41
CA ASP C 230 4.82 -15.23 33.93
C ASP C 230 4.91 -15.23 32.41
N ARG C 231 3.82 -14.86 31.75
CA ARG C 231 3.79 -14.88 30.29
C ARG C 231 4.57 -13.72 29.64
N TYR C 232 4.94 -12.72 30.44
CA TYR C 232 5.82 -11.65 29.98
C TYR C 232 7.19 -11.83 30.61
N LEU C 233 7.52 -13.08 30.88
CA LEU C 233 8.79 -13.47 31.48
C LEU C 233 9.98 -12.72 30.89
N TYR C 234 10.04 -12.70 29.55
CA TYR C 234 11.21 -12.17 28.87
C TYR C 234 11.33 -10.65 28.90
N LEU C 235 10.30 -9.99 29.43
CA LEU C 235 10.29 -8.54 29.60
C LEU C 235 10.75 -8.12 30.98
N HIS C 236 10.75 -9.07 31.91
CA HIS C 236 11.11 -8.79 33.29
C HIS C 236 12.46 -8.11 33.42
N SER C 237 13.46 -8.65 32.70
CA SER C 237 14.83 -8.15 32.74
C SER C 237 15.05 -6.78 32.10
N ARG C 238 14.24 -6.39 31.12
CA ARG C 238 14.49 -5.14 30.37
C ARG C 238 13.58 -3.97 30.78
N VAL C 239 12.70 -4.20 31.75
CA VAL C 239 11.76 -3.18 32.18
C VAL C 239 11.82 -2.98 33.69
N GLN C 240 12.24 -1.78 34.10
CA GLN C 240 12.17 -1.37 35.51
C GLN C 240 10.80 -0.81 35.81
N THR C 241 10.16 -1.40 36.80
CA THR C 241 8.78 -1.08 37.12
C THR C 241 8.71 -0.16 38.32
N PHE C 242 7.90 0.89 38.20
CA PHE C 242 7.55 1.77 39.31
C PHE C 242 6.05 1.63 39.58
N ARG C 243 5.69 1.10 40.75
CA ARG C 243 4.29 0.86 41.08
C ARG C 243 3.65 2.09 41.72
N PHE C 244 2.66 2.67 41.05
CA PHE C 244 1.89 3.79 41.60
C PHE C 244 0.54 3.30 42.11
N GLU C 245 0.41 3.24 43.43
CA GLU C 245 -0.76 2.63 44.06
C GLU C 245 -1.77 3.68 44.53
N GLN C 246 -1.29 4.87 44.83
CA GLN C 246 -2.13 5.89 45.46
C GLN C 246 -2.84 6.76 44.44
N PRO C 247 -4.16 6.92 44.59
CA PRO C 247 -5.02 7.71 43.68
C PRO C 247 -4.92 9.23 43.89
N CYS C 248 -5.58 10.01 43.02
CA CYS C 248 -5.78 11.46 43.23
C CYS C 248 -7.09 12.02 42.64
N PRO C 256 -6.79 17.64 40.04
CA PRO C 256 -5.70 16.68 40.21
C PRO C 256 -4.32 17.34 40.16
N PHE C 257 -3.36 16.75 40.87
CA PHE C 257 -1.98 17.25 40.97
C PHE C 257 -1.26 17.30 39.62
N ASN C 258 -0.30 18.23 39.49
CA ASN C 258 0.34 18.50 38.21
C ASN C 258 1.81 18.86 38.31
N ILE C 259 2.61 18.29 37.41
CA ILE C 259 4.04 18.57 37.26
C ILE C 259 4.25 19.37 35.99
N THR C 260 4.86 20.54 36.12
CA THR C 260 5.13 21.43 34.99
C THR C 260 6.53 21.22 34.42
N ASP C 261 6.82 21.86 33.30
CA ASP C 261 8.18 21.90 32.75
C ASP C 261 9.18 22.48 33.75
N ALA C 262 8.80 23.60 34.36
CA ALA C 262 9.67 24.30 35.29
C ALA C 262 10.07 23.42 36.49
N ASP C 263 9.18 22.48 36.85
CA ASP C 263 9.49 21.48 37.89
C ASP C 263 10.66 20.58 37.47
N TRP C 264 10.60 20.11 36.23
CA TRP C 264 11.66 19.28 35.70
C TRP C 264 12.95 20.08 35.53
N LYS C 265 12.82 21.33 35.10
CA LYS C 265 13.98 22.20 34.97
C LYS C 265 14.70 22.25 36.32
N SER C 266 13.93 22.50 37.36
CA SER C 266 14.42 22.52 38.73
C SER C 266 15.04 21.19 39.11
N PHE C 267 14.38 20.11 38.71
CA PHE C 267 14.82 18.75 39.00
C PHE C 267 16.22 18.43 38.44
N PHE C 268 16.40 18.68 37.14
CA PHE C 268 17.65 18.37 36.46
C PHE C 268 18.79 19.28 36.90
N VAL C 269 18.50 20.57 37.05
CA VAL C 269 19.49 21.53 37.52
C VAL C 269 20.03 21.14 38.89
N ARG C 270 19.11 20.81 39.79
CA ARG C 270 19.42 20.42 41.16
C ARG C 270 20.17 19.10 41.23
N LEU C 271 19.77 18.15 40.38
CA LEU C 271 20.33 16.82 40.41
C LEU C 271 21.25 16.54 39.23
N TRP C 272 21.87 17.59 38.69
CA TRP C 272 22.76 17.47 37.55
C TRP C 272 23.89 16.47 37.83
N GLY C 273 24.71 16.78 38.82
CA GLY C 273 25.87 15.95 39.19
C GLY C 273 25.48 14.55 39.62
N ARG C 274 24.39 14.45 40.39
CA ARG C 274 23.84 13.17 40.88
C ARG C 274 23.23 12.34 39.75
N LEU C 275 23.04 12.95 38.57
CA LEU C 275 22.52 12.23 37.40
C LEU C 275 23.62 11.89 36.40
N ASP C 276 24.86 12.18 36.79
CA ASP C 276 26.04 12.06 35.92
C ASP C 276 25.85 12.74 34.56
N LEU C 277 25.60 14.05 34.60
CA LEU C 277 25.47 14.84 33.38
C LEU C 277 26.66 15.80 33.13
N ILE C 278 27.82 15.48 33.72
CA ILE C 278 29.11 16.21 33.56
C ILE C 278 29.06 17.64 32.97
N THR D 1 -20.83 23.17 -19.27
CA THR D 1 -19.90 24.28 -18.96
C THR D 1 -19.11 24.68 -20.22
N LEU D 2 -18.21 25.65 -20.07
CA LEU D 2 -17.16 25.89 -21.06
C LEU D 2 -15.81 25.76 -20.37
N ASN D 3 -15.00 24.83 -20.87
CA ASN D 3 -13.72 24.47 -20.24
C ASN D 3 -12.53 25.01 -21.02
N GLU D 4 -12.79 25.81 -22.04
CA GLU D 4 -11.80 26.15 -23.05
C GLU D 4 -11.45 27.65 -23.05
N SER D 5 -10.99 28.14 -24.20
CA SER D 5 -10.75 29.57 -24.46
C SER D 5 -10.80 29.91 -25.95
N LYS D 10 -1.91 36.33 -18.24
CA LYS D 10 -1.35 35.06 -17.80
C LYS D 10 -1.76 34.69 -16.36
N PHE D 11 -1.83 33.40 -16.08
CA PHE D 11 -2.41 32.88 -14.85
C PHE D 11 -1.56 33.18 -13.63
N ASP D 12 -2.22 33.59 -12.54
CA ASP D 12 -1.59 33.71 -11.23
C ASP D 12 -2.18 32.73 -10.22
N PHE D 13 -1.36 31.81 -9.73
CA PHE D 13 -1.82 30.78 -8.80
C PHE D 13 -2.46 31.42 -7.57
N GLY D 14 -1.71 32.33 -6.95
CA GLY D 14 -2.15 32.95 -5.70
C GLY D 14 -3.59 33.41 -5.69
N THR D 15 -4.01 34.02 -6.81
CA THR D 15 -5.34 34.57 -6.98
C THR D 15 -6.41 33.48 -6.92
N MET D 16 -6.13 32.35 -7.55
CA MET D 16 -7.04 31.22 -7.50
C MET D 16 -7.17 30.72 -6.07
N VAL D 17 -6.03 30.65 -5.38
CA VAL D 17 -6.03 30.23 -3.98
C VAL D 17 -6.81 31.23 -3.15
N GLN D 18 -6.54 32.52 -3.37
CA GLN D 18 -7.24 33.58 -2.67
C GLN D 18 -8.72 33.33 -2.78
N TRP D 19 -9.14 33.15 -4.03
CA TRP D 19 -10.52 32.85 -4.38
C TRP D 19 -11.02 31.65 -3.57
N ALA D 20 -10.37 30.52 -3.76
CA ALA D 20 -10.76 29.26 -3.13
C ALA D 20 -10.86 29.40 -1.61
N TYR D 21 -9.87 30.07 -1.01
CA TYR D 21 -9.91 30.35 0.42
C TYR D 21 -11.15 31.18 0.79
N ASP D 22 -11.37 32.28 0.09
CA ASP D 22 -12.52 33.15 0.35
C ASP D 22 -13.82 32.35 0.37
N HIS D 23 -13.98 31.49 -0.63
CA HIS D 23 -15.19 30.67 -0.76
C HIS D 23 -15.13 29.42 0.09
N LYS D 24 -14.08 29.30 0.90
CA LYS D 24 -13.86 28.10 1.72
C LYS D 24 -14.04 26.79 0.91
N TYR D 25 -13.69 26.83 -0.39
CA TYR D 25 -13.66 25.62 -1.22
C TYR D 25 -12.32 24.91 -1.05
N ALA D 26 -12.36 23.69 -0.51
CA ALA D 26 -11.14 22.98 -0.09
C ALA D 26 -10.94 21.68 -0.84
N GLU D 27 -11.89 21.38 -1.72
CA GLU D 27 -12.03 20.04 -2.23
C GLU D 27 -11.91 20.11 -3.75
N GLU D 28 -10.96 19.35 -4.28
CA GLU D 28 -10.50 19.52 -5.67
C GLU D 28 -11.58 19.69 -6.77
N SER D 29 -12.53 18.76 -6.83
CA SER D 29 -13.57 18.82 -7.84
C SER D 29 -14.33 20.14 -7.75
N LYS D 30 -14.82 20.48 -6.57
CA LYS D 30 -15.53 21.74 -6.39
C LYS D 30 -14.65 22.89 -6.87
N ILE D 31 -13.39 22.92 -6.44
CA ILE D 31 -12.46 24.00 -6.82
C ILE D 31 -12.33 24.17 -8.33
N ALA D 32 -12.13 23.06 -9.03
CA ALA D 32 -11.98 23.06 -10.48
C ALA D 32 -13.22 23.54 -11.20
N TYR D 33 -14.35 22.90 -10.89
CA TYR D 33 -15.64 23.19 -11.50
C TYR D 33 -16.10 24.61 -11.23
N GLU D 34 -16.04 25.01 -9.96
CA GLU D 34 -16.56 26.28 -9.51
C GLU D 34 -15.76 27.43 -10.10
N TYR D 35 -14.46 27.21 -10.23
CA TYR D 35 -13.57 28.20 -10.84
C TYR D 35 -13.79 28.29 -12.33
N ALA D 36 -13.98 27.13 -12.97
CA ALA D 36 -14.30 27.09 -14.40
C ALA D 36 -15.58 27.87 -14.69
N LEU D 37 -16.47 27.93 -13.72
CA LEU D 37 -17.66 28.74 -13.83
C LEU D 37 -17.30 30.22 -13.74
N ALA D 38 -16.48 30.59 -12.75
CA ALA D 38 -16.02 31.98 -12.57
C ALA D 38 -15.31 32.54 -13.82
N ALA D 39 -15.04 31.66 -14.77
CA ALA D 39 -14.32 32.01 -16.00
C ALA D 39 -15.03 33.05 -16.87
N GLY D 40 -16.35 33.11 -16.77
CA GLY D 40 -17.15 34.04 -17.58
C GLY D 40 -16.83 35.50 -17.31
N SER D 41 -16.58 35.81 -16.03
CA SER D 41 -16.36 37.17 -15.58
C SER D 41 -15.11 37.30 -14.70
N ASP D 42 -14.11 36.47 -14.97
CA ASP D 42 -12.83 36.53 -14.24
C ASP D 42 -11.73 36.13 -15.20
N SER D 43 -10.82 37.07 -15.47
CA SER D 43 -9.72 36.85 -16.42
C SER D 43 -8.72 35.80 -15.92
N ASN D 44 -8.55 35.71 -14.60
CA ASN D 44 -7.70 34.69 -14.01
C ASN D 44 -8.27 33.28 -14.20
N ALA D 45 -9.60 33.16 -14.07
CA ALA D 45 -10.28 31.89 -14.29
C ALA D 45 -10.25 31.53 -15.77
N ARG D 46 -10.28 32.54 -16.62
CA ARG D 46 -10.15 32.35 -18.07
C ARG D 46 -8.74 31.87 -18.44
N ALA D 47 -7.73 32.46 -17.80
CA ALA D 47 -6.33 32.09 -18.01
C ALA D 47 -6.03 30.66 -17.54
N PHE D 48 -6.65 30.29 -16.42
CA PHE D 48 -6.62 28.94 -15.88
C PHE D 48 -7.04 27.91 -16.93
N LEU D 49 -8.07 28.24 -17.73
CA LEU D 49 -8.56 27.33 -18.76
C LEU D 49 -7.68 27.32 -20.01
N ALA D 50 -6.70 28.23 -20.04
CA ALA D 50 -5.74 28.30 -21.15
C ALA D 50 -4.45 27.53 -20.90
N THR D 51 -4.05 27.38 -19.63
CA THR D 51 -2.86 26.57 -19.27
C THR D 51 -3.07 25.08 -19.48
N ASN D 52 -1.95 24.38 -19.70
CA ASN D 52 -1.94 22.94 -19.90
C ASN D 52 -1.80 22.16 -18.61
N SER D 53 -1.59 22.89 -17.52
CA SER D 53 -1.33 22.29 -16.22
C SER D 53 -2.45 22.54 -15.20
N GLN D 54 -3.64 22.86 -15.70
CA GLN D 54 -4.80 23.04 -14.84
C GLN D 54 -4.95 21.96 -13.77
N ALA D 55 -4.78 20.70 -14.18
CA ALA D 55 -4.94 19.56 -13.28
C ALA D 55 -4.11 19.73 -12.01
N LYS D 56 -2.87 20.17 -12.23
CA LYS D 56 -1.91 20.40 -11.16
C LYS D 56 -2.27 21.59 -10.26
N HIS D 57 -2.70 22.68 -10.89
CA HIS D 57 -3.11 23.88 -10.16
C HIS D 57 -4.30 23.62 -9.25
N VAL D 58 -5.29 22.88 -9.76
CA VAL D 58 -6.40 22.43 -8.96
C VAL D 58 -5.86 21.65 -7.77
N LYS D 59 -4.91 20.76 -8.05
CA LYS D 59 -4.34 19.89 -7.05
C LYS D 59 -3.65 20.70 -5.96
N ASP D 60 -2.78 21.60 -6.40
CA ASP D 60 -2.02 22.48 -5.51
C ASP D 60 -2.90 23.49 -4.76
N CYS D 61 -3.93 23.99 -5.44
CA CYS D 61 -4.90 24.87 -4.80
C CYS D 61 -5.50 24.20 -3.57
N ALA D 62 -5.99 22.96 -3.75
CA ALA D 62 -6.60 22.24 -2.64
C ALA D 62 -5.60 22.05 -1.51
N THR D 63 -4.35 21.73 -1.86
CA THR D 63 -3.32 21.59 -0.85
C THR D 63 -3.18 22.88 -0.08
N MET D 64 -3.10 23.98 -0.82
CA MET D 64 -2.84 25.28 -0.26
C MET D 64 -3.95 25.71 0.66
N VAL D 65 -5.17 25.52 0.20
CA VAL D 65 -6.34 25.90 0.99
C VAL D 65 -6.37 25.10 2.29
N ARG D 66 -6.28 23.78 2.18
CA ARG D 66 -6.22 22.88 3.34
C ARG D 66 -5.18 23.31 4.35
N HIS D 67 -4.00 23.66 3.86
CA HIS D 67 -2.93 24.21 4.69
C HIS D 67 -3.44 25.39 5.52
N TYR D 68 -3.99 26.39 4.82
CA TYR D 68 -4.44 27.63 5.44
C TYR D 68 -5.56 27.40 6.45
N LEU D 69 -6.53 26.59 6.05
CA LEU D 69 -7.73 26.32 6.86
C LEU D 69 -7.42 25.57 8.14
N ARG D 70 -6.62 24.51 8.01
CA ARG D 70 -6.11 23.80 9.15
C ARG D 70 -5.36 24.76 10.06
N ALA D 71 -4.41 25.49 9.48
CA ALA D 71 -3.52 26.32 10.25
C ALA D 71 -4.28 27.35 11.05
N GLU D 72 -5.34 27.91 10.47
CA GLU D 72 -6.07 28.97 11.16
C GLU D 72 -7.00 28.44 12.26
N THR D 73 -7.52 27.24 12.03
CA THR D 73 -8.30 26.52 13.04
C THR D 73 -7.47 26.09 14.25
N GLN D 74 -6.23 25.63 14.02
CA GLN D 74 -5.35 25.22 15.11
C GLN D 74 -4.84 26.41 15.94
N ALA D 75 -4.69 27.57 15.28
CA ALA D 75 -4.14 28.75 15.93
C ALA D 75 -5.08 29.32 16.98
N LEU D 76 -6.38 29.18 16.75
CA LEU D 76 -7.40 29.73 17.64
C LEU D 76 -7.49 28.92 18.91
N SER D 77 -7.63 29.61 20.04
CA SER D 77 -7.94 28.96 21.32
C SER D 77 -9.36 28.47 21.26
N MET D 78 -9.78 27.68 22.25
CA MET D 78 -11.14 27.17 22.26
C MET D 78 -12.17 28.30 22.30
N PRO D 79 -12.00 29.29 23.21
CA PRO D 79 -12.91 30.44 23.25
C PRO D 79 -13.01 31.16 21.91
N ALA D 80 -11.87 31.64 21.42
CA ALA D 80 -11.82 32.34 20.14
C ALA D 80 -12.42 31.50 19.02
N TYR D 81 -12.24 30.18 19.10
CA TYR D 81 -12.78 29.24 18.11
C TYR D 81 -14.30 29.15 18.19
N ILE D 82 -14.83 28.92 19.38
CA ILE D 82 -16.28 28.87 19.58
C ILE D 82 -16.88 30.21 19.14
N LYS D 83 -16.17 31.29 19.45
CA LYS D 83 -16.55 32.64 19.05
C LYS D 83 -16.80 32.69 17.55
N ALA D 84 -15.83 32.22 16.77
CA ALA D 84 -15.93 32.19 15.32
C ALA D 84 -17.07 31.30 14.85
N ARG D 85 -17.33 30.23 15.60
CA ARG D 85 -18.43 29.31 15.28
C ARG D 85 -19.81 29.94 15.52
N CYS D 86 -19.90 30.76 16.57
CA CYS D 86 -21.12 31.51 16.88
C CYS D 86 -21.40 32.52 15.78
N LYS D 87 -20.35 33.20 15.34
CA LYS D 87 -20.44 34.17 14.25
C LYS D 87 -20.99 33.51 12.99
N LEU D 88 -20.65 32.24 12.80
CA LEU D 88 -21.03 31.50 11.60
C LEU D 88 -22.50 31.06 11.57
N ALA D 89 -23.05 30.72 12.74
CA ALA D 89 -24.42 30.22 12.83
C ALA D 89 -25.45 31.30 12.49
N THR D 90 -26.55 30.89 11.86
CA THR D 90 -27.68 31.79 11.60
C THR D 90 -29.02 31.14 11.90
N GLY D 91 -30.05 31.96 11.99
CA GLY D 91 -31.42 31.49 12.16
C GLY D 91 -31.98 31.78 13.55
N GLU D 92 -33.26 31.44 13.73
CA GLU D 92 -33.91 31.55 15.03
C GLU D 92 -33.48 30.44 15.94
N GLY D 93 -33.16 30.80 17.17
CA GLY D 93 -32.69 29.82 18.13
C GLY D 93 -32.84 30.24 19.57
N SER D 94 -32.85 29.24 20.44
CA SER D 94 -32.82 29.45 21.87
C SER D 94 -32.16 28.28 22.55
N TRP D 95 -31.40 28.59 23.62
CA TRP D 95 -30.79 27.58 24.47
C TRP D 95 -31.86 26.78 25.19
N LYS D 96 -33.08 27.31 25.22
CA LYS D 96 -34.21 26.63 25.82
C LYS D 96 -34.54 25.32 25.11
N SER D 97 -34.34 25.29 23.79
CA SER D 97 -34.45 24.05 23.02
C SER D 97 -33.61 22.96 23.66
N ILE D 98 -32.36 23.32 23.99
CA ILE D 98 -31.40 22.42 24.63
C ILE D 98 -31.84 22.05 26.06
N LEU D 99 -32.16 23.07 26.85
CA LEU D 99 -32.67 22.86 28.20
C LEU D 99 -33.85 21.90 28.18
N THR D 100 -34.89 22.25 27.42
CA THR D 100 -36.08 21.40 27.27
C THR D 100 -35.72 19.95 27.00
N PHE D 101 -34.74 19.72 26.11
CA PHE D 101 -34.35 18.37 25.74
C PHE D 101 -33.72 17.61 26.89
N PHE D 102 -32.74 18.22 27.53
CA PHE D 102 -32.10 17.58 28.68
C PHE D 102 -33.10 17.32 29.79
N ASN D 103 -33.98 18.30 30.01
CA ASN D 103 -35.08 18.17 30.96
C ASN D 103 -36.02 17.03 30.59
N TYR D 104 -36.24 16.84 29.29
CA TYR D 104 -37.05 15.74 28.78
C TYR D 104 -36.39 14.39 29.05
N GLN D 105 -35.06 14.36 29.00
CA GLN D 105 -34.31 13.15 29.32
C GLN D 105 -34.04 13.06 30.82
N ASN D 106 -34.75 13.87 31.61
CA ASN D 106 -34.59 13.95 33.08
C ASN D 106 -33.17 14.19 33.56
N ILE D 107 -32.48 15.12 32.90
CA ILE D 107 -31.13 15.52 33.26
C ILE D 107 -31.09 17.03 33.47
N GLU D 108 -30.53 17.45 34.61
CA GLU D 108 -30.34 18.86 34.92
C GLU D 108 -29.33 19.42 33.94
N LEU D 109 -29.61 20.58 33.38
CA LEU D 109 -28.71 21.20 32.41
C LEU D 109 -27.33 21.49 33.00
N ILE D 110 -27.29 21.83 34.29
CA ILE D 110 -26.03 22.13 34.97
C ILE D 110 -25.05 20.95 34.97
N THR D 111 -25.57 19.73 35.09
CA THR D 111 -24.77 18.53 34.98
C THR D 111 -24.02 18.50 33.65
N PHE D 112 -24.73 18.83 32.57
CA PHE D 112 -24.16 18.88 31.23
C PHE D 112 -23.17 20.03 31.10
N ILE D 113 -23.57 21.20 31.59
CA ILE D 113 -22.72 22.40 31.61
C ILE D 113 -21.36 22.13 32.28
N ASN D 114 -21.40 21.57 33.49
CA ASN D 114 -20.19 21.17 34.21
C ASN D 114 -19.29 20.25 33.41
N ALA D 115 -19.88 19.22 32.81
CA ALA D 115 -19.13 18.27 32.00
C ALA D 115 -18.54 18.94 30.76
N LEU D 116 -19.38 19.73 30.09
CA LEU D 116 -18.99 20.40 28.84
C LEU D 116 -17.85 21.37 29.06
N LYS D 117 -17.94 22.13 30.16
CA LYS D 117 -16.90 23.10 30.50
C LYS D 117 -15.51 22.47 30.51
N LEU D 118 -15.43 21.25 31.06
CA LEU D 118 -14.16 20.54 31.19
C LEU D 118 -13.79 19.85 29.89
N TRP D 119 -14.80 19.25 29.25
CA TRP D 119 -14.65 18.60 27.97
C TRP D 119 -14.06 19.57 26.94
N LEU D 120 -14.52 20.81 26.94
CA LEU D 120 -14.02 21.83 26.00
C LEU D 120 -12.56 22.18 26.23
N LYS D 121 -12.15 22.14 27.50
CA LYS D 121 -10.76 22.39 27.87
C LYS D 121 -9.86 21.20 27.58
N GLY D 122 -10.49 20.06 27.29
CA GLY D 122 -9.75 18.84 26.98
C GLY D 122 -8.90 18.40 28.14
N ILE D 123 -9.50 18.39 29.32
CA ILE D 123 -8.83 17.94 30.52
C ILE D 123 -8.77 16.40 30.50
N PRO D 124 -7.58 15.83 30.81
CA PRO D 124 -7.36 14.39 30.88
C PRO D 124 -8.43 13.62 31.67
N LYS D 125 -8.79 12.44 31.15
CA LYS D 125 -9.89 11.61 31.68
C LYS D 125 -11.29 12.26 31.64
N LYS D 126 -11.37 13.50 31.15
CA LYS D 126 -12.63 14.26 31.02
C LYS D 126 -12.88 14.65 29.56
N ASN D 127 -12.12 14.05 28.65
CA ASN D 127 -12.06 14.46 27.26
C ASN D 127 -13.09 13.75 26.39
N CYS D 128 -13.96 12.98 27.03
CA CYS D 128 -14.88 12.13 26.29
C CYS D 128 -16.25 12.03 26.95
N LEU D 129 -17.26 12.51 26.24
CA LEU D 129 -18.65 12.41 26.68
C LEU D 129 -19.39 11.42 25.81
N ALA D 130 -20.00 10.42 26.45
CA ALA D 130 -20.80 9.43 25.75
C ALA D 130 -22.27 9.58 26.09
N PHE D 131 -23.09 9.50 25.05
CA PHE D 131 -24.52 9.59 25.19
C PHE D 131 -25.09 8.20 24.92
N ILE D 132 -25.80 7.68 25.89
CA ILE D 132 -26.08 6.26 25.97
C ILE D 132 -27.53 5.96 26.33
N GLY D 133 -28.13 5.02 25.61
CA GLY D 133 -29.51 4.64 25.88
C GLY D 133 -30.07 3.82 24.75
N PRO D 134 -31.31 3.33 24.90
CA PRO D 134 -32.00 2.55 23.87
C PRO D 134 -32.23 3.38 22.60
N PRO D 135 -32.54 2.73 21.46
CA PRO D 135 -32.76 3.47 20.21
C PRO D 135 -33.80 4.59 20.30
N ASN D 136 -33.60 5.60 19.46
CA ASN D 136 -34.52 6.72 19.30
C ASN D 136 -34.74 7.57 20.53
N THR D 137 -33.65 7.94 21.18
CA THR D 137 -33.69 8.80 22.35
C THR D 137 -32.92 10.09 22.07
N GLY D 138 -32.75 10.41 20.79
CA GLY D 138 -32.10 11.64 20.36
C GLY D 138 -30.61 11.78 20.66
N LYS D 139 -29.92 10.65 20.82
CA LYS D 139 -28.49 10.66 21.09
C LYS D 139 -27.73 11.22 19.90
N SER D 140 -27.85 10.55 18.75
CA SER D 140 -27.17 10.99 17.52
C SER D 140 -27.66 12.41 17.17
N MET D 141 -28.95 12.62 17.40
CA MET D 141 -29.58 13.92 17.20
C MET D 141 -28.76 15.04 17.83
N LEU D 142 -28.59 14.96 19.14
CA LEU D 142 -27.90 16.00 19.91
C LEU D 142 -26.42 16.14 19.57
N CYS D 143 -25.72 15.02 19.57
CA CYS D 143 -24.29 15.01 19.31
C CYS D 143 -23.94 15.57 17.95
N ASN D 144 -24.72 15.20 16.93
CA ASN D 144 -24.49 15.69 15.59
C ASN D 144 -24.72 17.19 15.44
N SER D 145 -25.75 17.68 16.09
CA SER D 145 -26.06 19.10 16.07
C SER D 145 -24.92 19.90 16.68
N LEU D 146 -24.32 19.35 17.73
CA LEU D 146 -23.25 20.01 18.44
C LEU D 146 -21.98 20.01 17.62
N ILE D 147 -21.67 18.83 17.09
CA ILE D 147 -20.51 18.62 16.23
C ILE D 147 -20.64 19.52 15.01
N HIS D 148 -21.86 19.64 14.50
CA HIS D 148 -22.10 20.51 13.36
C HIS D 148 -21.80 21.95 13.73
N PHE D 149 -22.39 22.41 14.82
CA PHE D 149 -22.15 23.76 15.27
C PHE D 149 -20.65 24.02 15.46
N LEU D 150 -19.95 23.03 16.01
CA LEU D 150 -18.54 23.19 16.30
C LEU D 150 -17.64 23.01 15.09
N GLY D 151 -18.20 22.51 14.00
CA GLY D 151 -17.42 22.21 12.80
C GLY D 151 -16.46 21.06 13.06
N GLY D 152 -16.87 20.17 13.94
CA GLY D 152 -16.08 19.00 14.29
C GLY D 152 -16.28 17.97 13.20
N SER D 153 -15.62 16.83 13.32
CA SER D 153 -15.75 15.79 12.32
C SER D 153 -16.33 14.51 12.89
N VAL D 154 -16.89 13.68 12.01
CA VAL D 154 -17.37 12.36 12.36
C VAL D 154 -16.32 11.33 12.01
N LEU D 155 -16.03 10.41 12.93
CA LEU D 155 -15.13 9.31 12.64
C LEU D 155 -16.01 8.14 12.31
N SER D 156 -15.63 7.38 11.30
CA SER D 156 -16.48 6.25 10.90
C SER D 156 -15.77 4.95 11.16
N PHE D 157 -16.25 4.23 12.18
CA PHE D 157 -15.62 2.99 12.61
C PHE D 157 -15.61 1.89 11.52
N ALA D 158 -16.40 2.09 10.47
CA ALA D 158 -16.33 1.26 9.27
C ALA D 158 -14.95 1.27 8.59
N ASN D 159 -14.21 2.36 8.78
CA ASN D 159 -12.90 2.50 8.16
C ASN D 159 -11.72 2.17 9.06
N HIS D 160 -11.98 1.49 10.19
CA HIS D 160 -10.96 1.35 11.22
C HIS D 160 -9.80 0.41 10.88
N LYS D 161 -9.95 -0.40 9.85
CA LYS D 161 -8.83 -1.21 9.38
C LYS D 161 -7.78 -0.39 8.61
N SER D 162 -8.08 0.87 8.32
CA SER D 162 -7.12 1.78 7.72
C SER D 162 -6.32 2.56 8.79
N HIS D 163 -5.07 2.92 8.46
CA HIS D 163 -4.22 3.73 9.38
C HIS D 163 -4.82 5.13 9.46
N PHE D 164 -5.43 5.56 8.35
CA PHE D 164 -5.82 6.95 8.20
C PHE D 164 -7.25 7.28 8.63
N TRP D 165 -7.92 6.35 9.31
CA TRP D 165 -9.30 6.64 9.70
C TRP D 165 -9.37 7.67 10.82
N LEU D 166 -8.25 7.94 11.47
CA LEU D 166 -8.21 8.95 12.52
C LEU D 166 -7.70 10.27 12.01
N ALA D 167 -7.40 10.34 10.71
CA ALA D 167 -6.68 11.47 10.13
C ALA D 167 -7.26 12.84 10.45
N SER D 168 -8.56 12.88 10.77
CA SER D 168 -9.21 14.16 11.01
C SER D 168 -8.84 14.74 12.37
N LEU D 169 -8.38 13.89 13.27
CA LEU D 169 -8.02 14.35 14.61
C LEU D 169 -6.88 15.35 14.60
N ALA D 170 -6.08 15.31 13.53
CA ALA D 170 -5.00 16.25 13.33
C ALA D 170 -5.54 17.64 12.95
N ASP D 171 -6.83 17.72 12.63
CA ASP D 171 -7.47 18.96 12.15
C ASP D 171 -8.61 19.56 12.99
N THR D 172 -9.61 18.76 13.37
CA THR D 172 -10.79 19.31 14.09
C THR D 172 -10.61 19.57 15.57
N ARG D 173 -11.53 20.37 16.09
CA ARG D 173 -11.49 20.82 17.46
C ARG D 173 -12.44 20.02 18.33
N ALA D 174 -13.25 19.17 17.68
CA ALA D 174 -14.16 18.25 18.36
C ALA D 174 -14.47 17.13 17.39
N ALA D 175 -14.74 15.93 17.92
CA ALA D 175 -14.93 14.75 17.07
C ALA D 175 -15.97 13.76 17.61
N LEU D 176 -16.71 13.13 16.71
CA LEU D 176 -17.79 12.26 17.13
C LEU D 176 -17.73 10.88 16.52
N VAL D 177 -17.94 9.87 17.35
CA VAL D 177 -18.16 8.50 16.89
C VAL D 177 -19.59 8.15 17.23
N ASP D 178 -20.34 7.86 16.18
CA ASP D 178 -21.77 7.70 16.28
C ASP D 178 -22.06 6.20 16.29
N ASP D 179 -22.88 5.77 17.24
CA ASP D 179 -23.29 4.35 17.33
C ASP D 179 -22.14 3.37 17.56
N ALA D 180 -21.45 3.51 18.70
CA ALA D 180 -20.36 2.62 19.04
C ALA D 180 -20.89 1.23 19.36
N THR D 181 -20.55 0.26 18.54
CA THR D 181 -20.94 -1.12 18.77
C THR D 181 -19.97 -1.71 19.78
N HIS D 182 -20.11 -3.00 20.08
CA HIS D 182 -19.17 -3.65 21.01
C HIS D 182 -17.77 -3.73 20.44
N ALA D 183 -17.67 -4.05 19.15
CA ALA D 183 -16.41 -4.04 18.41
C ALA D 183 -15.73 -2.68 18.56
N CYS D 184 -16.55 -1.62 18.49
CA CYS D 184 -16.04 -0.27 18.57
C CYS D 184 -15.46 0.04 19.95
N TRP D 185 -16.20 -0.23 21.00
CA TRP D 185 -15.72 0.01 22.35
C TRP D 185 -14.43 -0.74 22.60
N ARG D 186 -14.38 -2.00 22.16
CA ARG D 186 -13.20 -2.82 22.33
C ARG D 186 -11.97 -2.23 21.65
N TYR D 187 -12.15 -1.77 20.41
CA TYR D 187 -11.06 -1.11 19.71
C TYR D 187 -10.55 0.07 20.52
N PHE D 188 -11.48 0.92 20.96
CA PHE D 188 -11.12 2.05 21.81
C PHE D 188 -10.41 1.68 23.07
N ASP D 189 -10.94 0.68 23.76
CA ASP D 189 -10.30 0.14 24.94
C ASP D 189 -8.86 -0.30 24.66
N THR D 190 -8.67 -1.11 23.63
CA THR D 190 -7.36 -1.69 23.32
C THR D 190 -6.34 -0.66 22.84
N TYR D 191 -6.73 0.19 21.90
CA TYR D 191 -5.77 1.01 21.15
C TYR D 191 -5.77 2.49 21.44
N LEU D 192 -6.85 3.02 22.01
CA LEU D 192 -7.07 4.47 22.04
C LEU D 192 -7.43 5.09 23.38
N ARG D 193 -6.85 4.57 24.47
CA ARG D 193 -7.15 5.11 25.79
C ARG D 193 -6.73 6.55 25.88
N ASN D 194 -5.49 6.83 25.51
CA ASN D 194 -4.89 8.17 25.67
C ASN D 194 -5.49 9.28 24.79
N ALA D 195 -6.04 8.91 23.64
CA ALA D 195 -6.81 9.85 22.85
C ALA D 195 -8.15 10.15 23.53
N LEU D 196 -8.76 9.11 24.10
CA LEU D 196 -9.96 9.30 24.91
C LEU D 196 -9.64 10.20 26.10
N ASP D 197 -8.39 10.15 26.55
CA ASP D 197 -7.91 11.01 27.62
C ASP D 197 -7.63 12.42 27.12
N GLY D 198 -7.47 12.56 25.81
CA GLY D 198 -7.04 13.83 25.23
C GLY D 198 -5.57 14.14 25.48
N TYR D 199 -4.75 13.10 25.58
CA TYR D 199 -3.28 13.25 25.63
C TYR D 199 -2.73 13.35 24.22
N PRO D 200 -1.48 13.82 24.07
CA PRO D 200 -0.82 13.81 22.77
C PRO D 200 -0.83 12.42 22.12
N VAL D 201 -1.13 12.38 20.83
CA VAL D 201 -1.14 11.13 20.09
C VAL D 201 -0.49 11.34 18.71
N SER D 202 0.02 10.27 18.11
CA SER D 202 0.57 10.34 16.76
C SER D 202 -0.50 9.97 15.75
N ILE D 203 -1.04 10.97 15.06
CA ILE D 203 -2.09 10.76 14.10
C ILE D 203 -1.47 10.64 12.72
N ASP D 204 -1.71 9.49 12.09
CA ASP D 204 -1.21 9.23 10.75
C ASP D 204 -2.14 9.80 9.69
N ARG D 205 -1.57 10.49 8.73
CA ARG D 205 -2.32 11.18 7.71
C ARG D 205 -1.87 10.63 6.39
N LYS D 206 -2.77 10.57 5.42
CA LYS D 206 -2.52 9.81 4.19
C LYS D 206 -1.24 10.17 3.48
N HIS D 207 -1.29 11.20 2.64
CA HIS D 207 -0.12 11.47 1.82
C HIS D 207 1.02 12.09 2.61
N LYS D 208 0.66 12.94 3.57
CA LYS D 208 1.60 13.66 4.44
C LYS D 208 2.32 12.80 5.52
N ALA D 209 3.05 13.47 6.40
CA ALA D 209 3.74 12.82 7.50
C ALA D 209 2.79 12.69 8.68
N ALA D 210 3.05 11.70 9.53
CA ALA D 210 2.32 11.55 10.79
C ALA D 210 2.50 12.83 11.59
N VAL D 211 1.50 13.18 12.39
CA VAL D 211 1.55 14.39 13.19
C VAL D 211 1.32 14.01 14.65
N GLN D 212 2.06 14.63 15.56
CA GLN D 212 1.85 14.41 16.97
C GLN D 212 1.05 15.58 17.52
N ILE D 213 -0.11 15.30 18.09
CA ILE D 213 -1.05 16.38 18.41
C ILE D 213 -1.92 16.02 19.61
N LYS D 214 -2.45 17.03 20.28
CA LYS D 214 -3.38 16.79 21.37
C LYS D 214 -4.71 16.32 20.81
N ALA D 215 -5.10 15.10 21.19
CA ALA D 215 -6.37 14.51 20.75
C ALA D 215 -7.53 15.41 21.14
N PRO D 216 -8.35 15.80 20.16
CA PRO D 216 -9.44 16.74 20.42
C PRO D 216 -10.54 16.08 21.26
N PRO D 217 -11.37 16.89 21.92
CA PRO D 217 -12.54 16.42 22.67
C PRO D 217 -13.41 15.44 21.87
N LEU D 218 -13.90 14.41 22.55
CA LEU D 218 -14.64 13.36 21.89
C LEU D 218 -16.07 13.21 22.35
N LEU D 219 -16.93 12.91 21.39
CA LEU D 219 -18.31 12.52 21.65
C LEU D 219 -18.58 11.13 21.12
N VAL D 220 -19.31 10.34 21.89
CA VAL D 220 -19.71 9.02 21.45
C VAL D 220 -21.19 8.87 21.72
N THR D 221 -21.91 8.29 20.77
CA THR D 221 -23.26 7.83 21.02
C THR D 221 -23.20 6.33 20.93
N SER D 222 -24.03 5.65 21.73
CA SER D 222 -24.00 4.19 21.78
C SER D 222 -25.22 3.63 22.49
N ASN D 223 -25.64 2.43 22.10
CA ASN D 223 -26.65 1.67 22.85
C ASN D 223 -26.03 0.93 24.03
N ILE D 224 -24.71 0.89 24.08
CA ILE D 224 -23.95 0.14 25.09
C ILE D 224 -23.47 1.03 26.23
N ASP D 225 -23.93 0.68 27.43
CA ASP D 225 -23.56 1.40 28.63
C ASP D 225 -22.22 0.87 29.15
N VAL D 226 -21.14 1.58 28.86
CA VAL D 226 -19.80 1.16 29.27
C VAL D 226 -19.58 1.18 30.78
N GLN D 227 -20.24 2.10 31.48
CA GLN D 227 -20.08 2.22 32.93
C GLN D 227 -20.59 0.98 33.65
N ALA D 228 -21.62 0.36 33.08
CA ALA D 228 -22.25 -0.81 33.70
C ALA D 228 -21.54 -2.12 33.36
N GLU D 229 -20.65 -2.06 32.39
CA GLU D 229 -20.02 -3.26 31.86
C GLU D 229 -18.62 -3.46 32.46
N ASP D 230 -18.43 -4.61 33.13
CA ASP D 230 -17.17 -4.96 33.83
C ASP D 230 -16.02 -5.16 32.84
N ARG D 231 -16.35 -5.57 31.62
CA ARG D 231 -15.34 -5.86 30.61
C ARG D 231 -14.76 -4.58 29.99
N TYR D 232 -15.41 -3.45 30.20
CA TYR D 232 -14.89 -2.16 29.74
C TYR D 232 -14.40 -1.34 30.92
N LEU D 233 -14.00 -2.06 31.96
CA LEU D 233 -13.60 -1.49 33.25
C LEU D 233 -12.73 -0.26 33.10
N TYR D 234 -11.72 -0.35 32.24
CA TYR D 234 -10.72 0.69 32.12
C TYR D 234 -11.20 1.92 31.35
N LEU D 235 -12.43 1.85 30.84
CA LEU D 235 -13.03 2.99 30.16
C LEU D 235 -13.87 3.82 31.13
N HIS D 236 -14.23 3.21 32.27
CA HIS D 236 -15.13 3.85 33.23
C HIS D 236 -14.64 5.23 33.67
N SER D 237 -13.34 5.34 33.96
CA SER D 237 -12.76 6.57 34.49
C SER D 237 -12.57 7.68 33.45
N ARG D 238 -12.55 7.33 32.17
CA ARG D 238 -12.31 8.34 31.11
C ARG D 238 -13.53 8.70 30.27
N VAL D 239 -14.68 8.09 30.57
CA VAL D 239 -15.91 8.37 29.83
C VAL D 239 -17.06 8.80 30.76
N GLN D 240 -17.49 10.05 30.62
CA GLN D 240 -18.66 10.53 31.32
C GLN D 240 -19.92 10.20 30.52
N THR D 241 -20.81 9.44 31.14
CA THR D 241 -22.00 8.92 30.48
C THR D 241 -23.23 9.78 30.78
N PHE D 242 -23.95 10.16 29.74
CA PHE D 242 -25.28 10.73 29.88
C PHE D 242 -26.29 9.72 29.35
N ARG D 243 -27.19 9.28 30.22
CA ARG D 243 -28.20 8.28 29.86
C ARG D 243 -29.48 8.90 29.31
N PHE D 244 -29.76 8.67 28.03
CA PHE D 244 -30.98 9.15 27.41
C PHE D 244 -31.97 8.01 27.32
N GLU D 245 -33.01 8.08 28.12
CA GLU D 245 -33.97 6.98 28.26
C GLU D 245 -35.27 7.19 27.52
N GLN D 246 -35.62 8.45 27.25
CA GLN D 246 -36.95 8.83 26.73
C GLN D 246 -37.01 8.95 25.20
N PRO D 247 -38.10 8.45 24.59
CA PRO D 247 -38.25 8.46 23.13
C PRO D 247 -38.39 9.86 22.52
N CYS D 248 -37.74 10.09 21.39
CA CYS D 248 -37.76 11.40 20.70
C CYS D 248 -38.51 11.36 19.38
N THR D 249 -39.37 10.36 19.24
CA THR D 249 -40.27 10.25 18.11
C THR D 249 -41.68 9.91 18.62
N GLU D 251 -44.44 8.49 18.78
CA GLU D 251 -44.60 7.62 17.61
C GLU D 251 -43.83 8.13 16.39
N SER D 252 -43.77 7.29 15.35
CA SER D 252 -43.28 7.69 14.02
C SER D 252 -44.24 8.66 13.31
N GLY D 253 -45.06 9.36 14.09
CA GLY D 253 -45.65 10.62 13.64
C GLY D 253 -44.52 11.62 13.48
N GLU D 254 -44.44 12.58 14.41
CA GLU D 254 -43.45 13.66 14.34
C GLU D 254 -42.10 13.29 14.91
N GLN D 255 -41.20 14.27 14.90
CA GLN D 255 -40.01 14.23 15.74
C GLN D 255 -39.84 15.61 16.40
N PRO D 256 -40.33 15.72 17.65
CA PRO D 256 -40.47 17.01 18.32
C PRO D 256 -39.16 17.72 18.68
N PHE D 257 -38.09 16.97 18.89
CA PHE D 257 -36.81 17.55 19.34
C PHE D 257 -35.78 17.64 18.23
N ASN D 258 -35.39 18.87 17.89
CA ASN D 258 -34.43 19.14 16.83
C ASN D 258 -33.64 20.42 17.10
N ILE D 259 -32.38 20.27 17.48
CA ILE D 259 -31.51 21.37 17.88
C ILE D 259 -30.78 21.94 16.65
N THR D 260 -30.91 23.24 16.43
CA THR D 260 -30.25 23.91 15.31
C THR D 260 -28.92 24.54 15.74
N ASP D 261 -28.16 25.05 14.78
CA ASP D 261 -26.94 25.81 15.08
C ASP D 261 -27.26 27.03 15.95
N ALA D 262 -28.33 27.73 15.59
CA ALA D 262 -28.73 28.94 16.31
C ALA D 262 -29.05 28.64 17.77
N ASP D 263 -29.50 27.42 18.06
CA ASP D 263 -29.76 26.99 19.43
C ASP D 263 -28.46 26.94 20.22
N TRP D 264 -27.41 26.40 19.61
CA TRP D 264 -26.12 26.34 20.25
C TRP D 264 -25.49 27.73 20.37
N LYS D 265 -25.65 28.55 19.33
CA LYS D 265 -25.17 29.93 19.38
C LYS D 265 -25.76 30.62 20.62
N SER D 266 -27.07 30.50 20.78
CA SER D 266 -27.76 30.99 21.97
C SER D 266 -27.19 30.38 23.23
N PHE D 267 -26.89 29.08 23.18
CA PHE D 267 -26.41 28.31 24.34
C PHE D 267 -25.08 28.83 24.86
N PHE D 268 -24.11 28.95 23.95
CA PHE D 268 -22.76 29.39 24.32
C PHE D 268 -22.73 30.87 24.72
N VAL D 269 -23.49 31.70 24.02
CA VAL D 269 -23.58 33.14 24.32
C VAL D 269 -24.12 33.36 25.74
N ARG D 270 -25.20 32.66 26.07
CA ARG D 270 -25.85 32.73 27.38
C ARG D 270 -24.90 32.24 28.47
N LEU D 271 -24.24 31.11 28.20
CA LEU D 271 -23.49 30.41 29.22
C LEU D 271 -21.99 30.57 29.05
N TRP D 272 -21.58 31.65 28.40
CA TRP D 272 -20.17 31.94 28.17
C TRP D 272 -19.37 31.91 29.47
N GLY D 273 -19.87 32.59 30.48
CA GLY D 273 -19.22 32.68 31.80
C GLY D 273 -19.01 31.36 32.53
N ARG D 274 -20.08 30.56 32.67
CA ARG D 274 -20.03 29.33 33.47
C ARG D 274 -19.18 28.22 32.85
N LEU D 275 -18.99 28.31 31.52
CA LEU D 275 -18.10 27.40 30.77
C LEU D 275 -16.66 27.93 30.75
N ASP D 276 -16.41 28.96 31.57
CA ASP D 276 -15.08 29.58 31.75
C ASP D 276 -14.37 29.95 30.45
N LEU D 277 -15.15 30.33 29.44
CA LEU D 277 -14.58 30.73 28.15
C LEU D 277 -14.19 32.20 28.10
N ILE D 278 -13.88 32.78 29.26
CA ILE D 278 -13.49 34.20 29.38
C ILE D 278 -12.03 34.50 28.96
N ASP D 279 -11.50 35.65 29.37
CA ASP D 279 -10.17 36.15 28.93
C ASP D 279 -9.04 35.11 28.94
N THR E 1 -4.51 4.05 -37.60
CA THR E 1 -4.71 5.20 -36.66
C THR E 1 -3.60 6.26 -36.80
N LEU E 2 -3.30 6.68 -38.02
CA LEU E 2 -2.22 7.64 -38.28
C LEU E 2 -1.94 8.60 -37.08
N ASN E 3 -0.69 8.58 -36.58
CA ASN E 3 -0.22 9.38 -35.41
C ASN E 3 0.82 10.47 -35.73
N GLU E 4 1.19 10.63 -37.00
CA GLU E 4 2.38 11.39 -37.32
C GLU E 4 2.07 12.81 -37.89
N SER E 5 2.22 12.96 -39.21
CA SER E 5 2.05 14.26 -39.88
C SER E 5 0.93 14.20 -40.92
N LYS E 10 0.01 25.50 -32.24
CA LYS E 10 0.42 25.34 -30.84
C LYS E 10 -0.69 24.77 -29.96
N PHE E 11 -0.39 23.65 -29.31
CA PHE E 11 -1.41 22.87 -28.61
C PHE E 11 -2.02 23.52 -27.36
N ASP E 12 -3.32 23.76 -27.42
CA ASP E 12 -4.05 24.28 -26.28
C ASP E 12 -4.75 23.11 -25.61
N PHE E 13 -4.50 22.98 -24.32
CA PHE E 13 -5.08 21.92 -23.50
C PHE E 13 -6.56 22.16 -23.32
N GLY E 14 -6.95 23.42 -23.19
CA GLY E 14 -8.35 23.77 -23.03
C GLY E 14 -9.19 23.04 -24.07
N THR E 15 -8.91 23.37 -25.34
CA THR E 15 -9.61 22.81 -26.50
C THR E 15 -9.79 21.30 -26.42
N MET E 16 -8.74 20.60 -26.00
CA MET E 16 -8.80 19.16 -25.78
C MET E 16 -9.78 18.79 -24.67
N VAL E 17 -9.59 19.38 -23.49
CA VAL E 17 -10.45 19.06 -22.35
C VAL E 17 -11.90 19.22 -22.76
N GLN E 18 -12.20 20.37 -23.37
CA GLN E 18 -13.51 20.69 -23.93
C GLN E 18 -14.07 19.53 -24.74
N TRP E 19 -13.30 19.11 -25.73
CA TRP E 19 -13.68 18.03 -26.64
C TRP E 19 -14.02 16.78 -25.85
N ALA E 20 -13.19 16.48 -24.86
CA ALA E 20 -13.37 15.29 -24.03
C ALA E 20 -14.66 15.40 -23.23
N TYR E 21 -14.88 16.56 -22.63
CA TYR E 21 -16.11 16.84 -21.88
C TYR E 21 -17.38 16.73 -22.73
N ASP E 22 -17.41 17.47 -23.84
CA ASP E 22 -18.51 17.39 -24.81
C ASP E 22 -18.92 15.94 -25.08
N HIS E 23 -17.92 15.10 -25.34
CA HIS E 23 -18.15 13.71 -25.71
C HIS E 23 -18.23 12.80 -24.49
N LYS E 24 -18.16 13.39 -23.31
CA LYS E 24 -18.21 12.65 -22.04
C LYS E 24 -17.21 11.47 -21.95
N TYR E 25 -16.01 11.67 -22.50
CA TYR E 25 -14.92 10.70 -22.43
C TYR E 25 -14.05 11.00 -21.22
N ALA E 26 -13.97 10.07 -20.28
CA ALA E 26 -13.27 10.33 -19.01
C ALA E 26 -12.08 9.42 -18.79
N GLU E 27 -11.84 8.56 -19.78
CA GLU E 27 -10.96 7.42 -19.60
C GLU E 27 -9.81 7.50 -20.59
N GLU E 28 -8.59 7.55 -20.04
CA GLU E 28 -7.42 8.02 -20.79
C GLU E 28 -7.26 7.38 -22.16
N SER E 29 -7.28 6.05 -22.21
CA SER E 29 -7.08 5.33 -23.46
C SER E 29 -8.10 5.76 -24.52
N LYS E 30 -9.36 5.88 -24.10
CA LYS E 30 -10.41 6.38 -24.99
C LYS E 30 -10.08 7.79 -25.46
N ILE E 31 -9.92 8.70 -24.51
CA ILE E 31 -9.48 10.06 -24.79
C ILE E 31 -8.32 10.10 -25.80
N ALA E 32 -7.26 9.35 -25.53
CA ALA E 32 -6.10 9.35 -26.40
C ALA E 32 -6.47 8.91 -27.81
N TYR E 33 -7.10 7.75 -27.91
CA TYR E 33 -7.34 7.12 -29.20
C TYR E 33 -8.29 7.96 -30.07
N GLU E 34 -9.36 8.40 -29.41
CA GLU E 34 -10.47 9.12 -30.00
C GLU E 34 -10.04 10.52 -30.49
N TYR E 35 -9.10 11.15 -29.77
CA TYR E 35 -8.59 12.45 -30.14
C TYR E 35 -7.65 12.32 -31.33
N ALA E 36 -6.93 11.21 -31.37
CA ALA E 36 -6.03 10.93 -32.48
C ALA E 36 -6.78 10.80 -33.80
N LEU E 37 -7.98 10.22 -33.73
CA LEU E 37 -8.82 10.11 -34.92
C LEU E 37 -9.33 11.50 -35.35
N ALA E 38 -9.81 12.30 -34.39
CA ALA E 38 -10.26 13.67 -34.66
C ALA E 38 -9.22 14.51 -35.46
N ALA E 39 -7.93 14.17 -35.31
CA ALA E 39 -6.81 14.94 -35.89
C ALA E 39 -6.83 15.09 -37.40
N GLY E 40 -7.65 14.29 -38.07
CA GLY E 40 -7.82 14.41 -39.52
C GLY E 40 -8.44 15.75 -39.89
N SER E 41 -9.32 16.25 -39.04
CA SER E 41 -10.09 17.45 -39.33
C SER E 41 -10.20 18.34 -38.11
N ASP E 42 -9.09 18.47 -37.38
CA ASP E 42 -9.03 19.23 -36.14
C ASP E 42 -7.57 19.66 -35.95
N SER E 43 -7.37 20.98 -35.94
CA SER E 43 -6.03 21.54 -35.84
C SER E 43 -5.37 21.26 -34.49
N ASN E 44 -6.13 21.40 -33.41
CA ASN E 44 -5.60 21.12 -32.08
C ASN E 44 -5.31 19.64 -31.83
N ALA E 45 -6.16 18.75 -32.35
CA ALA E 45 -5.88 17.33 -32.33
C ALA E 45 -4.63 17.01 -33.17
N ARG E 46 -4.44 17.74 -34.26
CA ARG E 46 -3.25 17.61 -35.09
C ARG E 46 -2.01 18.11 -34.33
N ALA E 47 -2.16 19.20 -33.57
CA ALA E 47 -1.06 19.81 -32.81
C ALA E 47 -0.63 18.92 -31.64
N PHE E 48 -1.62 18.24 -31.04
CA PHE E 48 -1.44 17.23 -29.99
C PHE E 48 -0.44 16.13 -30.34
N LEU E 49 -0.60 15.53 -31.51
CA LEU E 49 0.30 14.45 -31.97
C LEU E 49 1.71 14.96 -32.31
N ALA E 50 1.84 16.28 -32.48
CA ALA E 50 3.13 16.93 -32.69
C ALA E 50 3.87 17.15 -31.38
N THR E 51 3.14 17.09 -30.25
CA THR E 51 3.71 17.27 -28.91
C THR E 51 4.47 16.05 -28.44
N ASN E 52 5.56 16.31 -27.73
CA ASN E 52 6.31 15.28 -27.05
C ASN E 52 5.67 14.79 -25.76
N SER E 53 4.88 15.65 -25.12
CA SER E 53 4.29 15.32 -23.83
C SER E 53 2.83 14.88 -23.96
N GLN E 54 2.52 14.08 -24.99
CA GLN E 54 1.16 13.59 -25.24
C GLN E 54 0.60 12.80 -24.06
N ALA E 55 1.38 11.85 -23.57
CA ALA E 55 0.99 11.03 -22.44
C ALA E 55 0.57 11.87 -21.24
N LYS E 56 1.30 12.96 -20.99
CA LYS E 56 1.00 13.84 -19.89
C LYS E 56 -0.33 14.52 -20.12
N HIS E 57 -0.58 14.94 -21.35
CA HIS E 57 -1.79 15.68 -21.65
C HIS E 57 -3.00 14.78 -21.54
N VAL E 58 -2.90 13.59 -22.14
CA VAL E 58 -3.95 12.56 -22.04
C VAL E 58 -4.32 12.26 -20.58
N LYS E 59 -3.32 12.06 -19.73
CA LYS E 59 -3.56 11.94 -18.31
C LYS E 59 -4.32 13.15 -17.75
N ASP E 60 -3.66 14.31 -17.74
CA ASP E 60 -4.24 15.57 -17.28
C ASP E 60 -5.69 15.72 -17.74
N CYS E 61 -5.91 15.42 -19.01
CA CYS E 61 -7.22 15.60 -19.62
C CYS E 61 -8.26 14.75 -18.92
N ALA E 62 -7.94 13.47 -18.75
CA ALA E 62 -8.81 12.57 -18.02
C ALA E 62 -9.12 13.14 -16.63
N THR E 63 -8.08 13.56 -15.93
CA THR E 63 -8.21 14.10 -14.59
C THR E 63 -9.09 15.32 -14.60
N MET E 64 -8.93 16.12 -15.65
CA MET E 64 -9.68 17.33 -15.82
C MET E 64 -11.17 17.02 -16.02
N VAL E 65 -11.48 16.12 -16.94
CA VAL E 65 -12.86 15.76 -17.24
C VAL E 65 -13.49 15.03 -16.06
N ARG E 66 -12.73 14.15 -15.43
CA ARG E 66 -13.20 13.49 -14.24
C ARG E 66 -13.59 14.51 -13.17
N HIS E 67 -12.80 15.57 -13.02
CA HIS E 67 -13.11 16.62 -12.06
C HIS E 67 -14.48 17.25 -12.33
N TYR E 68 -14.70 17.61 -13.60
CA TYR E 68 -15.88 18.37 -14.02
C TYR E 68 -17.16 17.57 -13.96
N LEU E 69 -17.18 16.40 -14.60
CA LEU E 69 -18.34 15.51 -14.56
C LEU E 69 -18.80 15.26 -13.11
N ARG E 70 -17.82 14.90 -12.29
CA ARG E 70 -18.02 14.61 -10.87
C ARG E 70 -18.63 15.79 -10.13
N ALA E 71 -18.09 16.99 -10.37
CA ALA E 71 -18.51 18.19 -9.64
C ALA E 71 -19.79 18.83 -10.17
N GLU E 72 -20.17 18.54 -11.42
CA GLU E 72 -21.44 19.06 -11.95
C GLU E 72 -22.61 18.18 -11.50
N THR E 73 -22.38 16.87 -11.49
CA THR E 73 -23.32 15.92 -10.91
C THR E 73 -23.64 16.30 -9.46
N GLN E 74 -22.62 16.70 -8.69
CA GLN E 74 -22.82 17.11 -7.29
C GLN E 74 -23.55 18.43 -7.17
N ALA E 75 -23.29 19.35 -8.09
CA ALA E 75 -23.77 20.72 -7.99
C ALA E 75 -25.28 20.89 -8.20
N LEU E 76 -25.88 20.07 -9.05
CA LEU E 76 -27.31 20.19 -9.40
C LEU E 76 -28.29 19.67 -8.33
N SER E 77 -29.36 20.44 -8.09
CA SER E 77 -30.43 20.01 -7.20
C SER E 77 -31.05 18.72 -7.74
N MET E 78 -31.69 17.95 -6.86
CA MET E 78 -32.28 16.67 -7.26
C MET E 78 -33.25 16.80 -8.46
N PRO E 79 -34.16 17.81 -8.43
CA PRO E 79 -35.03 18.06 -9.60
C PRO E 79 -34.28 18.38 -10.90
N ALA E 80 -33.37 19.36 -10.86
CA ALA E 80 -32.54 19.68 -12.01
C ALA E 80 -31.78 18.43 -12.49
N TYR E 81 -31.34 17.61 -11.53
CA TYR E 81 -30.61 16.39 -11.84
C TYR E 81 -31.53 15.44 -12.58
N ILE E 82 -32.72 15.20 -12.04
CA ILE E 82 -33.66 14.32 -12.70
C ILE E 82 -34.00 14.86 -14.10
N LYS E 83 -34.23 16.16 -14.16
CA LYS E 83 -34.40 16.89 -15.42
C LYS E 83 -33.30 16.54 -16.42
N ALA E 84 -32.06 16.55 -15.96
CA ALA E 84 -30.94 16.18 -16.82
C ALA E 84 -31.06 14.73 -17.32
N ARG E 85 -31.44 13.82 -16.42
CA ARG E 85 -31.52 12.39 -16.73
C ARG E 85 -32.69 12.09 -17.66
N CYS E 86 -33.69 12.97 -17.65
CA CYS E 86 -34.81 12.87 -18.57
C CYS E 86 -34.37 13.25 -19.98
N LYS E 87 -33.50 14.24 -20.09
CA LYS E 87 -32.97 14.68 -21.37
C LYS E 87 -32.08 13.61 -21.99
N LEU E 88 -31.39 12.86 -21.15
CA LEU E 88 -30.52 11.79 -21.61
C LEU E 88 -31.29 10.56 -22.08
N ALA E 89 -32.53 10.45 -21.62
CA ALA E 89 -33.35 9.26 -21.90
C ALA E 89 -33.75 9.22 -23.38
N THR E 90 -33.22 8.23 -24.09
CA THR E 90 -33.55 8.03 -25.50
C THR E 90 -34.59 6.92 -25.64
N GLY E 91 -35.06 6.74 -26.88
CA GLY E 91 -36.14 5.81 -27.18
C GLY E 91 -37.44 6.35 -26.62
N GLU E 92 -38.52 5.61 -26.85
CA GLU E 92 -39.79 5.98 -26.27
C GLU E 92 -40.56 4.81 -25.67
N GLY E 93 -40.74 4.88 -24.35
CA GLY E 93 -41.58 3.94 -23.63
C GLY E 93 -42.82 4.66 -23.14
N SER E 94 -43.28 4.29 -21.95
CA SER E 94 -44.44 4.91 -21.32
C SER E 94 -44.40 4.60 -19.84
N TRP E 95 -44.88 5.54 -19.03
CA TRP E 95 -44.95 5.35 -17.58
C TRP E 95 -45.88 4.19 -17.23
N LYS E 96 -46.75 3.85 -18.16
CA LYS E 96 -47.69 2.74 -17.99
C LYS E 96 -47.01 1.39 -17.81
N SER E 97 -45.89 1.19 -18.50
CA SER E 97 -45.11 -0.04 -18.37
C SER E 97 -44.77 -0.29 -16.91
N ILE E 98 -44.48 0.80 -16.21
CA ILE E 98 -44.10 0.77 -14.80
C ILE E 98 -45.33 0.47 -13.95
N LEU E 99 -46.42 1.19 -14.21
CA LEU E 99 -47.66 0.99 -13.47
C LEU E 99 -48.15 -0.46 -13.62
N THR E 100 -48.08 -0.99 -14.84
CA THR E 100 -48.54 -2.34 -15.12
C THR E 100 -47.86 -3.35 -14.22
N PHE E 101 -46.56 -3.13 -13.99
CA PHE E 101 -45.76 -4.04 -13.21
C PHE E 101 -46.17 -4.02 -11.75
N PHE E 102 -46.27 -2.82 -11.18
CA PHE E 102 -46.74 -2.66 -9.81
C PHE E 102 -48.11 -3.30 -9.61
N ASN E 103 -48.96 -3.19 -10.62
CA ASN E 103 -50.25 -3.82 -10.60
C ASN E 103 -50.08 -5.32 -10.49
N TYR E 104 -49.11 -5.84 -11.22
CA TYR E 104 -48.85 -7.26 -11.23
C TYR E 104 -48.32 -7.70 -9.88
N GLN E 105 -47.42 -6.90 -9.31
CA GLN E 105 -46.83 -7.17 -7.99
C GLN E 105 -47.74 -6.81 -6.82
N ASN E 106 -48.99 -6.44 -7.17
CA ASN E 106 -50.01 -6.04 -6.21
C ASN E 106 -49.56 -5.05 -5.15
N ILE E 107 -48.93 -3.98 -5.61
CA ILE E 107 -48.59 -2.85 -4.75
C ILE E 107 -49.10 -1.51 -5.29
N GLU E 108 -49.38 -0.59 -4.36
CA GLU E 108 -50.06 0.66 -4.67
C GLU E 108 -49.12 1.64 -5.31
N LEU E 109 -49.50 2.12 -6.48
CA LEU E 109 -48.78 3.23 -7.08
C LEU E 109 -48.55 4.36 -6.07
N ILE E 110 -49.62 4.76 -5.37
CA ILE E 110 -49.56 5.85 -4.40
C ILE E 110 -48.50 5.61 -3.33
N THR E 111 -48.44 4.40 -2.79
CA THR E 111 -47.46 4.06 -1.77
C THR E 111 -46.07 4.37 -2.30
N PHE E 112 -45.78 3.85 -3.48
CA PHE E 112 -44.52 4.04 -4.17
C PHE E 112 -44.19 5.52 -4.39
N ILE E 113 -45.08 6.24 -5.07
CA ILE E 113 -44.92 7.67 -5.36
C ILE E 113 -44.52 8.48 -4.12
N ASN E 114 -45.17 8.21 -3.01
CA ASN E 114 -44.79 8.85 -1.76
C ASN E 114 -43.39 8.43 -1.32
N ALA E 115 -43.16 7.13 -1.24
CA ALA E 115 -41.88 6.59 -0.79
C ALA E 115 -40.76 7.24 -1.58
N LEU E 116 -40.90 7.20 -2.90
CA LEU E 116 -39.92 7.71 -3.84
C LEU E 116 -39.70 9.19 -3.66
N LYS E 117 -40.80 9.92 -3.53
CA LYS E 117 -40.79 11.35 -3.27
C LYS E 117 -39.82 11.68 -2.13
N LEU E 118 -39.98 11.00 -1.00
CA LEU E 118 -39.22 11.29 0.21
C LEU E 118 -37.82 10.72 0.13
N TRP E 119 -37.70 9.55 -0.52
CA TRP E 119 -36.42 8.95 -0.81
C TRP E 119 -35.56 9.87 -1.65
N LEU E 120 -36.17 10.58 -2.59
CA LEU E 120 -35.44 11.49 -3.47
C LEU E 120 -34.86 12.70 -2.73
N LYS E 121 -35.62 13.20 -1.77
CA LYS E 121 -35.14 14.28 -0.91
C LYS E 121 -34.13 13.77 0.11
N GLY E 122 -33.98 12.45 0.21
CA GLY E 122 -33.09 11.84 1.20
C GLY E 122 -33.48 12.22 2.62
N ILE E 123 -34.77 12.30 2.88
CA ILE E 123 -35.28 12.55 4.22
C ILE E 123 -34.95 11.39 5.18
N PRO E 124 -34.45 11.72 6.38
CA PRO E 124 -34.08 10.77 7.43
C PRO E 124 -35.10 9.62 7.65
N LYS E 125 -34.64 8.38 7.50
CA LYS E 125 -35.47 7.19 7.70
C LYS E 125 -36.34 6.86 6.48
N LYS E 126 -36.31 7.77 5.50
CA LYS E 126 -37.00 7.59 4.25
C LYS E 126 -35.98 7.41 3.15
N ASN E 127 -34.72 7.23 3.55
CA ASN E 127 -33.59 7.27 2.61
C ASN E 127 -33.28 5.94 1.94
N CYS E 128 -34.03 4.90 2.31
CA CYS E 128 -33.69 3.57 1.87
C CYS E 128 -34.92 2.70 1.60
N LEU E 129 -35.08 2.36 0.31
CA LEU E 129 -36.19 1.55 -0.13
C LEU E 129 -35.74 0.14 -0.45
N ALA E 130 -36.24 -0.82 0.33
CA ALA E 130 -35.94 -2.23 0.12
C ALA E 130 -36.95 -2.85 -0.80
N PHE E 131 -36.48 -3.74 -1.66
CA PHE E 131 -37.35 -4.46 -2.55
C PHE E 131 -37.17 -5.93 -2.27
N ILE E 132 -38.15 -6.46 -1.58
CA ILE E 132 -38.00 -7.74 -0.94
C ILE E 132 -38.93 -8.75 -1.57
N GLY E 133 -38.44 -9.98 -1.70
CA GLY E 133 -39.24 -11.10 -2.19
C GLY E 133 -38.34 -12.27 -2.59
N PRO E 134 -38.95 -13.42 -2.89
CA PRO E 134 -38.20 -14.58 -3.34
C PRO E 134 -37.66 -14.36 -4.74
N PRO E 135 -36.77 -15.24 -5.20
CA PRO E 135 -36.13 -15.04 -6.49
C PRO E 135 -37.10 -15.00 -7.66
N ASN E 136 -36.77 -14.21 -8.69
CA ASN E 136 -37.54 -14.12 -9.95
C ASN E 136 -38.91 -13.47 -9.79
N THR E 137 -38.92 -12.31 -9.13
CA THR E 137 -40.11 -11.50 -8.96
C THR E 137 -39.84 -10.11 -9.53
N GLY E 138 -38.76 -10.01 -10.32
CA GLY E 138 -38.39 -8.78 -11.00
C GLY E 138 -37.86 -7.66 -10.12
N LYS E 139 -37.31 -8.02 -8.95
CA LYS E 139 -36.69 -7.03 -8.06
C LYS E 139 -35.48 -6.36 -8.70
N SER E 140 -34.47 -7.16 -9.06
CA SER E 140 -33.28 -6.68 -9.78
C SER E 140 -33.73 -5.87 -10.98
N MET E 141 -34.64 -6.48 -11.73
CA MET E 141 -35.25 -5.87 -12.92
C MET E 141 -35.58 -4.40 -12.69
N LEU E 142 -36.54 -4.14 -11.82
CA LEU E 142 -37.01 -2.78 -11.57
C LEU E 142 -35.95 -1.85 -10.99
N CYS E 143 -35.19 -2.34 -10.01
CA CYS E 143 -34.26 -1.51 -9.28
C CYS E 143 -33.14 -1.05 -10.16
N ASN E 144 -32.59 -1.98 -10.94
CA ASN E 144 -31.53 -1.66 -11.87
C ASN E 144 -31.97 -0.69 -12.95
N SER E 145 -33.19 -0.84 -13.45
CA SER E 145 -33.74 0.07 -14.45
C SER E 145 -33.85 1.49 -13.91
N LEU E 146 -34.19 1.58 -12.62
CA LEU E 146 -34.32 2.88 -11.96
C LEU E 146 -32.95 3.52 -11.71
N ILE E 147 -32.02 2.72 -11.20
CA ILE E 147 -30.64 3.17 -11.03
C ILE E 147 -30.09 3.64 -12.38
N HIS E 148 -30.29 2.83 -13.41
CA HIS E 148 -29.78 3.14 -14.72
C HIS E 148 -30.28 4.53 -15.13
N PHE E 149 -31.60 4.68 -15.23
CA PHE E 149 -32.18 5.98 -15.54
C PHE E 149 -31.56 7.12 -14.70
N LEU E 150 -31.36 6.83 -13.41
CA LEU E 150 -30.92 7.86 -12.47
C LEU E 150 -29.43 8.20 -12.56
N GLY E 151 -28.66 7.34 -13.23
CA GLY E 151 -27.20 7.48 -13.25
C GLY E 151 -26.64 7.04 -11.93
N GLY E 152 -27.27 6.01 -11.35
CA GLY E 152 -26.90 5.53 -10.04
C GLY E 152 -25.68 4.65 -10.11
N SER E 153 -25.32 4.04 -8.99
CA SER E 153 -24.25 3.06 -8.97
C SER E 153 -24.66 1.85 -8.17
N VAL E 154 -24.16 0.69 -8.59
CA VAL E 154 -24.33 -0.57 -7.88
C VAL E 154 -23.17 -0.73 -6.92
N LEU E 155 -23.49 -1.15 -5.69
CA LEU E 155 -22.50 -1.51 -4.72
C LEU E 155 -22.54 -3.01 -4.56
N SER E 156 -21.37 -3.63 -4.55
CA SER E 156 -21.33 -5.07 -4.40
C SER E 156 -20.82 -5.43 -3.02
N PHE E 157 -21.72 -5.98 -2.20
CA PHE E 157 -21.35 -6.42 -0.87
C PHE E 157 -20.26 -7.51 -0.88
N ALA E 158 -19.99 -8.07 -2.06
CA ALA E 158 -18.90 -9.01 -2.26
C ALA E 158 -17.60 -8.33 -1.88
N ASN E 159 -17.44 -7.07 -2.28
CA ASN E 159 -16.23 -6.30 -1.99
C ASN E 159 -16.17 -5.65 -0.60
N HIS E 160 -17.04 -6.07 0.33
CA HIS E 160 -17.19 -5.41 1.62
C HIS E 160 -16.00 -5.56 2.56
N LYS E 161 -15.16 -6.56 2.34
CA LYS E 161 -13.91 -6.71 3.12
C LYS E 161 -12.97 -5.51 2.96
N SER E 162 -12.89 -4.92 1.78
CA SER E 162 -12.30 -3.59 1.69
C SER E 162 -13.36 -2.61 2.15
N HIS E 163 -12.96 -1.63 2.95
CA HIS E 163 -13.85 -0.52 3.32
C HIS E 163 -14.05 0.50 2.16
N PHE E 164 -13.23 0.40 1.10
CA PHE E 164 -13.42 1.23 -0.10
C PHE E 164 -14.67 0.93 -0.93
N TRP E 165 -15.36 -0.17 -0.63
CA TRP E 165 -16.51 -0.61 -1.42
C TRP E 165 -17.64 0.40 -1.40
N LEU E 166 -17.54 1.36 -0.49
CA LEU E 166 -18.52 2.43 -0.36
C LEU E 166 -18.07 3.72 -1.03
N ALA E 167 -16.85 3.71 -1.55
CA ALA E 167 -16.25 4.89 -2.19
C ALA E 167 -17.22 5.67 -3.06
N SER E 168 -18.05 4.97 -3.84
CA SER E 168 -18.96 5.64 -4.80
C SER E 168 -20.09 6.43 -4.15
N LEU E 169 -20.31 6.23 -2.86
CA LEU E 169 -21.30 7.00 -2.11
C LEU E 169 -20.91 8.48 -2.01
N ALA E 170 -19.62 8.76 -2.13
CA ALA E 170 -19.14 10.14 -2.18
C ALA E 170 -19.41 10.74 -3.56
N ASP E 171 -20.14 10.02 -4.40
CA ASP E 171 -20.33 10.43 -5.80
C ASP E 171 -21.72 10.37 -6.38
N THR E 172 -22.36 9.20 -6.32
CA THR E 172 -23.67 9.06 -6.94
C THR E 172 -24.70 9.90 -6.25
N ARG E 173 -25.85 10.03 -6.90
CA ARG E 173 -27.00 10.70 -6.35
C ARG E 173 -28.00 9.67 -5.87
N ALA E 174 -27.84 8.43 -6.34
CA ALA E 174 -28.64 7.28 -5.90
C ALA E 174 -27.77 6.04 -5.97
N ALA E 175 -27.93 5.10 -5.04
CA ALA E 175 -27.10 3.88 -5.05
C ALA E 175 -27.91 2.60 -4.78
N LEU E 176 -27.51 1.50 -5.42
CA LEU E 176 -28.19 0.21 -5.23
C LEU E 176 -27.28 -0.87 -4.66
N VAL E 177 -27.70 -1.45 -3.53
CA VAL E 177 -27.02 -2.62 -3.00
C VAL E 177 -27.83 -3.84 -3.37
N ASP E 178 -27.36 -4.57 -4.37
CA ASP E 178 -28.14 -5.65 -4.93
C ASP E 178 -28.02 -6.93 -4.12
N ASP E 179 -29.13 -7.66 -4.03
CA ASP E 179 -29.17 -8.98 -3.39
C ASP E 179 -28.51 -9.01 -2.02
N ALA E 180 -29.14 -8.34 -1.06
CA ALA E 180 -28.66 -8.31 0.31
C ALA E 180 -28.82 -9.67 1.01
N THR E 181 -27.74 -10.10 1.65
CA THR E 181 -27.73 -11.28 2.46
C THR E 181 -27.86 -10.80 3.89
N HIS E 182 -28.02 -11.73 4.83
CA HIS E 182 -28.02 -11.38 6.25
C HIS E 182 -26.75 -10.61 6.60
N ALA E 183 -25.61 -11.20 6.28
CA ALA E 183 -24.34 -10.53 6.44
C ALA E 183 -24.49 -9.05 6.15
N CYS E 184 -25.06 -8.73 4.98
CA CYS E 184 -25.15 -7.37 4.48
C CYS E 184 -26.10 -6.48 5.27
N TRP E 185 -27.24 -7.02 5.63
CA TRP E 185 -28.22 -6.28 6.40
C TRP E 185 -27.68 -5.95 7.77
N ARG E 186 -26.98 -6.87 8.41
CA ARG E 186 -26.44 -6.52 9.71
C ARG E 186 -25.23 -5.63 9.60
N TYR E 187 -24.55 -5.69 8.45
CA TYR E 187 -23.55 -4.69 8.12
C TYR E 187 -24.17 -3.32 8.19
N PHE E 188 -25.24 -3.11 7.42
CA PHE E 188 -26.02 -1.89 7.50
C PHE E 188 -26.28 -1.49 8.94
N ASP E 189 -26.79 -2.45 9.71
CA ASP E 189 -27.15 -2.22 11.09
C ASP E 189 -25.93 -1.76 11.89
N THR E 190 -24.79 -2.41 11.63
CA THR E 190 -23.56 -2.20 12.38
C THR E 190 -22.95 -0.86 12.04
N TYR E 191 -22.77 -0.61 10.75
CA TYR E 191 -21.89 0.46 10.34
C TYR E 191 -22.58 1.66 9.78
N LEU E 192 -23.75 1.46 9.19
CA LEU E 192 -24.34 2.52 8.36
C LEU E 192 -25.56 3.20 8.95
N ARG E 193 -25.75 3.13 10.25
CA ARG E 193 -26.92 3.74 10.84
C ARG E 193 -27.07 5.17 10.38
N ASN E 194 -25.96 5.87 10.26
CA ASN E 194 -25.97 7.28 9.87
C ASN E 194 -26.39 7.53 8.44
N ALA E 195 -26.11 6.58 7.55
CA ALA E 195 -26.57 6.65 6.16
C ALA E 195 -28.09 6.63 6.09
N LEU E 196 -28.71 5.91 7.02
CA LEU E 196 -30.14 5.80 7.07
C LEU E 196 -30.82 6.99 7.71
N ASP E 197 -30.21 7.56 8.75
CA ASP E 197 -30.76 8.70 9.51
C ASP E 197 -30.39 10.06 8.94
N GLY E 198 -29.64 10.06 7.83
CA GLY E 198 -29.21 11.32 7.21
C GLY E 198 -28.16 12.12 7.96
N TYR E 199 -27.50 11.51 8.95
CA TYR E 199 -26.30 12.06 9.58
C TYR E 199 -25.05 11.73 8.72
N PRO E 200 -23.90 12.36 9.02
CA PRO E 200 -22.70 12.24 8.17
C PRO E 200 -21.92 10.93 8.30
N VAL E 201 -21.41 10.45 7.16
CA VAL E 201 -20.53 9.30 7.17
C VAL E 201 -19.19 9.65 6.51
N SER E 202 -18.11 9.13 7.09
CA SER E 202 -16.77 9.30 6.55
C SER E 202 -16.57 8.22 5.52
N ILE E 203 -16.57 8.62 4.26
CA ILE E 203 -16.43 7.70 3.16
C ILE E 203 -14.99 7.77 2.72
N ASP E 204 -14.30 6.64 2.81
CA ASP E 204 -12.91 6.60 2.39
C ASP E 204 -12.83 6.39 0.90
N ARG E 205 -12.03 7.24 0.25
CA ARG E 205 -11.72 7.13 -1.18
C ARG E 205 -10.30 6.63 -1.32
N LYS E 206 -9.97 5.96 -2.43
CA LYS E 206 -8.68 5.29 -2.57
C LYS E 206 -7.43 6.18 -2.57
N HIS E 207 -7.25 6.99 -3.61
CA HIS E 207 -5.98 7.72 -3.76
C HIS E 207 -5.95 9.06 -3.01
N LYS E 208 -7.08 9.45 -2.42
CA LYS E 208 -7.10 10.69 -1.62
C LYS E 208 -7.87 10.54 -0.30
N ALA E 209 -7.65 11.47 0.63
CA ALA E 209 -8.20 11.41 1.99
C ALA E 209 -9.72 11.29 2.00
N ALA E 210 -10.25 10.73 3.08
CA ALA E 210 -11.69 10.47 3.20
C ALA E 210 -12.50 11.75 3.27
N VAL E 211 -13.75 11.64 2.86
CA VAL E 211 -14.67 12.76 2.89
C VAL E 211 -15.90 12.44 3.75
N GLN E 212 -16.40 13.47 4.41
CA GLN E 212 -17.65 13.34 5.14
C GLN E 212 -18.80 13.88 4.32
N ILE E 213 -19.80 13.03 4.12
CA ILE E 213 -20.93 13.35 3.27
C ILE E 213 -22.22 12.80 3.84
N LYS E 214 -23.34 13.25 3.29
CA LYS E 214 -24.62 12.66 3.60
C LYS E 214 -24.86 11.59 2.53
N ALA E 215 -25.10 10.38 2.99
CA ALA E 215 -25.29 9.24 2.08
C ALA E 215 -26.46 9.46 1.13
N PRO E 216 -26.23 9.35 -0.19
CA PRO E 216 -27.32 9.60 -1.14
C PRO E 216 -28.34 8.48 -1.00
N PRO E 217 -29.57 8.71 -1.49
CA PRO E 217 -30.62 7.69 -1.54
C PRO E 217 -30.16 6.25 -1.85
N LEU E 218 -30.76 5.27 -1.19
CA LEU E 218 -30.32 3.89 -1.32
C LEU E 218 -31.43 2.94 -1.69
N LEU E 219 -31.15 2.06 -2.65
CA LEU E 219 -32.03 0.94 -2.94
C LEU E 219 -31.38 -0.33 -2.46
N VAL E 220 -32.19 -1.28 -2.02
CA VAL E 220 -31.69 -2.60 -1.71
C VAL E 220 -32.65 -3.63 -2.28
N THR E 221 -32.11 -4.69 -2.85
CA THR E 221 -32.91 -5.90 -3.11
C THR E 221 -32.48 -7.01 -2.15
N SER E 222 -33.40 -7.93 -1.86
CA SER E 222 -33.08 -9.05 -0.96
C SER E 222 -34.20 -10.07 -0.90
N ASN E 223 -33.83 -11.30 -0.52
CA ASN E 223 -34.82 -12.32 -0.24
C ASN E 223 -35.27 -12.21 1.23
N ILE E 224 -34.65 -11.28 1.95
CA ILE E 224 -34.76 -11.17 3.41
C ILE E 224 -35.63 -9.99 3.81
N ASP E 225 -36.68 -10.29 4.58
CA ASP E 225 -37.57 -9.26 5.12
C ASP E 225 -37.04 -8.70 6.44
N VAL E 226 -36.56 -7.46 6.41
CA VAL E 226 -35.99 -6.82 7.60
C VAL E 226 -37.02 -6.45 8.66
N GLN E 227 -38.23 -6.11 8.21
CA GLN E 227 -39.31 -5.71 9.11
C GLN E 227 -39.79 -6.90 9.92
N ALA E 228 -39.68 -8.09 9.33
CA ALA E 228 -40.18 -9.34 9.93
C ALA E 228 -39.14 -10.01 10.82
N GLU E 229 -37.95 -9.40 10.88
CA GLU E 229 -36.84 -9.95 11.65
C GLU E 229 -36.51 -9.10 12.87
N ASP E 230 -36.27 -9.78 13.99
CA ASP E 230 -36.06 -9.10 15.27
C ASP E 230 -34.66 -8.53 15.39
N ARG E 231 -33.68 -9.25 14.85
CA ARG E 231 -32.27 -8.83 14.95
C ARG E 231 -31.96 -7.55 14.18
N TYR E 232 -32.94 -7.05 13.42
CA TYR E 232 -32.78 -5.81 12.67
C TYR E 232 -33.75 -4.73 13.14
N LEU E 233 -33.98 -4.69 14.45
CA LEU E 233 -35.03 -3.84 15.00
C LEU E 233 -34.80 -2.40 14.58
N TYR E 234 -33.54 -1.97 14.64
CA TYR E 234 -33.19 -0.60 14.29
C TYR E 234 -33.61 -0.26 12.88
N LEU E 235 -33.57 -1.25 11.99
CA LEU E 235 -33.82 -1.03 10.59
C LEU E 235 -35.28 -0.78 10.23
N HIS E 236 -36.20 -1.33 11.02
CA HIS E 236 -37.64 -1.27 10.75
C HIS E 236 -38.14 0.14 10.44
N SER E 237 -37.82 1.07 11.33
CA SER E 237 -38.23 2.46 11.16
C SER E 237 -37.40 3.26 10.14
N ARG E 238 -36.36 2.67 9.57
CA ARG E 238 -35.49 3.39 8.63
C ARG E 238 -35.51 2.84 7.20
N VAL E 239 -36.16 1.69 7.02
CA VAL E 239 -36.21 1.04 5.72
C VAL E 239 -37.65 0.88 5.25
N GLN E 240 -37.96 1.43 4.07
CA GLN E 240 -39.30 1.31 3.49
C GLN E 240 -39.35 0.10 2.55
N THR E 241 -40.17 -0.89 2.88
CA THR E 241 -40.16 -2.15 2.17
C THR E 241 -41.31 -2.30 1.17
N PHE E 242 -41.07 -3.07 0.11
CA PHE E 242 -42.09 -3.42 -0.86
C PHE E 242 -41.90 -4.88 -1.18
N ARG E 243 -42.92 -5.70 -0.98
CA ARG E 243 -42.83 -7.12 -1.32
C ARG E 243 -43.35 -7.49 -2.72
N PHE E 244 -42.51 -8.19 -3.47
CA PHE E 244 -42.84 -8.71 -4.79
C PHE E 244 -43.01 -10.20 -4.67
N GLU E 245 -44.14 -10.73 -5.12
CA GLU E 245 -44.44 -12.17 -4.98
C GLU E 245 -44.59 -12.87 -6.31
N GLN E 246 -44.54 -12.12 -7.40
CA GLN E 246 -45.02 -12.64 -8.67
C GLN E 246 -43.92 -13.03 -9.66
N PRO E 247 -43.97 -14.26 -10.19
CA PRO E 247 -42.95 -14.76 -11.12
C PRO E 247 -42.79 -13.92 -12.40
N CYS E 248 -41.57 -13.89 -12.94
CA CYS E 248 -41.29 -13.22 -14.22
C CYS E 248 -40.41 -14.13 -15.11
N THR E 249 -41.05 -15.10 -15.77
CA THR E 249 -40.33 -16.26 -16.30
C THR E 249 -40.88 -16.88 -17.60
N ASP E 250 -40.20 -16.56 -18.70
CA ASP E 250 -40.48 -17.14 -20.02
C ASP E 250 -39.11 -17.29 -20.69
N GLU E 251 -38.87 -18.45 -21.31
CA GLU E 251 -37.59 -18.71 -22.02
C GLU E 251 -37.20 -17.55 -22.95
N PRO E 256 -41.32 -11.40 -19.14
CA PRO E 256 -42.21 -10.50 -19.88
C PRO E 256 -41.99 -9.00 -19.61
N PHE E 257 -41.33 -8.65 -18.51
CA PHE E 257 -41.18 -7.23 -18.10
C PHE E 257 -39.79 -6.68 -18.33
N ASN E 258 -39.70 -5.53 -19.00
CA ASN E 258 -38.43 -4.88 -19.19
C ASN E 258 -38.56 -3.36 -19.19
N ILE E 259 -38.60 -2.79 -17.98
CA ILE E 259 -38.65 -1.34 -17.77
C ILE E 259 -37.44 -0.66 -18.42
N THR E 260 -37.71 0.27 -19.33
CA THR E 260 -36.67 0.98 -20.05
C THR E 260 -36.45 2.37 -19.46
N ASP E 261 -35.43 3.05 -19.95
CA ASP E 261 -35.13 4.42 -19.54
C ASP E 261 -36.21 5.39 -19.96
N ALA E 262 -36.81 5.17 -21.12
CA ALA E 262 -37.90 6.03 -21.58
C ALA E 262 -39.14 5.81 -20.72
N ASP E 263 -39.31 4.58 -20.23
CA ASP E 263 -40.39 4.27 -19.29
C ASP E 263 -40.28 5.18 -18.07
N TRP E 264 -39.09 5.24 -17.49
CA TRP E 264 -38.86 6.10 -16.34
C TRP E 264 -39.04 7.56 -16.68
N LYS E 265 -38.59 7.97 -17.86
CA LYS E 265 -38.69 9.36 -18.25
C LYS E 265 -40.16 9.77 -18.23
N SER E 266 -40.98 8.97 -18.90
CA SER E 266 -42.40 9.22 -18.94
C SER E 266 -42.98 9.24 -17.53
N PHE E 267 -42.54 8.31 -16.70
CA PHE E 267 -42.98 8.23 -15.30
C PHE E 267 -42.73 9.52 -14.54
N PHE E 268 -41.49 10.01 -14.58
CA PHE E 268 -41.16 11.26 -13.90
C PHE E 268 -41.79 12.50 -14.53
N VAL E 269 -41.81 12.59 -15.86
CA VAL E 269 -42.41 13.73 -16.55
C VAL E 269 -43.89 13.86 -16.18
N ARG E 270 -44.52 12.72 -15.95
CA ARG E 270 -45.94 12.68 -15.75
C ARG E 270 -46.34 12.84 -14.30
N LEU E 271 -45.51 12.34 -13.38
CA LEU E 271 -45.84 12.41 -11.96
C LEU E 271 -44.98 13.42 -11.26
N TRP E 272 -44.32 14.26 -12.05
CA TRP E 272 -43.46 15.33 -11.59
C TRP E 272 -44.10 16.11 -10.45
N GLY E 273 -45.37 16.46 -10.62
CA GLY E 273 -46.10 17.21 -9.61
C GLY E 273 -46.21 16.41 -8.34
N ARG E 274 -46.63 15.15 -8.48
CA ARG E 274 -46.97 14.29 -7.35
C ARG E 274 -45.75 13.87 -6.55
N LEU E 275 -44.57 14.08 -7.12
CA LEU E 275 -43.28 13.75 -6.47
C LEU E 275 -42.62 14.96 -5.79
N ASP E 276 -43.30 16.10 -5.82
CA ASP E 276 -42.84 17.33 -5.19
C ASP E 276 -41.53 17.86 -5.78
N LEU E 277 -41.33 17.62 -7.08
CA LEU E 277 -40.10 18.04 -7.76
C LEU E 277 -40.24 19.43 -8.41
N ILE E 278 -41.02 20.31 -7.80
CA ILE E 278 -41.18 21.69 -8.28
C ILE E 278 -40.49 22.65 -7.31
N THR F 1 24.72 -4.04 -30.39
CA THR F 1 23.72 -2.92 -30.46
C THR F 1 24.50 -1.60 -30.39
N LEU F 2 24.01 -0.58 -31.09
CA LEU F 2 24.51 0.79 -30.89
C LEU F 2 23.44 1.62 -30.18
N ASN F 3 23.87 2.34 -29.14
CA ASN F 3 23.01 3.24 -28.37
C ASN F 3 23.60 4.65 -28.30
N GLU F 4 24.39 5.04 -29.31
CA GLU F 4 25.11 6.30 -29.24
C GLU F 4 24.84 7.14 -30.49
N SER F 5 25.75 8.08 -30.80
CA SER F 5 25.69 8.91 -32.01
C SER F 5 27.04 9.57 -32.29
N LYS F 10 16.32 16.42 -34.82
CA LYS F 10 15.38 16.66 -33.74
C LYS F 10 14.35 15.55 -33.64
N PHE F 11 14.12 15.08 -32.41
CA PHE F 11 13.30 13.91 -32.16
C PHE F 11 11.81 14.21 -32.08
N ASP F 12 11.01 13.48 -32.85
CA ASP F 12 9.55 13.59 -32.77
C ASP F 12 8.91 12.32 -32.18
N PHE F 13 8.28 12.51 -31.02
CA PHE F 13 7.70 11.43 -30.25
C PHE F 13 6.63 10.67 -31.03
N GLY F 14 5.67 11.40 -31.60
CA GLY F 14 4.57 10.79 -32.34
C GLY F 14 5.05 9.76 -33.35
N THR F 15 6.10 10.13 -34.08
CA THR F 15 6.74 9.25 -35.07
C THR F 15 7.17 7.91 -34.46
N MET F 16 7.80 7.97 -33.30
CA MET F 16 8.15 6.75 -32.57
C MET F 16 6.90 5.96 -32.23
N VAL F 17 5.91 6.62 -31.66
CA VAL F 17 4.65 5.96 -31.30
C VAL F 17 4.01 5.33 -32.52
N GLN F 18 3.91 6.09 -33.59
CA GLN F 18 3.47 5.60 -34.89
C GLN F 18 4.19 4.28 -35.21
N TRP F 19 5.51 4.34 -35.32
CA TRP F 19 6.35 3.17 -35.53
C TRP F 19 5.97 2.02 -34.60
N ALA F 20 5.97 2.30 -33.30
CA ALA F 20 5.70 1.27 -32.29
C ALA F 20 4.34 0.64 -32.52
N TYR F 21 3.34 1.50 -32.75
CA TYR F 21 1.99 1.04 -33.05
C TYR F 21 2.00 0.10 -34.24
N ASP F 22 2.71 0.49 -35.29
CA ASP F 22 2.75 -0.29 -36.53
C ASP F 22 3.28 -1.69 -36.30
N HIS F 23 4.34 -1.81 -35.51
CA HIS F 23 4.94 -3.10 -35.23
C HIS F 23 4.25 -3.81 -34.08
N LYS F 24 3.23 -3.16 -33.51
CA LYS F 24 2.45 -3.67 -32.36
C LYS F 24 3.31 -3.89 -31.12
N TYR F 25 4.37 -3.10 -30.97
CA TYR F 25 5.22 -3.19 -29.77
C TYR F 25 4.66 -2.36 -28.60
N ALA F 26 4.16 -3.04 -27.57
CA ALA F 26 3.66 -2.36 -26.38
C ALA F 26 4.61 -2.49 -25.19
N GLU F 27 5.87 -2.79 -25.49
CA GLU F 27 6.76 -3.33 -24.50
C GLU F 27 7.98 -2.47 -24.28
N GLU F 28 7.99 -1.71 -23.20
CA GLU F 28 9.10 -0.79 -22.94
C GLU F 28 10.46 -1.35 -23.42
N SER F 29 10.81 -2.53 -22.94
CA SER F 29 12.11 -3.08 -23.25
C SER F 29 12.24 -3.31 -24.76
N LYS F 30 11.23 -3.96 -25.34
CA LYS F 30 11.23 -4.24 -26.76
C LYS F 30 11.31 -2.96 -27.59
N ILE F 31 10.36 -2.05 -27.34
CA ILE F 31 10.36 -0.71 -27.93
C ILE F 31 11.76 -0.10 -27.94
N ALA F 32 12.36 -0.04 -26.75
CA ALA F 32 13.65 0.60 -26.57
C ALA F 32 14.69 -0.02 -27.47
N TYR F 33 14.73 -1.36 -27.44
CA TYR F 33 15.72 -2.13 -28.15
C TYR F 33 15.55 -2.01 -29.67
N GLU F 34 14.32 -2.24 -30.11
CA GLU F 34 14.00 -2.28 -31.51
C GLU F 34 14.19 -0.94 -32.20
N TYR F 35 13.90 0.14 -31.48
CA TYR F 35 14.09 1.47 -32.02
C TYR F 35 15.59 1.70 -32.20
N ALA F 36 16.37 1.38 -31.16
CA ALA F 36 17.81 1.59 -31.19
C ALA F 36 18.48 0.83 -32.34
N LEU F 37 17.80 -0.23 -32.82
CA LEU F 37 18.29 -0.97 -33.98
C LEU F 37 17.89 -0.28 -35.28
N ALA F 38 16.60 -0.03 -35.44
CA ALA F 38 16.06 0.67 -36.59
C ALA F 38 16.52 2.13 -36.55
N ALA F 39 17.83 2.36 -36.69
CA ALA F 39 18.42 3.63 -36.29
C ALA F 39 19.59 4.11 -37.14
N GLY F 40 20.21 3.19 -37.87
CA GLY F 40 21.22 3.56 -38.87
C GLY F 40 20.54 3.83 -40.20
N SER F 41 19.20 3.96 -40.13
CA SER F 41 18.35 4.07 -41.31
C SER F 41 16.99 4.72 -41.00
N ASP F 42 16.88 5.34 -39.83
CA ASP F 42 15.73 6.18 -39.46
C ASP F 42 16.23 7.44 -38.72
N SER F 43 16.02 8.62 -39.32
CA SER F 43 16.55 9.88 -38.77
C SER F 43 16.05 10.13 -37.36
N ASN F 44 14.83 9.66 -37.09
CA ASN F 44 14.16 9.88 -35.80
C ASN F 44 14.69 8.97 -34.69
N ALA F 45 14.92 7.71 -35.04
CA ALA F 45 15.50 6.76 -34.10
C ALA F 45 16.88 7.23 -33.67
N ARG F 46 17.70 7.65 -34.63
CA ARG F 46 18.98 8.28 -34.33
C ARG F 46 18.75 9.43 -33.33
N ALA F 47 17.81 10.32 -33.65
CA ALA F 47 17.53 11.52 -32.86
C ALA F 47 17.15 11.16 -31.42
N PHE F 48 16.38 10.10 -31.30
CA PHE F 48 16.00 9.49 -30.02
C PHE F 48 17.22 9.18 -29.14
N LEU F 49 18.24 8.57 -29.73
CA LEU F 49 19.42 8.20 -28.99
C LEU F 49 20.26 9.41 -28.60
N ALA F 50 20.03 10.53 -29.29
CA ALA F 50 20.69 11.81 -28.99
C ALA F 50 20.10 12.45 -27.73
N THR F 51 18.79 12.27 -27.54
CA THR F 51 18.06 12.83 -26.38
C THR F 51 18.45 12.19 -25.07
N ASN F 52 18.48 13.02 -24.03
CA ASN F 52 18.83 12.60 -22.70
C ASN F 52 17.66 11.96 -22.00
N SER F 53 16.44 12.27 -22.45
CA SER F 53 15.25 11.72 -21.82
C SER F 53 14.73 10.51 -22.57
N GLN F 54 15.62 9.61 -22.96
CA GLN F 54 15.23 8.45 -23.73
C GLN F 54 14.33 7.57 -22.89
N ALA F 55 14.70 7.42 -21.63
CA ALA F 55 14.00 6.51 -20.74
C ALA F 55 12.54 6.92 -20.61
N LYS F 56 12.32 8.22 -20.54
CA LYS F 56 10.99 8.79 -20.46
C LYS F 56 10.20 8.52 -21.73
N HIS F 57 10.86 8.68 -22.87
CA HIS F 57 10.19 8.57 -24.16
C HIS F 57 9.74 7.13 -24.37
N VAL F 58 10.57 6.17 -23.97
CA VAL F 58 10.18 4.76 -24.06
C VAL F 58 8.95 4.46 -23.20
N LYS F 59 9.01 4.86 -21.93
CA LYS F 59 7.88 4.72 -21.03
C LYS F 59 6.60 5.30 -21.65
N ASP F 60 6.66 6.56 -22.10
CA ASP F 60 5.51 7.22 -22.72
C ASP F 60 5.04 6.49 -23.97
N CYS F 61 5.98 6.08 -24.81
CA CYS F 61 5.64 5.37 -26.03
C CYS F 61 4.82 4.11 -25.75
N ALA F 62 5.22 3.36 -24.73
CA ALA F 62 4.49 2.18 -24.29
C ALA F 62 3.08 2.57 -23.90
N THR F 63 2.97 3.40 -22.86
CA THR F 63 1.69 3.94 -22.39
C THR F 63 0.80 4.30 -23.58
N MET F 64 1.35 5.12 -24.47
CA MET F 64 0.65 5.65 -25.62
C MET F 64 0.16 4.54 -26.52
N VAL F 65 1.06 3.61 -26.87
CA VAL F 65 0.68 2.42 -27.63
C VAL F 65 -0.38 1.58 -26.90
N ARG F 66 -0.13 1.17 -25.66
CA ARG F 66 -1.17 0.37 -24.98
C ARG F 66 -2.53 1.07 -24.86
N HIS F 67 -2.52 2.40 -24.87
CA HIS F 67 -3.76 3.17 -24.95
C HIS F 67 -4.46 2.90 -26.26
N TYR F 68 -3.76 3.19 -27.36
CA TYR F 68 -4.34 3.06 -28.69
C TYR F 68 -4.84 1.64 -28.92
N LEU F 69 -3.98 0.66 -28.72
CA LEU F 69 -4.30 -0.75 -28.97
C LEU F 69 -5.47 -1.23 -28.13
N ARG F 70 -5.45 -0.85 -26.85
CA ARG F 70 -6.52 -1.20 -25.93
C ARG F 70 -7.81 -0.55 -26.41
N ALA F 71 -7.78 0.76 -26.60
CA ALA F 71 -8.96 1.49 -27.03
C ALA F 71 -9.49 1.02 -28.39
N GLU F 72 -8.60 0.62 -29.30
CA GLU F 72 -9.05 0.21 -30.64
C GLU F 72 -9.77 -1.14 -30.60
N THR F 73 -9.29 -2.04 -29.73
CA THR F 73 -9.95 -3.33 -29.55
C THR F 73 -11.24 -3.20 -28.74
N GLN F 74 -11.25 -2.32 -27.73
CA GLN F 74 -12.47 -2.13 -26.91
C GLN F 74 -13.64 -1.72 -27.80
N ALA F 75 -13.34 -1.03 -28.88
CA ALA F 75 -14.33 -0.39 -29.76
C ALA F 75 -14.94 -1.32 -30.82
N LEU F 76 -14.40 -2.51 -30.99
CA LEU F 76 -14.89 -3.45 -31.99
C LEU F 76 -16.23 -4.08 -31.58
N SER F 77 -17.00 -4.57 -32.55
CA SER F 77 -18.15 -5.41 -32.25
C SER F 77 -17.61 -6.80 -31.94
N MET F 78 -18.41 -7.67 -31.34
CA MET F 78 -17.95 -9.03 -31.06
C MET F 78 -17.51 -9.76 -32.34
N PRO F 79 -18.34 -9.70 -33.41
CA PRO F 79 -17.89 -10.26 -34.68
C PRO F 79 -16.55 -9.71 -35.16
N ALA F 80 -16.44 -8.38 -35.25
CA ALA F 80 -15.19 -7.74 -35.67
C ALA F 80 -13.98 -8.16 -34.82
N TYR F 81 -14.20 -8.33 -33.51
CA TYR F 81 -13.16 -8.77 -32.61
C TYR F 81 -12.65 -10.16 -32.99
N ILE F 82 -13.57 -11.08 -33.23
CA ILE F 82 -13.23 -12.45 -33.58
C ILE F 82 -12.45 -12.50 -34.91
N LYS F 83 -12.93 -11.74 -35.89
CA LYS F 83 -12.20 -11.49 -37.14
C LYS F 83 -10.75 -11.02 -36.87
N ALA F 84 -10.58 -10.22 -35.83
CA ALA F 84 -9.24 -9.81 -35.41
C ALA F 84 -8.47 -10.99 -34.81
N ARG F 85 -9.12 -11.76 -33.92
CA ARG F 85 -8.50 -12.94 -33.32
C ARG F 85 -8.13 -13.99 -34.37
N CYS F 86 -8.87 -13.97 -35.48
CA CYS F 86 -8.64 -14.88 -36.59
C CYS F 86 -7.40 -14.50 -37.40
N LYS F 87 -7.22 -13.20 -37.61
CA LYS F 87 -6.03 -12.67 -38.30
C LYS F 87 -4.79 -12.91 -37.47
N LEU F 88 -4.96 -12.79 -36.16
CA LEU F 88 -3.88 -12.84 -35.20
C LEU F 88 -3.35 -14.25 -34.99
N ALA F 89 -4.15 -15.26 -35.31
CA ALA F 89 -3.79 -16.66 -35.08
C ALA F 89 -3.43 -17.35 -36.37
N THR F 90 -2.24 -17.94 -36.44
CA THR F 90 -1.77 -18.66 -37.65
C THR F 90 -1.24 -20.06 -37.30
N GLY F 91 -1.11 -20.91 -38.32
CA GLY F 91 -0.52 -22.25 -38.16
C GLY F 91 -1.28 -23.37 -38.85
N GLU F 92 -0.82 -24.61 -38.61
CA GLU F 92 -1.50 -25.82 -39.08
C GLU F 92 -2.88 -25.95 -38.44
N GLY F 93 -3.92 -25.71 -39.22
CA GLY F 93 -5.25 -25.62 -38.67
C GLY F 93 -6.32 -26.40 -39.38
N SER F 94 -7.13 -27.09 -38.59
CA SER F 94 -8.39 -27.69 -39.02
C SER F 94 -9.38 -27.71 -37.86
N TRP F 95 -10.65 -27.49 -38.16
CA TRP F 95 -11.71 -27.64 -37.17
C TRP F 95 -12.04 -29.11 -36.92
N LYS F 96 -11.66 -29.98 -37.87
CA LYS F 96 -11.78 -31.43 -37.74
C LYS F 96 -11.22 -31.87 -36.38
N SER F 97 -10.20 -31.14 -35.95
CA SER F 97 -9.54 -31.33 -34.66
C SER F 97 -10.55 -31.29 -33.54
N ILE F 98 -11.37 -30.23 -33.52
CA ILE F 98 -12.37 -30.01 -32.47
C ILE F 98 -13.57 -30.97 -32.61
N LEU F 99 -14.10 -31.08 -33.83
CA LEU F 99 -15.27 -31.92 -34.07
C LEU F 99 -15.10 -33.34 -33.52
N THR F 100 -13.93 -33.93 -33.74
CA THR F 100 -13.68 -35.27 -33.23
C THR F 100 -13.63 -35.29 -31.70
N PHE F 101 -13.05 -34.26 -31.10
CA PHE F 101 -12.99 -34.15 -29.66
C PHE F 101 -14.40 -34.17 -29.04
N PHE F 102 -15.29 -33.35 -29.60
CA PHE F 102 -16.68 -33.37 -29.17
C PHE F 102 -17.33 -34.73 -29.37
N ASN F 103 -17.02 -35.33 -30.52
CA ASN F 103 -17.52 -36.65 -30.83
C ASN F 103 -17.00 -37.70 -29.87
N TYR F 104 -15.79 -37.48 -29.35
CA TYR F 104 -15.18 -38.37 -28.37
C TYR F 104 -15.86 -38.25 -27.00
N GLN F 105 -16.28 -37.03 -26.66
CA GLN F 105 -16.91 -36.80 -25.36
C GLN F 105 -18.42 -36.94 -25.42
N ASN F 106 -18.89 -37.31 -26.62
CA ASN F 106 -20.31 -37.53 -26.94
C ASN F 106 -21.22 -36.30 -26.78
N ILE F 107 -20.73 -35.17 -27.30
CA ILE F 107 -21.51 -33.94 -27.37
C ILE F 107 -21.74 -33.65 -28.84
N GLU F 108 -22.97 -33.33 -29.21
CA GLU F 108 -23.26 -32.99 -30.59
C GLU F 108 -22.68 -31.61 -30.84
N LEU F 109 -22.10 -31.45 -32.02
CA LEU F 109 -21.48 -30.21 -32.40
C LEU F 109 -22.47 -29.08 -32.41
N ILE F 110 -23.68 -29.34 -32.91
CA ILE F 110 -24.67 -28.29 -33.04
C ILE F 110 -25.08 -27.76 -31.65
N THR F 111 -25.18 -28.64 -30.65
CA THR F 111 -25.47 -28.20 -29.28
C THR F 111 -24.48 -27.12 -28.86
N PHE F 112 -23.22 -27.35 -29.22
CA PHE F 112 -22.14 -26.45 -28.87
C PHE F 112 -22.12 -25.18 -29.69
N ILE F 113 -22.29 -25.31 -31.01
CA ILE F 113 -22.33 -24.13 -31.88
C ILE F 113 -23.41 -23.17 -31.42
N ASN F 114 -24.62 -23.68 -31.32
CA ASN F 114 -25.72 -22.90 -30.81
C ASN F 114 -25.36 -22.17 -29.51
N ALA F 115 -25.03 -22.94 -28.48
CA ALA F 115 -24.64 -22.41 -27.18
C ALA F 115 -23.57 -21.30 -27.29
N LEU F 116 -22.58 -21.51 -28.13
CA LEU F 116 -21.53 -20.55 -28.33
C LEU F 116 -22.05 -19.29 -28.95
N LYS F 117 -22.92 -19.45 -29.96
CA LYS F 117 -23.54 -18.35 -30.68
C LYS F 117 -24.21 -17.39 -29.71
N LEU F 118 -24.96 -17.95 -28.77
CA LEU F 118 -25.71 -17.14 -27.83
C LEU F 118 -24.79 -16.63 -26.74
N TRP F 119 -23.70 -17.35 -26.53
CA TRP F 119 -22.72 -17.00 -25.52
C TRP F 119 -21.93 -15.76 -25.97
N LEU F 120 -21.49 -15.78 -27.23
CA LEU F 120 -20.74 -14.66 -27.79
C LEU F 120 -21.56 -13.38 -27.80
N LYS F 121 -22.88 -13.55 -27.74
CA LYS F 121 -23.80 -12.41 -27.71
C LYS F 121 -24.09 -11.94 -26.30
N GLY F 122 -23.57 -12.65 -25.30
CA GLY F 122 -23.78 -12.28 -23.90
C GLY F 122 -25.23 -11.99 -23.57
N ILE F 123 -26.11 -12.84 -24.08
CA ILE F 123 -27.51 -12.85 -23.67
C ILE F 123 -27.60 -13.46 -22.25
N PRO F 124 -28.39 -12.84 -21.36
CA PRO F 124 -28.60 -13.33 -20.01
C PRO F 124 -29.08 -14.77 -19.99
N LYS F 125 -28.61 -15.55 -19.02
CA LYS F 125 -28.89 -16.98 -18.94
C LYS F 125 -28.16 -17.79 -20.00
N LYS F 126 -27.50 -17.11 -20.93
CA LYS F 126 -26.79 -17.79 -22.03
C LYS F 126 -25.32 -17.38 -21.95
N ASN F 127 -24.94 -16.93 -20.78
CA ASN F 127 -23.78 -16.09 -20.59
C ASN F 127 -22.62 -16.87 -19.97
N CYS F 128 -22.86 -18.15 -19.73
CA CYS F 128 -21.98 -18.93 -18.88
C CYS F 128 -22.13 -20.41 -19.15
N LEU F 129 -21.14 -20.96 -19.84
CA LEU F 129 -21.11 -22.37 -20.19
C LEU F 129 -20.15 -23.12 -19.27
N ALA F 130 -20.68 -24.10 -18.54
CA ALA F 130 -19.87 -24.98 -17.70
C ALA F 130 -19.51 -26.26 -18.42
N PHE F 131 -18.29 -26.71 -18.19
CA PHE F 131 -17.79 -27.96 -18.71
C PHE F 131 -17.46 -28.82 -17.50
N ILE F 132 -18.14 -29.96 -17.42
CA ILE F 132 -18.21 -30.69 -16.18
C ILE F 132 -17.91 -32.16 -16.42
N GLY F 133 -17.14 -32.75 -15.51
CA GLY F 133 -16.77 -34.14 -15.58
C GLY F 133 -15.60 -34.45 -14.67
N PRO F 134 -15.27 -35.74 -14.49
CA PRO F 134 -14.26 -36.14 -13.53
C PRO F 134 -12.88 -35.73 -14.02
N PRO F 135 -11.89 -35.64 -13.11
CA PRO F 135 -10.54 -35.18 -13.44
C PRO F 135 -9.99 -35.80 -14.72
N ASN F 136 -9.30 -35.00 -15.53
CA ASN F 136 -8.63 -35.47 -16.74
C ASN F 136 -9.59 -35.94 -17.85
N THR F 137 -10.49 -35.06 -18.25
CA THR F 137 -11.31 -35.27 -19.44
C THR F 137 -11.16 -34.13 -20.45
N GLY F 138 -10.05 -33.40 -20.36
CA GLY F 138 -9.72 -32.36 -21.32
C GLY F 138 -10.54 -31.09 -21.21
N LYS F 139 -11.14 -30.88 -20.04
CA LYS F 139 -11.92 -29.67 -19.80
C LYS F 139 -11.04 -28.44 -19.90
N SER F 140 -9.93 -28.42 -19.15
CA SER F 140 -8.97 -27.31 -19.16
C SER F 140 -8.48 -27.14 -20.58
N MET F 141 -7.91 -28.22 -21.08
CA MET F 141 -7.53 -28.42 -22.46
C MET F 141 -8.39 -27.54 -23.40
N LEU F 142 -9.69 -27.80 -23.47
CA LEU F 142 -10.57 -27.15 -24.44
C LEU F 142 -10.84 -25.66 -24.13
N CYS F 143 -11.15 -25.37 -22.88
CA CYS F 143 -11.51 -24.02 -22.49
C CYS F 143 -10.36 -23.07 -22.62
N ASN F 144 -9.20 -23.50 -22.15
CA ASN F 144 -8.01 -22.68 -22.28
C ASN F 144 -7.74 -22.40 -23.75
N SER F 145 -7.82 -23.42 -24.59
CA SER F 145 -7.58 -23.25 -26.01
C SER F 145 -8.51 -22.19 -26.61
N LEU F 146 -9.79 -22.23 -26.22
CA LEU F 146 -10.77 -21.29 -26.74
C LEU F 146 -10.54 -19.88 -26.23
N ILE F 147 -10.37 -19.74 -24.91
CA ILE F 147 -10.13 -18.46 -24.27
C ILE F 147 -8.86 -17.83 -24.79
N HIS F 148 -7.86 -18.67 -25.05
CA HIS F 148 -6.60 -18.22 -25.64
C HIS F 148 -6.86 -17.65 -27.02
N PHE F 149 -7.45 -18.46 -27.89
CA PHE F 149 -7.81 -17.97 -29.21
C PHE F 149 -8.51 -16.61 -29.12
N LEU F 150 -9.47 -16.51 -28.19
CA LEU F 150 -10.29 -15.34 -28.07
C LEU F 150 -9.58 -14.21 -27.32
N GLY F 151 -8.44 -14.51 -26.72
CA GLY F 151 -7.68 -13.49 -25.98
C GLY F 151 -8.30 -13.11 -24.65
N GLY F 152 -9.14 -13.98 -24.12
CA GLY F 152 -9.79 -13.76 -22.84
C GLY F 152 -8.84 -14.02 -21.68
N SER F 153 -9.35 -13.92 -20.45
CA SER F 153 -8.51 -14.11 -19.27
C SER F 153 -8.93 -15.28 -18.42
N VAL F 154 -8.01 -15.74 -17.60
CA VAL F 154 -8.24 -16.88 -16.74
C VAL F 154 -8.31 -16.41 -15.29
N LEU F 155 -9.34 -16.87 -14.58
CA LEU F 155 -9.52 -16.51 -13.16
C LEU F 155 -9.45 -17.76 -12.29
N SER F 156 -8.79 -17.64 -11.14
CA SER F 156 -8.77 -18.70 -10.17
C SER F 156 -9.41 -18.16 -8.93
N PHE F 157 -10.49 -18.80 -8.53
CA PHE F 157 -11.08 -18.49 -7.25
C PHE F 157 -10.41 -19.38 -6.21
N ALA F 158 -9.55 -18.77 -5.39
CA ALA F 158 -8.86 -19.48 -4.32
C ALA F 158 -9.85 -19.78 -3.18
N ASN F 159 -9.98 -18.82 -2.27
CA ASN F 159 -11.03 -18.81 -1.26
C ASN F 159 -11.32 -17.35 -0.94
N HIS F 160 -11.27 -17.00 0.36
CA HIS F 160 -11.37 -15.60 0.80
C HIS F 160 -10.31 -14.72 0.13
N LYS F 161 -9.03 -15.13 0.22
CA LYS F 161 -7.89 -14.30 -0.25
C LYS F 161 -8.03 -13.79 -1.68
N SER F 162 -8.91 -14.43 -2.44
CA SER F 162 -9.16 -14.12 -3.85
C SER F 162 -9.88 -12.78 -4.08
N HIS F 163 -9.84 -11.88 -3.10
CA HIS F 163 -10.60 -10.62 -3.18
C HIS F 163 -10.64 -9.93 -4.56
N PHE F 164 -9.48 -9.77 -5.20
CA PHE F 164 -9.42 -9.07 -6.48
C PHE F 164 -9.54 -9.98 -7.68
N TRP F 165 -9.95 -11.23 -7.47
CA TRP F 165 -9.87 -12.23 -8.54
C TRP F 165 -10.62 -11.88 -9.81
N LEU F 166 -11.71 -11.13 -9.66
CA LEU F 166 -12.49 -10.75 -10.82
C LEU F 166 -11.91 -9.55 -11.54
N ALA F 167 -10.83 -8.99 -11.01
CA ALA F 167 -10.27 -7.74 -11.53
C ALA F 167 -10.09 -7.66 -13.07
N SER F 168 -9.73 -8.78 -13.70
CA SER F 168 -9.53 -8.82 -15.15
C SER F 168 -10.83 -8.63 -15.93
N LEU F 169 -11.94 -9.13 -15.38
CA LEU F 169 -13.27 -9.00 -16.00
C LEU F 169 -13.55 -7.57 -16.40
N ALA F 170 -12.91 -6.64 -15.69
CA ALA F 170 -13.04 -5.21 -15.97
C ALA F 170 -12.65 -4.84 -17.39
N ASP F 171 -12.08 -5.80 -18.14
CA ASP F 171 -11.30 -5.47 -19.33
C ASP F 171 -11.38 -6.44 -20.53
N THR F 172 -11.54 -7.75 -20.29
CA THR F 172 -11.52 -8.77 -21.37
C THR F 172 -12.83 -8.92 -22.11
N ARG F 173 -12.76 -9.46 -23.33
CA ARG F 173 -13.98 -9.79 -24.07
C ARG F 173 -14.63 -11.09 -23.58
N ALA F 174 -13.83 -11.97 -22.95
CA ALA F 174 -14.31 -13.21 -22.39
C ALA F 174 -13.41 -13.69 -21.26
N ALA F 175 -13.91 -14.61 -20.43
CA ALA F 175 -13.15 -15.10 -19.30
C ALA F 175 -13.46 -16.57 -18.98
N LEU F 176 -12.51 -17.22 -18.32
CA LEU F 176 -12.69 -18.59 -17.89
C LEU F 176 -12.38 -18.73 -16.41
N VAL F 177 -13.31 -19.35 -15.69
CA VAL F 177 -13.05 -19.73 -14.31
C VAL F 177 -12.52 -21.15 -14.32
N ASP F 178 -11.25 -21.26 -13.95
CA ASP F 178 -10.54 -22.52 -13.89
C ASP F 178 -10.89 -23.32 -12.63
N ASP F 179 -11.30 -24.57 -12.83
CA ASP F 179 -11.71 -25.47 -11.76
C ASP F 179 -12.47 -24.78 -10.64
N ALA F 180 -13.77 -24.58 -10.88
CA ALA F 180 -14.66 -24.06 -9.87
C ALA F 180 -14.79 -25.10 -8.79
N THR F 181 -14.42 -24.69 -7.60
CA THR F 181 -14.58 -25.54 -6.44
C THR F 181 -16.01 -25.26 -5.98
N HIS F 182 -16.49 -26.00 -5.01
CA HIS F 182 -17.87 -25.84 -4.54
C HIS F 182 -18.12 -24.41 -4.06
N ALA F 183 -17.18 -23.87 -3.29
CA ALA F 183 -17.26 -22.51 -2.79
C ALA F 183 -17.35 -21.48 -3.92
N CYS F 184 -16.63 -21.74 -5.00
CA CYS F 184 -16.74 -20.92 -6.21
C CYS F 184 -18.17 -20.88 -6.77
N TRP F 185 -18.86 -22.01 -6.73
CA TRP F 185 -20.25 -22.04 -7.19
C TRP F 185 -21.15 -21.26 -6.26
N ARG F 186 -20.89 -21.37 -4.96
CA ARG F 186 -21.65 -20.62 -3.95
C ARG F 186 -21.44 -19.13 -4.13
N TYR F 187 -20.24 -18.77 -4.57
CA TYR F 187 -19.94 -17.38 -4.80
C TYR F 187 -20.81 -16.83 -5.94
N PHE F 188 -20.85 -17.55 -7.06
CA PHE F 188 -21.82 -17.27 -8.13
C PHE F 188 -23.23 -17.19 -7.58
N ASP F 189 -23.67 -18.24 -6.89
CA ASP F 189 -25.01 -18.32 -6.33
C ASP F 189 -25.32 -17.12 -5.47
N THR F 190 -24.34 -16.66 -4.71
CA THR F 190 -24.57 -15.57 -3.77
C THR F 190 -24.40 -14.20 -4.40
N TYR F 191 -23.27 -13.96 -5.08
CA TYR F 191 -22.88 -12.62 -5.48
C TYR F 191 -22.95 -12.31 -6.98
N LEU F 192 -23.16 -13.32 -7.83
CA LEU F 192 -23.01 -13.10 -9.28
C LEU F 192 -24.26 -13.23 -10.17
N ARG F 193 -25.45 -13.30 -9.59
CA ARG F 193 -26.66 -13.47 -10.38
C ARG F 193 -26.87 -12.31 -11.33
N ASN F 194 -26.62 -11.11 -10.84
CA ASN F 194 -26.63 -9.90 -11.65
C ASN F 194 -25.69 -9.96 -12.86
N ALA F 195 -24.47 -10.42 -12.66
CA ALA F 195 -23.57 -10.56 -13.79
C ALA F 195 -24.20 -11.45 -14.87
N LEU F 196 -24.66 -12.63 -14.45
CA LEU F 196 -25.27 -13.61 -15.34
C LEU F 196 -26.55 -13.12 -15.97
N ASP F 197 -27.27 -12.26 -15.26
CA ASP F 197 -28.54 -11.76 -15.75
C ASP F 197 -28.40 -10.50 -16.62
N GLY F 198 -27.17 -10.03 -16.84
CA GLY F 198 -26.93 -8.86 -17.72
C GLY F 198 -26.85 -7.51 -17.04
N TYR F 199 -26.89 -7.52 -15.71
CA TYR F 199 -26.83 -6.30 -14.90
C TYR F 199 -25.41 -5.88 -14.47
N PRO F 200 -25.19 -4.57 -14.29
CA PRO F 200 -23.90 -4.07 -13.85
C PRO F 200 -23.36 -4.69 -12.54
N VAL F 201 -22.04 -4.90 -12.48
CA VAL F 201 -21.40 -5.26 -11.24
C VAL F 201 -20.14 -4.42 -10.98
N SER F 202 -19.93 -4.10 -9.71
CA SER F 202 -18.76 -3.37 -9.28
C SER F 202 -17.60 -4.35 -9.25
N ILE F 203 -16.53 -4.04 -9.98
CA ILE F 203 -15.34 -4.88 -9.99
C ILE F 203 -14.12 -4.17 -9.39
N ASP F 204 -13.67 -4.68 -8.24
CA ASP F 204 -12.60 -4.05 -7.49
C ASP F 204 -11.28 -4.37 -8.15
N ARG F 205 -10.43 -3.35 -8.24
CA ARG F 205 -9.11 -3.46 -8.83
C ARG F 205 -8.05 -3.04 -7.80
N LYS F 206 -6.78 -3.35 -8.08
CA LYS F 206 -5.69 -3.19 -7.11
C LYS F 206 -5.41 -1.75 -6.65
N HIS F 207 -4.62 -1.03 -7.43
CA HIS F 207 -4.33 0.39 -7.14
C HIS F 207 -4.92 1.31 -8.21
N LYS F 208 -6.24 1.21 -8.32
CA LYS F 208 -7.08 2.10 -9.14
C LYS F 208 -8.54 1.96 -8.68
N ALA F 209 -9.41 2.84 -9.19
CA ALA F 209 -10.84 2.85 -8.80
C ALA F 209 -11.59 1.62 -9.31
N ALA F 210 -12.57 1.15 -8.53
CA ALA F 210 -13.45 0.08 -8.97
C ALA F 210 -14.21 0.54 -10.21
N VAL F 211 -14.70 -0.41 -11.00
CA VAL F 211 -15.47 -0.09 -12.20
C VAL F 211 -16.80 -0.84 -12.15
N GLN F 212 -17.80 -0.29 -12.83
CA GLN F 212 -19.06 -1.01 -13.00
C GLN F 212 -19.26 -1.41 -14.44
N ILE F 213 -19.52 -2.69 -14.66
CA ILE F 213 -19.71 -3.22 -16.02
C ILE F 213 -20.56 -4.45 -16.11
N LYS F 214 -21.06 -4.65 -17.32
CA LYS F 214 -21.66 -5.89 -17.78
C LYS F 214 -20.60 -7.01 -17.85
N ALA F 215 -20.89 -8.13 -17.20
CA ALA F 215 -19.98 -9.27 -17.13
C ALA F 215 -19.75 -9.91 -18.50
N PRO F 216 -18.48 -10.07 -18.89
CA PRO F 216 -18.20 -10.76 -20.15
C PRO F 216 -18.67 -12.21 -20.08
N PRO F 217 -18.77 -12.87 -21.24
CA PRO F 217 -19.12 -14.27 -21.29
C PRO F 217 -18.13 -15.14 -20.49
N LEU F 218 -18.65 -16.10 -19.72
CA LEU F 218 -17.86 -16.89 -18.83
C LEU F 218 -17.82 -18.36 -19.23
N LEU F 219 -16.63 -18.92 -19.25
CA LEU F 219 -16.48 -20.36 -19.30
C LEU F 219 -16.15 -20.84 -17.91
N VAL F 220 -16.70 -21.97 -17.52
CA VAL F 220 -16.32 -22.56 -16.23
C VAL F 220 -15.96 -24.03 -16.43
N THR F 221 -14.99 -24.50 -15.67
CA THR F 221 -14.62 -25.90 -15.66
C THR F 221 -14.76 -26.39 -14.23
N SER F 222 -15.35 -27.56 -14.03
CA SER F 222 -15.55 -28.06 -12.67
C SER F 222 -15.79 -29.56 -12.62
N ASN F 223 -15.57 -30.12 -11.43
CA ASN F 223 -15.95 -31.50 -11.17
C ASN F 223 -17.35 -31.56 -10.56
N ILE F 224 -17.95 -30.38 -10.38
CA ILE F 224 -19.23 -30.21 -9.69
C ILE F 224 -20.36 -29.86 -10.67
N ASP F 225 -21.32 -30.78 -10.81
CA ASP F 225 -22.45 -30.60 -11.73
C ASP F 225 -23.56 -29.75 -11.12
N VAL F 226 -23.48 -28.44 -11.33
CA VAL F 226 -24.43 -27.50 -10.73
C VAL F 226 -25.91 -27.80 -11.07
N GLN F 227 -26.17 -28.36 -12.25
CA GLN F 227 -27.53 -28.74 -12.64
C GLN F 227 -28.08 -29.83 -11.70
N ALA F 228 -27.21 -30.70 -11.20
CA ALA F 228 -27.63 -31.80 -10.34
C ALA F 228 -27.91 -31.37 -8.91
N GLU F 229 -27.10 -30.45 -8.40
CA GLU F 229 -27.18 -29.97 -7.02
C GLU F 229 -28.25 -28.89 -6.80
N ASP F 230 -29.31 -29.24 -6.05
CA ASP F 230 -30.42 -28.30 -5.80
C ASP F 230 -30.03 -27.08 -4.98
N ARG F 231 -28.89 -27.14 -4.30
CA ARG F 231 -28.43 -26.03 -3.48
C ARG F 231 -27.86 -24.91 -4.34
N TYR F 232 -27.87 -25.12 -5.65
CA TYR F 232 -27.52 -24.09 -6.61
C TYR F 232 -28.69 -23.87 -7.55
N LEU F 233 -29.89 -24.03 -7.03
CA LEU F 233 -31.10 -24.05 -7.85
C LEU F 233 -31.14 -22.87 -8.79
N TYR F 234 -30.69 -21.72 -8.30
CA TYR F 234 -30.79 -20.48 -9.05
C TYR F 234 -29.83 -20.37 -10.25
N LEU F 235 -28.83 -21.24 -10.31
CA LEU F 235 -27.90 -21.21 -11.44
C LEU F 235 -28.35 -22.11 -12.56
N HIS F 236 -29.29 -23.02 -12.27
CA HIS F 236 -29.73 -24.06 -13.20
C HIS F 236 -30.17 -23.51 -14.54
N SER F 237 -30.93 -22.42 -14.50
CA SER F 237 -31.39 -21.76 -15.73
C SER F 237 -30.37 -20.78 -16.33
N ARG F 238 -29.35 -20.41 -15.53
CA ARG F 238 -28.34 -19.43 -15.93
C ARG F 238 -27.03 -20.01 -16.47
N VAL F 239 -26.75 -21.27 -16.12
CA VAL F 239 -25.54 -21.99 -16.54
C VAL F 239 -25.89 -23.15 -17.46
N GLN F 240 -25.17 -23.28 -18.57
CA GLN F 240 -25.40 -24.39 -19.50
C GLN F 240 -24.26 -25.40 -19.49
N THR F 241 -24.53 -26.61 -18.99
CA THR F 241 -23.47 -27.60 -18.76
C THR F 241 -23.21 -28.49 -19.95
N PHE F 242 -21.93 -28.63 -20.27
CA PHE F 242 -21.44 -29.67 -21.16
C PHE F 242 -20.68 -30.72 -20.35
N ARG F 243 -21.16 -31.97 -20.38
CA ARG F 243 -20.60 -33.07 -19.61
C ARG F 243 -19.51 -33.80 -20.36
N PHE F 244 -18.30 -33.85 -19.78
CA PHE F 244 -17.17 -34.56 -20.36
C PHE F 244 -16.85 -35.82 -19.55
N GLU F 245 -17.16 -36.97 -20.12
CA GLU F 245 -17.05 -38.22 -19.36
C GLU F 245 -15.79 -39.04 -19.62
N GLN F 246 -15.22 -38.90 -20.82
CA GLN F 246 -14.17 -39.79 -21.28
C GLN F 246 -12.79 -39.25 -20.94
N PRO F 247 -11.93 -40.11 -20.32
CA PRO F 247 -10.55 -39.71 -19.98
C PRO F 247 -9.72 -39.66 -21.25
N CYS F 248 -8.75 -38.75 -21.32
CA CYS F 248 -7.90 -38.66 -22.51
C CYS F 248 -6.39 -38.65 -22.27
N THR F 249 -5.83 -39.86 -22.13
CA THR F 249 -4.39 -40.15 -22.17
C THR F 249 -4.24 -41.67 -22.30
N PRO F 256 -4.32 -37.52 -25.90
CA PRO F 256 -3.68 -37.15 -27.19
C PRO F 256 -4.21 -35.83 -27.78
N PHE F 257 -5.51 -35.60 -27.68
CA PHE F 257 -6.20 -34.46 -28.31
C PHE F 257 -5.57 -33.12 -27.95
N ASN F 258 -5.48 -32.23 -28.94
CA ASN F 258 -4.92 -30.91 -28.71
C ASN F 258 -5.44 -29.84 -29.65
N ILE F 259 -6.11 -28.85 -29.07
CA ILE F 259 -6.76 -27.76 -29.80
C ILE F 259 -5.83 -26.56 -29.84
N THR F 260 -5.78 -25.89 -30.98
CA THR F 260 -4.85 -24.78 -31.19
C THR F 260 -5.55 -23.52 -31.70
N ASP F 261 -4.85 -22.40 -31.59
CA ASP F 261 -5.24 -21.15 -32.21
C ASP F 261 -5.60 -21.29 -33.68
N ALA F 262 -4.93 -22.18 -34.38
CA ALA F 262 -5.19 -22.40 -35.79
C ALA F 262 -6.45 -23.24 -35.99
N ASP F 263 -6.70 -24.15 -35.04
CA ASP F 263 -7.91 -24.94 -35.07
C ASP F 263 -9.14 -24.04 -34.88
N TRP F 264 -9.14 -23.22 -33.84
CA TRP F 264 -10.28 -22.33 -33.58
C TRP F 264 -10.52 -21.40 -34.75
N LYS F 265 -9.43 -20.92 -35.36
CA LYS F 265 -9.53 -20.06 -36.53
C LYS F 265 -10.41 -20.72 -37.59
N SER F 266 -10.02 -21.94 -37.99
CA SER F 266 -10.75 -22.73 -38.98
C SER F 266 -12.20 -22.95 -38.56
N PHE F 267 -12.39 -23.26 -37.27
CA PHE F 267 -13.70 -23.46 -36.70
C PHE F 267 -14.56 -22.25 -36.97
N PHE F 268 -14.10 -21.09 -36.51
CA PHE F 268 -14.86 -19.83 -36.63
C PHE F 268 -15.11 -19.43 -38.08
N VAL F 269 -14.10 -19.58 -38.94
CA VAL F 269 -14.24 -19.24 -40.36
C VAL F 269 -15.26 -20.15 -41.05
N ARG F 270 -15.19 -21.43 -40.73
CA ARG F 270 -16.09 -22.44 -41.28
C ARG F 270 -17.53 -22.21 -40.79
N LEU F 271 -17.70 -22.09 -39.48
CA LEU F 271 -19.04 -22.00 -38.91
C LEU F 271 -19.55 -20.56 -38.75
N TRP F 272 -18.89 -19.62 -39.41
CA TRP F 272 -19.16 -18.19 -39.25
C TRP F 272 -20.64 -17.85 -39.39
N GLY F 273 -21.28 -18.37 -40.44
CA GLY F 273 -22.67 -18.05 -40.73
C GLY F 273 -23.56 -18.72 -39.73
N ARG F 274 -23.09 -19.82 -39.17
CA ARG F 274 -23.89 -20.63 -38.26
C ARG F 274 -23.77 -20.14 -36.83
N LEU F 275 -22.81 -19.25 -36.58
CA LEU F 275 -22.61 -18.62 -35.27
C LEU F 275 -23.21 -17.21 -35.23
N ASP F 276 -23.85 -16.83 -36.33
CA ASP F 276 -24.55 -15.55 -36.46
C ASP F 276 -23.66 -14.34 -36.21
N LEU F 277 -22.50 -14.35 -36.82
CA LEU F 277 -21.53 -13.27 -36.67
C LEU F 277 -21.60 -12.27 -37.84
N ILE F 278 -22.47 -12.55 -38.81
CA ILE F 278 -22.74 -11.65 -39.94
C ILE F 278 -22.57 -10.18 -39.53
N ASP F 279 -21.61 -9.49 -40.15
CA ASP F 279 -21.30 -8.09 -39.84
C ASP F 279 -21.93 -7.10 -40.85
#